data_8QYY
#
_entry.id   8QYY
#
_cell.length_a   1.00
_cell.length_b   1.00
_cell.length_c   1.00
_cell.angle_alpha   90.00
_cell.angle_beta   90.00
_cell.angle_gamma   90.00
#
_symmetry.space_group_name_H-M   'P 1'
#
loop_
_entity.id
_entity.type
_entity.pdbx_description
1 polymer 'Anti-phage defense ZorAB system ZorA'
2 polymer 'Membrane protein'
3 non-polymer CARDIOLIPIN
4 non-polymer 'CALCIUM ION'
5 non-polymer 1,2-dioleoyl-sn-glycero-3-phosphoethanolamine
6 water water
#
loop_
_entity_poly.entity_id
_entity_poly.type
_entity_poly.pdbx_seq_one_letter_code
_entity_poly.pdbx_strand_id
1 'polypeptide(L)'
;MSWLNSILVTLTSVEPYKVPVTVIVTVTFAFVCFIFFYLLRSIRIIYGLKKYTRSINSIEKSAPEVQLEHLKSLFQRSEL
KHAWNEFEESLHSQYELENGEEKIVRIRATAPSASFFSEQQLVDIPLNTEFFKHLPGILTGMGIIGTFYGLMIGLNHFDP
STPEQVSSSVNNLLRDVLYAFLGSAFAIFASILVTWLEKLSIAKSYKYLEKFTAALDSLYDSGVGEEYLASLVKSSNESA
TQARHLKESLVTDLRDMLLHLAESQKIENERLANTLSATYRESGSQFADQVSGAIENSLKSPLDKIAGAVQTASGDQSGM
VQNMLQNVLTAFMAKLDTTFGQQFTNLNEMMGQTVGAIQTMQTGFSALLQDMRQVSDDSRQGSAQLIEQLLSEMKSGQQA
LQAGMNDMLTSLQVSVAKIGAEGEGAGERIARQL
;
A,B,C,D,E
2 'polypeptide(L)'
;MFGNAFGVKKRRSDEAEKPFWISYADLMTAMMVLFLVVMVASLSSVTQRIQRAEQGEKARGQDISRLCERLELHARNVNK
NIVVDCHDNRISFGEAGRFAHNQFFLNAEGQKALQDVVPLVLEASNSEEGKKWFKQIVIEGFTDTDGSYLYNLHLSLQRS
EWVMCSLLDSRSPLQKNISAEQQLQIRKLFLAGGVSFNNAKESKEASRRVELRMQFFGLKDKRDKADEVDFPPVVNKEVC
QLVMPL
;
F,G
#
loop_
_chem_comp.id
_chem_comp.type
_chem_comp.name
_chem_comp.formula
CA non-polymer 'CALCIUM ION' 'Ca 2'
CDL non-polymer CARDIOLIPIN 'C81 H156 O17 P2 -2'
PEE non-polymer 1,2-dioleoyl-sn-glycero-3-phosphoethanolamine 'C41 H78 N O8 P'
#
# COMPACT_ATOMS: atom_id res chain seq x y z
N MET A 1 30.03 -13.40 12.54
CA MET A 1 29.79 -13.54 13.98
C MET A 1 29.20 -14.90 14.29
N SER A 2 29.75 -15.56 15.31
CA SER A 2 29.23 -16.85 15.73
C SER A 2 27.82 -16.72 16.31
N TRP A 3 27.56 -15.63 17.04
CA TRP A 3 26.27 -15.46 17.70
C TRP A 3 25.15 -15.36 16.67
N LEU A 4 25.34 -14.55 15.63
CA LEU A 4 24.27 -14.34 14.66
C LEU A 4 24.06 -15.58 13.79
N ASN A 5 25.13 -16.26 13.43
CA ASN A 5 24.99 -17.50 12.66
C ASN A 5 24.30 -18.58 13.50
N SER A 6 24.61 -18.64 14.79
CA SER A 6 23.91 -19.56 15.68
C SER A 6 22.43 -19.20 15.78
N ILE A 7 22.12 -17.91 15.83
CA ILE A 7 20.72 -17.47 15.85
C ILE A 7 20.01 -17.92 14.58
N LEU A 8 20.65 -17.74 13.42
CA LEU A 8 20.03 -18.16 12.17
C LEU A 8 19.82 -19.67 12.11
N VAL A 9 20.83 -20.45 12.50
CA VAL A 9 20.65 -21.89 12.44
C VAL A 9 19.63 -22.37 13.46
N THR A 10 19.45 -21.63 14.56
CA THR A 10 18.40 -21.98 15.51
C THR A 10 17.02 -21.66 14.97
N LEU A 11 16.86 -20.48 14.34
CA LEU A 11 15.55 -20.10 13.80
C LEU A 11 15.16 -20.99 12.63
N THR A 12 16.07 -21.18 11.67
CA THR A 12 15.76 -21.93 10.47
C THR A 12 15.71 -23.43 10.70
N SER A 13 16.13 -23.91 11.88
CA SER A 13 16.08 -25.33 12.17
C SER A 13 14.67 -25.84 12.42
N VAL A 14 13.73 -24.96 12.77
CA VAL A 14 12.37 -25.41 13.03
C VAL A 14 11.76 -25.94 11.74
N GLU A 15 10.90 -26.94 11.88
CA GLU A 15 10.19 -27.46 10.72
C GLU A 15 9.26 -26.38 10.17
N PRO A 16 9.21 -26.21 8.85
CA PRO A 16 8.43 -25.10 8.29
C PRO A 16 6.96 -25.14 8.66
N TYR A 17 6.39 -26.32 8.85
CA TYR A 17 4.97 -26.43 9.16
C TYR A 17 4.63 -25.81 10.52
N LYS A 18 5.59 -25.76 11.44
CA LYS A 18 5.32 -25.19 12.75
C LYS A 18 5.06 -23.69 12.70
N VAL A 19 5.40 -23.03 11.60
CA VAL A 19 5.22 -21.59 11.48
C VAL A 19 3.76 -21.27 11.25
N PRO A 20 3.11 -21.78 10.19
CA PRO A 20 1.66 -21.53 10.06
C PRO A 20 0.88 -22.11 11.21
N VAL A 21 1.31 -23.23 11.78
CA VAL A 21 0.61 -23.79 12.93
C VAL A 21 0.70 -22.85 14.12
N THR A 22 1.88 -22.30 14.38
CA THR A 22 2.02 -21.35 15.49
C THR A 22 1.18 -20.10 15.25
N VAL A 23 1.21 -19.57 14.03
CA VAL A 23 0.43 -18.36 13.75
C VAL A 23 -1.06 -18.64 13.92
N ILE A 24 -1.53 -19.77 13.37
CA ILE A 24 -2.96 -20.10 13.45
C ILE A 24 -3.37 -20.33 14.91
N VAL A 25 -2.55 -21.05 15.68
CA VAL A 25 -2.90 -21.33 17.06
C VAL A 25 -2.96 -20.06 17.88
N THR A 26 -1.94 -19.19 17.76
CA THR A 26 -1.94 -17.98 18.57
C THR A 26 -3.02 -17.01 18.14
N VAL A 27 -3.28 -16.90 16.84
CA VAL A 27 -4.35 -16.03 16.35
C VAL A 27 -5.71 -16.56 16.78
N THR A 28 -5.88 -17.88 16.81
CA THR A 28 -7.12 -18.46 17.31
C THR A 28 -7.28 -18.22 18.80
N PHE A 29 -6.18 -18.27 19.55
CA PHE A 29 -6.24 -17.93 20.97
C PHE A 29 -6.64 -16.48 21.16
N ALA A 30 -6.10 -15.58 20.33
CA ALA A 30 -6.50 -14.17 20.40
C ALA A 30 -7.97 -14.01 20.06
N PHE A 31 -8.46 -14.75 19.07
CA PHE A 31 -9.87 -14.70 18.72
C PHE A 31 -10.75 -15.21 19.85
N VAL A 32 -10.34 -16.29 20.51
CA VAL A 32 -11.11 -16.82 21.63
C VAL A 32 -11.13 -15.83 22.79
N CYS A 33 -9.99 -15.20 23.07
CA CYS A 33 -9.95 -14.17 24.10
C CYS A 33 -10.84 -13.00 23.74
N PHE A 34 -10.86 -12.61 22.46
CA PHE A 34 -11.76 -11.55 22.02
C PHE A 34 -13.22 -11.95 22.24
N ILE A 35 -13.58 -13.19 21.90
CA ILE A 35 -14.95 -13.65 22.08
C ILE A 35 -15.34 -13.61 23.55
N PHE A 36 -14.45 -14.08 24.42
CA PHE A 36 -14.79 -14.20 25.83
C PHE A 36 -14.83 -12.83 26.52
N PHE A 37 -13.84 -11.98 26.26
CA PHE A 37 -13.68 -10.74 27.01
C PHE A 37 -14.37 -9.55 26.36
N TYR A 38 -14.71 -9.63 25.08
CA TYR A 38 -15.34 -8.50 24.40
C TYR A 38 -16.72 -8.83 23.87
N LEU A 39 -16.85 -9.92 23.11
CA LEU A 39 -18.10 -10.17 22.39
C LEU A 39 -19.22 -10.60 23.34
N LEU A 40 -18.98 -11.65 24.11
CA LEU A 40 -20.00 -12.12 25.04
C LEU A 40 -20.29 -11.07 26.11
N ARG A 41 -19.24 -10.36 26.55
CA ARG A 41 -19.44 -9.30 27.52
C ARG A 41 -20.30 -8.19 26.95
N SER A 42 -20.08 -7.81 25.68
CA SER A 42 -20.91 -6.78 25.07
C SER A 42 -22.34 -7.27 24.85
N ILE A 43 -22.53 -8.55 24.55
CA ILE A 43 -23.88 -9.09 24.45
C ILE A 43 -24.60 -8.99 25.79
N ARG A 44 -23.90 -9.33 26.88
CA ARG A 44 -24.49 -9.19 28.20
C ARG A 44 -24.81 -7.75 28.52
N ILE A 45 -23.93 -6.83 28.14
CA ILE A 45 -24.18 -5.40 28.38
C ILE A 45 -25.41 -4.94 27.62
N ILE A 46 -25.54 -5.36 26.36
CA ILE A 46 -26.68 -4.95 25.54
C ILE A 46 -27.97 -5.49 26.13
N TYR A 47 -27.98 -6.76 26.53
CA TYR A 47 -29.18 -7.34 27.14
C TYR A 47 -29.54 -6.62 28.43
N GLY A 48 -28.54 -6.31 29.26
CA GLY A 48 -28.81 -5.57 30.47
C GLY A 48 -29.37 -4.19 30.21
N LEU A 49 -28.82 -3.50 29.21
CA LEU A 49 -29.34 -2.18 28.85
C LEU A 49 -30.78 -2.26 28.39
N LYS A 50 -31.10 -3.27 27.57
CA LYS A 50 -32.48 -3.44 27.12
C LYS A 50 -33.42 -3.72 28.28
N LYS A 51 -32.99 -4.58 29.22
CA LYS A 51 -33.84 -4.90 30.37
C LYS A 51 -34.04 -3.70 31.27
N TYR A 52 -32.97 -2.91 31.49
CA TYR A 52 -33.10 -1.70 32.30
C TYR A 52 -34.00 -0.68 31.62
N THR A 53 -33.89 -0.55 30.30
CA THR A 53 -34.78 0.36 29.58
C THR A 53 -36.23 -0.07 29.71
N ARG A 54 -36.49 -1.38 29.64
CA ARG A 54 -37.85 -1.86 29.85
C ARG A 54 -38.33 -1.55 31.25
N SER A 55 -37.46 -1.71 32.25
CA SER A 55 -37.85 -1.42 33.62
C SER A 55 -38.16 0.06 33.81
N ILE A 56 -37.38 0.94 33.19
CA ILE A 56 -37.59 2.38 33.36
C ILE A 56 -38.89 2.81 32.70
N ASN A 57 -39.22 2.24 31.54
CA ASN A 57 -40.44 2.61 30.85
C ASN A 57 -41.69 2.23 31.64
N SER A 58 -41.57 1.29 32.58
CA SER A 58 -42.73 0.86 33.36
C SER A 58 -43.08 1.84 34.47
N ILE A 59 -42.22 2.79 34.77
CA ILE A 59 -42.48 3.74 35.85
C ILE A 59 -42.59 5.14 35.29
N GLU A 60 -43.01 5.25 34.04
CA GLU A 60 -43.19 6.57 33.43
C GLU A 60 -44.23 7.38 34.17
N LYS A 61 -45.33 6.75 34.56
CA LYS A 61 -46.47 7.44 35.14
C LYS A 61 -46.65 7.13 36.63
N SER A 62 -45.56 7.03 37.37
CA SER A 62 -45.60 6.78 38.81
C SER A 62 -45.23 8.05 39.57
N ALA A 63 -45.42 8.00 40.88
CA ALA A 63 -45.05 9.11 41.75
C ALA A 63 -43.53 9.27 41.76
N PRO A 64 -43.04 10.52 41.94
CA PRO A 64 -41.58 10.70 41.93
C PRO A 64 -40.85 9.91 43.00
N GLU A 65 -41.44 9.77 44.19
CA GLU A 65 -40.80 8.97 45.24
C GLU A 65 -40.81 7.49 44.88
N VAL A 66 -41.93 7.00 44.33
CA VAL A 66 -42.01 5.61 43.90
C VAL A 66 -41.02 5.36 42.76
N GLN A 67 -40.95 6.28 41.80
CA GLN A 67 -39.96 6.16 40.73
C GLN A 67 -38.55 6.10 41.29
N LEU A 68 -38.25 6.98 42.25
CA LEU A 68 -36.91 7.01 42.82
C LEU A 68 -36.57 5.72 43.53
N GLU A 69 -37.51 5.19 44.32
CA GLU A 69 -37.26 3.92 45.01
C GLU A 69 -37.09 2.78 44.03
N HIS A 70 -37.92 2.73 42.99
CA HIS A 70 -37.81 1.67 41.99
C HIS A 70 -36.47 1.73 41.28
N LEU A 71 -36.00 2.93 40.95
CA LEU A 71 -34.72 3.06 40.27
C LEU A 71 -33.55 2.71 41.20
N LYS A 72 -33.65 3.10 42.47
CA LYS A 72 -32.60 2.74 43.43
C LYS A 72 -32.50 1.22 43.58
N SER A 73 -33.65 0.55 43.67
CA SER A 73 -33.64 -0.90 43.76
C SER A 73 -33.24 -1.57 42.45
N LEU A 74 -33.44 -0.89 41.32
CA LEU A 74 -33.14 -1.48 40.02
C LEU A 74 -31.63 -1.54 39.75
N PHE A 75 -30.92 -0.46 40.07
CA PHE A 75 -29.49 -0.35 39.74
C PHE A 75 -28.67 -0.91 40.88
N GLN A 76 -28.05 -2.07 40.67
CA GLN A 76 -27.24 -2.72 41.70
C GLN A 76 -25.89 -3.21 41.23
N ARG A 77 -25.67 -3.39 39.93
CA ARG A 77 -24.33 -3.68 39.43
C ARG A 77 -23.43 -2.48 39.70
N SER A 78 -22.14 -2.75 39.93
CA SER A 78 -21.26 -1.75 40.55
C SER A 78 -21.22 -0.45 39.76
N GLU A 79 -20.93 -0.53 38.45
CA GLU A 79 -20.73 0.70 37.68
C GLU A 79 -22.04 1.45 37.49
N LEU A 80 -23.15 0.73 37.24
CA LEU A 80 -24.45 1.41 37.19
C LEU A 80 -24.95 1.81 38.57
N LYS A 81 -24.55 1.11 39.64
CA LYS A 81 -24.88 1.60 40.98
C LYS A 81 -24.23 2.96 41.24
N HIS A 82 -22.94 3.09 40.90
CA HIS A 82 -22.28 4.38 41.05
C HIS A 82 -22.88 5.42 40.12
N ALA A 83 -23.17 5.03 38.88
CA ALA A 83 -23.75 5.97 37.93
C ALA A 83 -25.10 6.47 38.41
N TRP A 84 -25.93 5.58 38.96
CA TRP A 84 -27.23 5.98 39.48
C TRP A 84 -27.09 6.86 40.70
N ASN A 85 -26.14 6.57 41.59
CA ASN A 85 -25.94 7.43 42.75
C ASN A 85 -25.58 8.84 42.32
N GLU A 86 -24.65 8.97 41.36
CA GLU A 86 -24.26 10.29 40.88
C GLU A 86 -25.42 10.98 40.17
N PHE A 87 -26.18 10.24 39.36
CA PHE A 87 -27.31 10.83 38.66
C PHE A 87 -28.38 11.31 39.64
N GLU A 88 -28.66 10.52 40.68
CA GLU A 88 -29.61 10.93 41.70
C GLU A 88 -29.11 12.15 42.47
N GLU A 89 -27.79 12.28 42.62
CA GLU A 89 -27.25 13.52 43.15
C GLU A 89 -27.55 14.69 42.21
N SER A 90 -27.50 14.44 40.89
CA SER A 90 -27.79 15.52 39.96
C SER A 90 -29.25 15.95 40.00
N LEU A 91 -30.16 15.03 40.30
CA LEU A 91 -31.58 15.36 40.33
C LEU A 91 -31.91 16.30 41.48
N HIS A 92 -32.79 17.26 41.21
CA HIS A 92 -33.20 18.26 42.17
C HIS A 92 -34.64 17.99 42.58
N SER A 93 -34.85 17.80 43.88
CA SER A 93 -36.18 17.53 44.41
C SER A 93 -36.82 18.82 44.86
N GLN A 94 -37.98 19.12 44.30
CA GLN A 94 -38.74 20.31 44.68
C GLN A 94 -39.74 19.93 45.77
N TYR A 95 -39.66 20.61 46.91
CA TYR A 95 -40.51 20.32 48.05
C TYR A 95 -41.60 21.38 48.18
N GLU A 96 -42.78 20.95 48.60
CA GLU A 96 -43.87 21.86 48.96
C GLU A 96 -44.42 21.47 50.32
N LEU A 97 -44.84 22.46 51.08
CA LEU A 97 -45.42 22.23 52.40
C LEU A 97 -46.87 21.83 52.23
N GLU A 98 -47.16 20.53 52.39
CA GLU A 98 -48.51 20.01 52.22
C GLU A 98 -48.88 19.21 53.46
N ASN A 99 -50.03 19.55 54.06
CA ASN A 99 -50.54 18.89 55.26
C ASN A 99 -49.52 18.97 56.40
N GLY A 100 -48.87 20.12 56.54
CA GLY A 100 -47.95 20.34 57.64
C GLY A 100 -46.59 19.69 57.50
N GLU A 101 -46.29 19.10 56.35
CA GLU A 101 -45.02 18.43 56.14
C GLU A 101 -44.49 18.77 54.75
N GLU A 102 -43.16 18.64 54.60
CA GLU A 102 -42.51 18.83 53.32
C GLU A 102 -42.57 17.54 52.51
N LYS A 103 -43.09 17.63 51.29
CA LYS A 103 -43.22 16.47 50.42
C LYS A 103 -42.62 16.80 49.06
N ILE A 104 -42.02 15.80 48.43
CA ILE A 104 -41.48 15.95 47.09
C ILE A 104 -42.66 15.98 46.11
N VAL A 105 -42.88 17.13 45.49
CA VAL A 105 -43.94 17.26 44.49
C VAL A 105 -43.42 17.06 43.07
N ARG A 106 -42.12 17.22 42.84
CA ARG A 106 -41.57 17.10 41.50
C ARG A 106 -40.06 16.95 41.63
N ILE A 107 -39.49 16.09 40.80
CA ILE A 107 -38.04 15.90 40.74
C ILE A 107 -37.56 16.44 39.41
N ARG A 108 -36.58 17.33 39.46
CA ARG A 108 -36.11 18.04 38.28
C ARG A 108 -34.71 17.59 37.92
N ALA A 109 -34.44 17.51 36.62
CA ALA A 109 -33.12 17.16 36.11
C ALA A 109 -32.26 18.40 36.00
N THR A 110 -30.99 18.27 36.37
CA THR A 110 -30.01 19.34 36.20
C THR A 110 -28.93 19.00 35.20
N ALA A 111 -28.70 17.72 34.92
CA ALA A 111 -27.71 17.27 33.96
C ALA A 111 -28.31 16.11 33.18
N PRO A 112 -27.85 15.88 31.95
CA PRO A 112 -28.34 14.73 31.19
C PRO A 112 -27.94 13.42 31.84
N SER A 113 -28.76 12.39 31.60
CA SER A 113 -28.46 11.08 32.15
C SER A 113 -27.18 10.49 31.55
N ALA A 114 -26.83 10.90 30.33
CA ALA A 114 -25.60 10.44 29.71
C ALA A 114 -24.36 10.95 30.40
N SER A 115 -24.48 12.00 31.20
CA SER A 115 -23.33 12.55 31.92
C SER A 115 -22.80 11.59 32.97
N PHE A 116 -23.62 10.64 33.42
CA PHE A 116 -23.24 9.66 34.42
C PHE A 116 -23.31 8.24 33.91
N PHE A 117 -24.30 7.93 33.08
CA PHE A 117 -24.34 6.66 32.36
C PHE A 117 -23.64 6.82 31.00
N SER A 118 -22.38 7.23 31.09
CA SER A 118 -21.60 7.60 29.91
C SER A 118 -21.22 6.36 29.11
N GLU A 119 -20.90 6.61 27.83
CA GLU A 119 -20.42 5.53 26.97
C GLU A 119 -19.13 4.94 27.51
N GLN A 120 -18.23 5.78 28.01
CA GLN A 120 -16.96 5.29 28.55
C GLN A 120 -17.20 4.31 29.68
N GLN A 121 -17.78 4.78 30.79
CA GLN A 121 -17.86 3.98 32.01
C GLN A 121 -18.66 2.70 31.81
N LEU A 122 -19.73 2.76 31.02
CA LEU A 122 -20.62 1.61 30.87
C LEU A 122 -20.30 0.71 29.69
N VAL A 123 -19.49 1.15 28.73
CA VAL A 123 -19.21 0.32 27.58
C VAL A 123 -17.71 0.15 27.35
N ASP A 124 -16.98 1.27 27.29
CA ASP A 124 -15.62 1.22 26.77
C ASP A 124 -14.66 0.61 27.77
N ILE A 125 -14.84 0.89 29.06
CA ILE A 125 -13.96 0.34 30.09
C ILE A 125 -14.31 -1.11 30.39
N PRO A 126 -15.59 -1.48 30.59
CA PRO A 126 -15.89 -2.90 30.79
C PRO A 126 -15.50 -3.77 29.62
N LEU A 127 -15.54 -3.26 28.40
CA LEU A 127 -15.17 -4.05 27.23
C LEU A 127 -13.70 -3.93 26.85
N ASN A 128 -12.94 -3.08 27.54
CA ASN A 128 -11.52 -2.85 27.25
C ASN A 128 -11.32 -2.46 25.80
N THR A 129 -12.11 -1.50 25.33
CA THR A 129 -12.01 -1.06 23.94
C THR A 129 -10.68 -0.38 23.65
N GLU A 130 -10.04 0.22 24.65
CA GLU A 130 -8.73 0.83 24.44
C GLU A 130 -7.70 -0.20 24.01
N PHE A 131 -7.93 -1.48 24.30
CA PHE A 131 -7.06 -2.56 23.83
C PHE A 131 -7.61 -3.25 22.60
N PHE A 132 -8.90 -3.58 22.59
CA PHE A 132 -9.45 -4.43 21.54
C PHE A 132 -9.60 -3.74 20.21
N LYS A 133 -9.68 -2.41 20.16
CA LYS A 133 -9.69 -1.75 18.86
C LYS A 133 -8.36 -1.89 18.13
N HIS A 134 -7.31 -2.30 18.82
CA HIS A 134 -5.99 -2.53 18.24
C HIS A 134 -5.69 -3.99 18.00
N LEU A 135 -6.59 -4.89 18.41
CA LEU A 135 -6.37 -6.31 18.20
C LEU A 135 -6.27 -6.70 16.73
N PRO A 136 -7.11 -6.20 15.81
CA PRO A 136 -6.93 -6.58 14.40
C PRO A 136 -5.55 -6.22 13.85
N GLY A 137 -5.01 -5.08 14.24
CA GLY A 137 -3.66 -4.73 13.82
C GLY A 137 -2.63 -5.72 14.36
N ILE A 138 -2.80 -6.15 15.60
CA ILE A 138 -1.89 -7.14 16.17
C ILE A 138 -1.98 -8.45 15.40
N LEU A 139 -3.20 -8.88 15.05
CA LEU A 139 -3.36 -10.12 14.28
C LEU A 139 -2.71 -10.02 12.91
N THR A 140 -2.93 -8.91 12.22
CA THR A 140 -2.31 -8.73 10.91
C THR A 140 -0.79 -8.72 11.02
N GLY A 141 -0.26 -8.07 12.06
CA GLY A 141 1.18 -8.06 12.26
C GLY A 141 1.74 -9.44 12.58
N MET A 142 0.99 -10.25 13.31
CA MET A 142 1.38 -11.63 13.58
C MET A 142 1.44 -12.44 12.29
N GLY A 143 0.46 -12.25 11.41
CA GLY A 143 0.53 -12.86 10.10
C GLY A 143 1.75 -12.42 9.33
N ILE A 144 2.11 -11.14 9.44
CA ILE A 144 3.29 -10.63 8.76
C ILE A 144 4.56 -11.25 9.32
N ILE A 145 4.63 -11.42 10.64
CA ILE A 145 5.78 -12.09 11.25
C ILE A 145 5.90 -13.52 10.74
N GLY A 146 4.77 -14.21 10.67
CA GLY A 146 4.78 -15.55 10.09
C GLY A 146 5.26 -15.56 8.65
N THR A 147 4.86 -14.53 7.88
CA THR A 147 5.29 -14.44 6.49
C THR A 147 6.80 -14.29 6.37
N PHE A 148 7.38 -13.31 7.07
CA PHE A 148 8.83 -13.18 7.07
C PHE A 148 9.53 -14.46 7.52
N TYR A 149 9.05 -15.09 8.60
CA TYR A 149 9.84 -16.17 9.15
C TYR A 149 9.73 -17.39 8.25
N GLY A 150 8.57 -17.58 7.60
CA GLY A 150 8.43 -18.64 6.63
C GLY A 150 9.28 -18.44 5.38
N LEU A 151 9.31 -17.22 4.84
CA LEU A 151 10.20 -16.97 3.71
C LEU A 151 11.67 -17.07 4.11
N MET A 152 12.01 -16.75 5.35
CA MET A 152 13.38 -16.99 5.82
C MET A 152 13.72 -18.46 5.79
N ILE A 153 12.80 -19.30 6.26
CA ILE A 153 13.01 -20.75 6.19
C ILE A 153 13.16 -21.20 4.73
N GLY A 154 12.28 -20.70 3.85
CA GLY A 154 12.35 -21.09 2.45
C GLY A 154 13.64 -20.68 1.77
N LEU A 155 14.09 -19.46 2.04
CA LEU A 155 15.35 -18.98 1.47
C LEU A 155 16.54 -19.74 2.05
N ASN A 156 16.42 -20.16 3.31
CA ASN A 156 17.48 -20.95 3.92
C ASN A 156 17.63 -22.30 3.23
N HIS A 157 16.51 -22.99 2.97
CA HIS A 157 16.62 -24.29 2.30
C HIS A 157 17.12 -24.15 0.86
N PHE A 158 16.86 -23.02 0.20
CA PHE A 158 17.26 -22.90 -1.20
C PHE A 158 18.77 -22.71 -1.27
N ASP A 159 19.48 -23.81 -1.48
CA ASP A 159 20.92 -23.80 -1.67
C ASP A 159 21.30 -25.11 -2.38
N PRO A 160 20.93 -25.24 -3.65
CA PRO A 160 21.10 -26.54 -4.32
C PRO A 160 22.54 -26.90 -4.63
N SER A 161 23.31 -25.96 -5.18
CA SER A 161 24.71 -26.14 -5.52
C SER A 161 24.96 -27.32 -6.47
N THR A 162 23.92 -27.82 -7.12
CA THR A 162 24.02 -28.96 -8.01
C THR A 162 22.79 -29.01 -8.91
N PRO A 163 22.96 -29.14 -10.22
CA PRO A 163 21.78 -29.16 -11.13
C PRO A 163 20.80 -30.29 -10.83
N GLU A 164 21.28 -31.42 -10.31
CA GLU A 164 20.39 -32.54 -10.05
C GLU A 164 19.38 -32.22 -8.95
N GLN A 165 19.81 -31.51 -7.91
CA GLN A 165 18.99 -31.26 -6.73
C GLN A 165 18.34 -29.87 -6.76
N VAL A 166 18.26 -29.23 -7.92
CA VAL A 166 17.55 -27.96 -8.01
C VAL A 166 16.05 -28.16 -7.82
N SER A 167 15.50 -29.27 -8.32
CA SER A 167 14.07 -29.53 -8.19
C SER A 167 13.66 -29.61 -6.72
N SER A 168 14.46 -30.28 -5.90
CA SER A 168 14.15 -30.40 -4.48
C SER A 168 14.17 -29.03 -3.80
N SER A 169 15.14 -28.19 -4.13
CA SER A 169 15.20 -26.86 -3.54
C SER A 169 13.99 -26.03 -3.91
N VAL A 170 13.57 -26.10 -5.18
CA VAL A 170 12.40 -25.35 -5.62
C VAL A 170 11.15 -25.87 -4.91
N ASN A 171 11.02 -27.19 -4.78
CA ASN A 171 9.86 -27.76 -4.10
C ASN A 171 9.79 -27.31 -2.65
N ASN A 172 10.94 -27.34 -1.95
CA ASN A 172 10.97 -26.91 -0.57
C ASN A 172 10.63 -25.43 -0.44
N LEU A 173 11.13 -24.61 -1.38
CA LEU A 173 10.81 -23.18 -1.34
C LEU A 173 9.32 -22.95 -1.53
N LEU A 174 8.71 -23.66 -2.49
CA LEU A 174 7.27 -23.52 -2.70
C LEU A 174 6.49 -23.96 -1.47
N ARG A 175 6.91 -25.06 -0.83
N ARG A 175 6.91 -25.06 -0.83
CA ARG A 175 6.24 -25.52 0.38
CA ARG A 175 6.21 -25.51 0.37
C ARG A 175 6.30 -24.49 1.49
N ASP A 176 7.49 -23.93 1.72
CA ASP A 176 7.65 -22.95 2.80
C ASP A 176 6.85 -21.69 2.52
N VAL A 177 6.86 -21.23 1.26
CA VAL A 177 6.05 -20.07 0.91
C VAL A 177 4.56 -20.35 1.09
N LEU A 178 4.13 -21.56 0.73
CA LEU A 178 2.73 -21.93 0.92
C LEU A 178 2.35 -21.87 2.39
N TYR A 179 3.23 -22.37 3.26
CA TYR A 179 2.98 -22.30 4.70
C TYR A 179 2.85 -20.85 5.17
N ALA A 180 3.80 -20.00 4.72
CA ALA A 180 3.78 -18.61 5.14
C ALA A 180 2.51 -17.90 4.71
N PHE A 181 2.06 -18.14 3.48
CA PHE A 181 0.86 -17.47 3.01
C PHE A 181 -0.40 -18.04 3.63
N LEU A 182 -0.41 -19.32 3.95
CA LEU A 182 -1.56 -19.86 4.70
C LEU A 182 -1.68 -19.15 6.04
N GLY A 183 -0.57 -19.01 6.75
CA GLY A 183 -0.61 -18.29 8.03
C GLY A 183 -1.06 -16.86 7.87
N SER A 184 -0.51 -16.15 6.88
CA SER A 184 -0.86 -14.75 6.69
C SER A 184 -2.33 -14.57 6.31
N ALA A 185 -2.84 -15.44 5.44
CA ALA A 185 -4.24 -15.35 5.03
C ALA A 185 -5.17 -15.65 6.20
N PHE A 186 -4.84 -16.66 7.02
CA PHE A 186 -5.66 -16.92 8.20
C PHE A 186 -5.64 -15.74 9.16
N ALA A 187 -4.48 -15.13 9.37
CA ALA A 187 -4.39 -13.98 10.27
C ALA A 187 -5.21 -12.82 9.76
N ILE A 188 -5.16 -12.55 8.46
CA ILE A 188 -5.94 -11.45 7.89
C ILE A 188 -7.44 -11.74 7.99
N PHE A 189 -7.83 -12.99 7.74
CA PHE A 189 -9.24 -13.37 7.86
C PHE A 189 -9.73 -13.16 9.30
N ALA A 190 -8.92 -13.59 10.27
CA ALA A 190 -9.31 -13.41 11.66
C ALA A 190 -9.35 -11.93 12.04
N SER A 191 -8.43 -11.13 11.50
CA SER A 191 -8.44 -9.70 11.81
C SER A 191 -9.69 -9.02 11.28
N ILE A 192 -10.09 -9.33 10.04
CA ILE A 192 -11.29 -8.68 9.52
C ILE A 192 -12.53 -9.22 10.23
N LEU A 193 -12.54 -10.49 10.64
CA LEU A 193 -13.66 -11.02 11.41
C LEU A 193 -13.78 -10.33 12.76
N VAL A 194 -12.64 -10.14 13.44
CA VAL A 194 -12.65 -9.42 14.71
C VAL A 194 -13.11 -7.99 14.52
N THR A 195 -12.66 -7.33 13.45
CA THR A 195 -13.10 -5.98 13.17
C THR A 195 -14.61 -5.92 12.99
N TRP A 196 -15.16 -6.83 12.18
CA TRP A 196 -16.60 -6.90 12.00
C TRP A 196 -17.31 -7.05 13.35
N LEU A 197 -16.90 -8.03 14.15
CA LEU A 197 -17.61 -8.34 15.38
C LEU A 197 -17.52 -7.18 16.36
N GLU A 198 -16.33 -6.62 16.53
CA GLU A 198 -16.16 -5.58 17.55
C GLU A 198 -16.87 -4.30 17.14
N LYS A 199 -16.81 -3.91 15.86
CA LYS A 199 -17.45 -2.68 15.46
C LYS A 199 -18.98 -2.81 15.48
N LEU A 200 -19.49 -3.96 15.07
CA LEU A 200 -20.94 -4.18 15.17
C LEU A 200 -21.39 -4.17 16.62
N SER A 201 -20.64 -4.82 17.51
CA SER A 201 -21.00 -4.86 18.91
C SER A 201 -20.94 -3.47 19.54
N ILE A 202 -19.91 -2.68 19.21
CA ILE A 202 -19.78 -1.37 19.82
C ILE A 202 -20.89 -0.44 19.31
N ALA A 203 -21.26 -0.57 18.04
CA ALA A 203 -22.36 0.22 17.50
C ALA A 203 -23.66 -0.13 18.22
N LYS A 204 -23.93 -1.43 18.42
CA LYS A 204 -25.15 -1.82 19.10
C LYS A 204 -25.15 -1.38 20.55
N SER A 205 -23.99 -1.46 21.21
CA SER A 205 -23.88 -1.01 22.60
C SER A 205 -24.17 0.48 22.71
N TYR A 206 -23.62 1.28 21.81
CA TYR A 206 -23.88 2.71 21.84
C TYR A 206 -25.35 3.00 21.56
N LYS A 207 -25.95 2.26 20.64
CA LYS A 207 -27.37 2.47 20.30
C LYS A 207 -28.27 2.18 21.50
N TYR A 208 -28.04 1.05 22.17
CA TYR A 208 -28.91 0.69 23.27
C TYR A 208 -28.60 1.47 24.54
N LEU A 209 -27.36 1.90 24.74
CA LEU A 209 -27.07 2.83 25.82
C LEU A 209 -27.74 4.17 25.58
N GLU A 210 -27.79 4.61 24.32
CA GLU A 210 -28.54 5.81 23.99
C GLU A 210 -30.02 5.66 24.33
N LYS A 211 -30.61 4.51 23.98
CA LYS A 211 -32.00 4.28 24.34
C LYS A 211 -32.19 4.29 25.85
N PHE A 212 -31.27 3.68 26.59
CA PHE A 212 -31.37 3.63 28.05
C PHE A 212 -31.32 5.03 28.65
N THR A 213 -30.35 5.84 28.22
CA THR A 213 -30.24 7.20 28.76
C THR A 213 -31.40 8.08 28.32
N ALA A 214 -31.96 7.84 27.13
CA ALA A 214 -33.14 8.57 26.72
C ALA A 214 -34.35 8.19 27.57
N ALA A 215 -34.46 6.92 27.93
CA ALA A 215 -35.53 6.50 28.84
C ALA A 215 -35.37 7.16 30.20
N LEU A 216 -34.14 7.24 30.71
CA LEU A 216 -33.91 7.91 31.98
C LEU A 216 -34.16 9.41 31.89
N ASP A 217 -33.80 10.03 30.77
CA ASP A 217 -33.95 11.48 30.63
C ASP A 217 -35.41 11.91 30.53
N SER A 218 -36.30 11.01 30.14
CA SER A 218 -37.70 11.36 29.99
C SER A 218 -38.45 11.38 31.31
N LEU A 219 -37.86 10.83 32.38
CA LEU A 219 -38.52 10.85 33.68
C LEU A 219 -38.58 12.26 34.25
N TYR A 220 -37.49 13.03 34.11
CA TYR A 220 -37.31 14.27 34.83
C TYR A 220 -37.13 15.43 33.87
N ASP A 221 -37.75 16.56 34.21
CA ASP A 221 -37.71 17.75 33.39
C ASP A 221 -36.61 18.68 33.88
N SER A 222 -35.98 19.39 32.94
CA SER A 222 -34.87 20.27 33.23
C SER A 222 -35.32 21.72 33.27
N GLY A 223 -34.35 22.63 33.38
CA GLY A 223 -34.66 24.05 33.36
C GLY A 223 -35.20 24.61 34.65
N VAL A 224 -34.74 24.13 35.79
CA VAL A 224 -35.26 24.60 37.07
C VAL A 224 -34.51 25.84 37.58
N GLY A 225 -33.23 25.99 37.24
CA GLY A 225 -32.50 27.17 37.66
C GLY A 225 -33.03 28.44 37.03
N GLU A 226 -33.41 28.37 35.76
CA GLU A 226 -34.02 29.51 35.09
C GLU A 226 -35.35 29.87 35.72
N GLU A 227 -36.15 28.85 36.09
CA GLU A 227 -37.40 29.12 36.77
C GLU A 227 -37.17 29.78 38.13
N TYR A 228 -36.14 29.35 38.85
CA TYR A 228 -35.80 29.98 40.12
C TYR A 228 -35.38 31.43 39.92
N LEU A 229 -34.59 31.71 38.88
CA LEU A 229 -34.19 33.08 38.59
C LEU A 229 -35.39 33.94 38.24
N ALA A 230 -36.32 33.39 37.45
CA ALA A 230 -37.53 34.13 37.10
C ALA A 230 -38.37 34.42 38.33
N SER A 231 -38.48 33.44 39.23
CA SER A 231 -39.20 33.65 40.48
C SER A 231 -38.54 34.74 41.30
N LEU A 232 -37.21 34.76 41.34
CA LEU A 232 -36.51 35.79 42.10
C LEU A 232 -36.73 37.17 41.52
N VAL A 233 -36.71 37.30 40.19
CA VAL A 233 -36.92 38.59 39.56
C VAL A 233 -38.33 39.09 39.82
N LYS A 234 -39.33 38.22 39.65
CA LYS A 234 -40.71 38.59 39.94
C LYS A 234 -40.86 38.96 41.41
N SER A 235 -40.19 38.22 42.30
CA SER A 235 -40.27 38.51 43.73
C SER A 235 -39.71 39.89 44.03
N SER A 236 -38.59 40.26 43.39
CA SER A 236 -38.02 41.59 43.61
C SER A 236 -38.97 42.69 43.16
N ASN A 237 -39.59 42.53 41.98
CA ASN A 237 -40.51 43.55 41.51
C ASN A 237 -41.72 43.68 42.43
N GLU A 238 -42.37 42.56 42.75
CA GLU A 238 -43.50 42.61 43.66
C GLU A 238 -43.09 43.05 45.05
N SER A 239 -41.81 42.87 45.42
CA SER A 239 -41.35 43.32 46.72
C SER A 239 -41.29 44.84 46.78
N ALA A 240 -40.77 45.48 45.72
CA ALA A 240 -40.81 46.93 45.68
C ALA A 240 -42.24 47.45 45.71
N THR A 241 -43.12 46.82 44.91
CA THR A 241 -44.52 47.23 44.88
C THR A 241 -45.19 47.08 46.25
N GLN A 242 -44.97 45.94 46.89
CA GLN A 242 -45.56 45.70 48.20
C GLN A 242 -45.00 46.65 49.24
N ALA A 243 -43.72 47.02 49.12
CA ALA A 243 -43.14 47.98 50.05
C ALA A 243 -43.84 49.33 49.94
N ARG A 244 -44.06 49.82 48.72
CA ARG A 244 -44.71 51.12 48.59
C ARG A 244 -46.15 51.06 49.11
N HIS A 245 -46.87 49.98 48.80
CA HIS A 245 -48.24 49.87 49.30
C HIS A 245 -48.29 49.73 50.83
N MET B 1 26.75 11.64 -8.84
CA MET B 1 28.12 11.96 -9.24
C MET B 1 29.04 10.80 -8.90
N SER B 2 30.33 11.09 -8.76
CA SER B 2 31.24 10.14 -8.13
C SER B 2 31.04 10.09 -6.62
N TRP B 3 30.41 11.11 -6.05
CA TRP B 3 30.07 11.09 -4.63
C TRP B 3 29.13 9.93 -4.31
N LEU B 4 28.10 9.74 -5.13
CA LEU B 4 27.13 8.68 -4.89
C LEU B 4 27.79 7.31 -4.99
N ASN B 5 28.62 7.10 -6.00
CA ASN B 5 29.32 5.83 -6.14
C ASN B 5 30.29 5.61 -4.99
N SER B 6 30.96 6.67 -4.55
CA SER B 6 31.90 6.55 -3.43
C SER B 6 31.17 6.15 -2.15
N ILE B 7 30.04 6.79 -1.86
CA ILE B 7 29.33 6.43 -0.64
C ILE B 7 28.74 5.03 -0.76
N LEU B 8 28.25 4.65 -1.94
CA LEU B 8 27.73 3.30 -2.11
C LEU B 8 28.82 2.26 -1.91
N VAL B 9 30.05 2.56 -2.35
CA VAL B 9 31.17 1.68 -2.04
C VAL B 9 31.41 1.65 -0.53
N THR B 10 31.27 2.81 0.13
CA THR B 10 31.50 2.87 1.56
C THR B 10 30.45 2.06 2.34
N LEU B 11 29.16 2.29 2.05
CA LEU B 11 28.11 1.62 2.83
C LEU B 11 28.09 0.13 2.57
N THR B 12 28.12 -0.28 1.30
CA THR B 12 27.99 -1.69 0.97
C THR B 12 29.26 -2.49 1.21
N SER B 13 30.23 -1.92 1.92
CA SER B 13 31.48 -2.61 2.21
C SER B 13 31.44 -3.41 3.50
N VAL B 14 30.44 -3.17 4.36
CA VAL B 14 30.38 -3.86 5.64
C VAL B 14 29.92 -5.30 5.44
N GLU B 15 30.27 -6.15 6.40
CA GLU B 15 29.88 -7.54 6.32
C GLU B 15 28.38 -7.69 6.51
N PRO B 16 27.74 -8.62 5.80
CA PRO B 16 26.27 -8.73 5.88
C PRO B 16 25.76 -9.04 7.28
N TYR B 17 26.55 -9.69 8.13
CA TYR B 17 26.08 -10.02 9.46
C TYR B 17 25.98 -8.80 10.38
N LYS B 18 26.75 -7.75 10.11
CA LYS B 18 26.76 -6.60 11.01
C LYS B 18 25.45 -5.84 11.01
N VAL B 19 24.60 -6.04 10.00
CA VAL B 19 23.36 -5.28 9.87
C VAL B 19 22.25 -5.89 10.73
N PRO B 20 21.99 -7.20 10.68
CA PRO B 20 20.99 -7.75 11.60
C PRO B 20 21.39 -7.57 13.05
N VAL B 21 22.67 -7.63 13.37
CA VAL B 21 23.12 -7.41 14.74
C VAL B 21 22.79 -5.99 15.18
N THR B 22 23.06 -5.00 14.32
CA THR B 22 22.75 -3.63 14.65
C THR B 22 21.24 -3.42 14.82
N VAL B 23 20.44 -4.00 13.93
CA VAL B 23 18.99 -3.87 14.04
C VAL B 23 18.50 -4.49 15.34
N ILE B 24 18.98 -5.69 15.65
CA ILE B 24 18.55 -6.38 16.87
C ILE B 24 18.95 -5.57 18.10
N VAL B 25 20.17 -5.04 18.11
CA VAL B 25 20.66 -4.30 19.27
C VAL B 25 19.84 -3.03 19.48
N THR B 26 19.63 -2.26 18.41
CA THR B 26 18.90 -1.00 18.56
C THR B 26 17.43 -1.25 18.91
N VAL B 27 16.81 -2.26 18.31
CA VAL B 27 15.42 -2.56 18.62
C VAL B 27 15.29 -3.07 20.04
N THR B 28 16.24 -3.88 20.51
CA THR B 28 16.22 -4.35 21.90
C THR B 28 16.42 -3.19 22.86
N PHE B 29 17.31 -2.25 22.53
CA PHE B 29 17.50 -1.08 23.39
C PHE B 29 16.22 -0.26 23.47
N ALA B 30 15.55 -0.05 22.33
CA ALA B 30 14.29 0.68 22.36
C ALA B 30 13.21 -0.07 23.11
N PHE B 31 13.20 -1.41 23.03
CA PHE B 31 12.25 -2.19 23.80
C PHE B 31 12.52 -2.08 25.30
N VAL B 32 13.80 -2.08 25.69
CA VAL B 32 14.15 -1.92 27.09
C VAL B 32 13.76 -0.53 27.59
N CYS B 33 13.96 0.49 26.75
CA CYS B 33 13.51 1.84 27.09
C CYS B 33 12.00 1.89 27.25
N PHE B 34 11.27 1.18 26.39
CA PHE B 34 9.82 1.08 26.53
C PHE B 34 9.45 0.43 27.86
N ILE B 35 10.11 -0.68 28.19
CA ILE B 35 9.80 -1.40 29.42
C ILE B 35 10.07 -0.52 30.64
N PHE B 36 11.17 0.22 30.62
CA PHE B 36 11.54 1.04 31.77
C PHE B 36 10.67 2.28 31.88
N PHE B 37 10.66 3.12 30.85
CA PHE B 37 9.98 4.40 30.91
C PHE B 37 8.47 4.29 30.82
N TYR B 38 7.94 3.18 30.31
CA TYR B 38 6.51 3.06 30.08
C TYR B 38 5.87 1.94 30.89
N LEU B 39 6.33 0.71 30.74
CA LEU B 39 5.60 -0.43 31.31
C LEU B 39 5.70 -0.44 32.83
N LEU B 40 6.91 -0.28 33.37
CA LEU B 40 7.06 -0.24 34.82
C LEU B 40 6.40 0.99 35.40
N ARG B 41 6.47 2.12 34.68
CA ARG B 41 5.80 3.33 35.12
C ARG B 41 4.28 3.14 35.15
N SER B 42 3.73 2.49 34.12
CA SER B 42 2.29 2.24 34.09
C SER B 42 1.88 1.28 35.20
N ILE B 43 2.71 0.26 35.47
CA ILE B 43 2.42 -0.66 36.57
C ILE B 43 2.41 0.09 37.90
N ARG B 44 3.41 0.95 38.12
CA ARG B 44 3.44 1.73 39.35
C ARG B 44 2.23 2.64 39.46
N ILE B 45 1.81 3.25 38.35
CA ILE B 45 0.64 4.10 38.36
C ILE B 45 -0.61 3.30 38.71
N ILE B 46 -0.74 2.11 38.15
CA ILE B 46 -1.92 1.28 38.41
C ILE B 46 -1.97 0.87 39.88
N TYR B 47 -0.83 0.44 40.43
CA TYR B 47 -0.81 0.05 41.84
C TYR B 47 -1.05 1.25 42.75
N GLY B 48 -0.54 2.42 42.38
CA GLY B 48 -0.82 3.62 43.14
C GLY B 48 -2.30 3.97 43.15
N LEU B 49 -2.94 3.86 41.97
CA LEU B 49 -4.37 4.12 41.89
C LEU B 49 -5.16 3.13 42.73
N LYS B 50 -4.77 1.86 42.70
CA LYS B 50 -5.45 0.86 43.54
C LYS B 50 -5.31 1.19 45.02
N LYS B 51 -4.10 1.55 45.44
CA LYS B 51 -3.87 1.90 46.84
C LYS B 51 -4.67 3.13 47.25
N TYR B 52 -4.70 4.14 46.38
CA TYR B 52 -5.48 5.35 46.68
C TYR B 52 -6.96 5.06 46.76
N THR B 53 -7.49 4.24 45.87
CA THR B 53 -8.93 3.89 45.94
C THR B 53 -9.22 3.25 47.29
N ARG B 54 -8.43 2.33 47.80
CA ARG B 54 -8.64 1.62 49.09
C ARG B 54 -8.79 2.61 50.24
N SER B 55 -7.92 3.60 50.34
CA SER B 55 -7.98 4.63 51.38
C SER B 55 -9.24 5.51 51.30
N ILE B 56 -9.63 5.90 50.11
CA ILE B 56 -10.85 6.71 49.91
C ILE B 56 -12.03 5.81 50.26
N ASN B 57 -11.97 4.53 49.99
CA ASN B 57 -13.13 3.66 50.24
C ASN B 57 -13.11 3.35 51.73
N SER B 58 -12.24 4.01 52.47
CA SER B 58 -12.06 3.72 53.91
C SER B 58 -12.52 4.88 54.76
N ILE B 59 -12.57 6.08 54.19
CA ILE B 59 -12.97 7.29 54.94
C ILE B 59 -14.39 7.61 54.52
N GLU B 60 -15.06 6.69 53.87
CA GLU B 60 -16.40 7.02 53.35
C GLU B 60 -17.38 7.27 54.47
N LYS B 61 -17.05 6.89 55.71
CA LYS B 61 -18.00 7.06 56.83
C LYS B 61 -17.45 8.04 57.87
N SER B 62 -16.42 8.80 57.55
CA SER B 62 -15.80 9.73 58.51
C SER B 62 -16.47 11.10 58.43
N ALA B 63 -16.19 11.96 59.38
CA ALA B 63 -16.78 13.30 59.43
C ALA B 63 -16.20 14.08 58.27
N PRO B 64 -16.88 15.05 57.66
CA PRO B 64 -16.36 15.72 56.46
C PRO B 64 -14.99 16.35 56.65
N GLU B 65 -14.74 16.96 57.81
CA GLU B 65 -13.41 17.49 58.08
C GLU B 65 -12.37 16.36 58.10
N VAL B 66 -12.59 15.34 58.93
CA VAL B 66 -11.63 14.26 59.06
C VAL B 66 -11.34 13.64 57.70
N GLN B 67 -12.38 13.44 56.90
CA GLN B 67 -12.19 13.02 55.52
C GLN B 67 -11.28 13.99 54.77
N LEU B 68 -11.45 15.29 55.00
CA LEU B 68 -10.72 16.28 54.21
C LEU B 68 -9.24 16.28 54.56
N GLU B 69 -8.89 16.23 55.85
CA GLU B 69 -7.47 16.12 56.20
C GLU B 69 -6.89 14.76 55.83
N HIS B 70 -7.68 13.69 55.90
CA HIS B 70 -7.17 12.39 55.48
C HIS B 70 -6.83 12.41 53.99
N LEU B 71 -7.70 13.00 53.17
CA LEU B 71 -7.42 13.09 51.74
C LEU B 71 -6.27 14.04 51.45
N LYS B 72 -6.14 15.12 52.22
CA LYS B 72 -5.04 16.05 52.02
C LYS B 72 -3.69 15.38 52.32
N SER B 73 -3.62 14.61 53.41
CA SER B 73 -2.39 13.91 53.73
C SER B 73 -2.15 12.69 52.84
N LEU B 74 -3.21 12.14 52.24
CA LEU B 74 -3.05 10.96 51.40
C LEU B 74 -2.32 11.29 50.10
N PHE B 75 -2.63 12.42 49.50
CA PHE B 75 -2.15 12.75 48.15
C PHE B 75 -0.83 13.50 48.25
N GLN B 76 0.28 12.76 48.11
CA GLN B 76 1.63 13.33 48.09
C GLN B 76 2.30 12.89 46.81
N ARG B 77 2.04 13.62 45.73
CA ARG B 77 2.64 13.38 44.43
C ARG B 77 2.32 14.57 43.54
N SER B 78 3.33 15.16 42.91
CA SER B 78 3.21 16.48 42.27
C SER B 78 1.93 16.62 41.46
N GLU B 79 1.73 15.72 40.49
CA GLU B 79 0.51 15.75 39.69
C GLU B 79 -0.73 15.54 40.55
N LEU B 80 -0.70 14.52 41.43
CA LEU B 80 -1.87 14.27 42.26
C LEU B 80 -2.00 15.27 43.39
N LYS B 81 -0.90 15.83 43.88
CA LYS B 81 -1.02 16.91 44.86
C LYS B 81 -1.72 18.12 44.26
N HIS B 82 -1.31 18.51 43.05
CA HIS B 82 -1.98 19.62 42.37
C HIS B 82 -3.43 19.28 42.06
N ALA B 83 -3.70 18.06 41.59
CA ALA B 83 -5.06 17.66 41.28
C ALA B 83 -5.94 17.68 42.51
N TRP B 84 -5.42 17.22 43.64
CA TRP B 84 -6.17 17.27 44.89
C TRP B 84 -6.43 18.70 45.33
N ASN B 85 -5.43 19.57 45.21
CA ASN B 85 -5.64 20.96 45.58
C ASN B 85 -6.74 21.60 44.74
N GLU B 86 -6.71 21.36 43.43
CA GLU B 86 -7.75 21.93 42.57
C GLU B 86 -9.11 21.32 42.86
N PHE B 87 -9.16 20.00 43.10
CA PHE B 87 -10.42 19.35 43.43
C PHE B 87 -11.00 19.89 44.73
N GLU B 88 -10.14 20.09 45.74
CA GLU B 88 -10.60 20.67 47.00
C GLU B 88 -11.09 22.09 46.81
N GLU B 89 -10.44 22.85 45.93
CA GLU B 89 -11.00 24.15 45.57
C GLU B 89 -12.37 24.01 44.93
N SER B 90 -12.61 22.93 44.19
CA SER B 90 -13.90 22.72 43.58
C SER B 90 -14.97 22.30 44.58
N LEU B 91 -14.59 21.79 45.74
CA LEU B 91 -15.56 21.39 46.74
C LEU B 91 -16.09 22.59 47.51
N HIS B 92 -17.39 22.59 47.77
CA HIS B 92 -18.06 23.66 48.49
C HIS B 92 -18.40 23.16 49.89
N SER B 93 -17.80 23.77 50.90
CA SER B 93 -18.06 23.42 52.29
C SER B 93 -19.25 24.22 52.80
N GLN B 94 -20.17 23.54 53.47
CA GLN B 94 -21.34 24.18 54.05
C GLN B 94 -21.15 24.35 55.54
N TYR B 95 -21.32 25.58 56.03
CA TYR B 95 -21.18 25.90 57.43
C TYR B 95 -22.54 26.19 58.04
N GLU B 96 -22.74 25.72 59.27
CA GLU B 96 -23.91 26.08 60.05
C GLU B 96 -23.46 26.49 61.44
N LEU B 97 -24.16 27.48 62.01
CA LEU B 97 -23.78 28.03 63.31
C LEU B 97 -24.12 27.01 64.40
N GLU B 98 -23.09 26.33 64.91
CA GLU B 98 -23.24 25.36 65.97
C GLU B 98 -22.33 25.74 67.12
N ASN B 99 -22.88 25.76 68.33
CA ASN B 99 -22.13 26.09 69.55
C ASN B 99 -21.49 27.47 69.44
N GLY B 100 -22.18 28.41 68.79
CA GLY B 100 -21.70 29.76 68.66
C GLY B 100 -20.56 29.96 67.69
N GLU B 101 -20.27 28.97 66.83
CA GLU B 101 -19.19 29.07 65.87
C GLU B 101 -19.62 28.43 64.55
N GLU B 102 -18.88 28.72 63.50
CA GLU B 102 -19.13 28.20 62.17
C GLU B 102 -18.36 26.90 61.99
N LYS B 103 -19.07 25.79 61.84
CA LYS B 103 -18.47 24.48 61.70
C LYS B 103 -18.96 23.83 60.41
N ILE B 104 -18.06 23.12 59.74
CA ILE B 104 -18.42 22.40 58.52
C ILE B 104 -19.38 21.28 58.88
N VAL B 105 -20.51 21.21 58.18
CA VAL B 105 -21.51 20.19 58.43
C VAL B 105 -21.56 19.24 57.23
N ARG B 106 -21.24 19.76 56.06
CA ARG B 106 -21.37 18.99 54.82
C ARG B 106 -20.48 19.62 53.77
N ILE B 107 -19.86 18.76 52.95
CA ILE B 107 -19.02 19.19 51.84
C ILE B 107 -19.67 18.72 50.55
N ARG B 108 -19.83 19.63 49.60
CA ARG B 108 -20.55 19.36 48.37
C ARG B 108 -19.61 19.44 47.18
N ALA B 109 -19.86 18.58 46.20
CA ALA B 109 -19.06 18.55 44.98
C ALA B 109 -19.72 19.43 43.92
N THR B 110 -18.93 20.32 43.33
CA THR B 110 -19.43 21.18 42.26
C THR B 110 -18.97 20.72 40.88
N ALA B 111 -17.92 19.92 40.81
CA ALA B 111 -17.42 19.36 39.56
C ALA B 111 -17.04 17.90 39.79
N PRO B 112 -17.12 17.07 38.76
CA PRO B 112 -16.69 15.68 38.91
C PRO B 112 -15.20 15.59 39.17
N SER B 113 -14.81 14.56 39.93
CA SER B 113 -13.41 14.40 40.29
C SER B 113 -12.52 14.15 39.09
N ALA B 114 -13.08 13.62 38.00
CA ALA B 114 -12.29 13.38 36.79
C ALA B 114 -11.90 14.66 36.08
N SER B 115 -12.50 15.80 36.42
CA SER B 115 -12.09 17.07 35.84
C SER B 115 -10.69 17.48 36.31
N PHE B 116 -10.21 16.91 37.39
CA PHE B 116 -8.90 17.21 37.95
C PHE B 116 -7.98 15.99 37.98
N PHE B 117 -8.50 14.84 38.36
CA PHE B 117 -7.76 13.58 38.26
C PHE B 117 -8.03 12.92 36.91
N SER B 118 -7.72 13.66 35.85
CA SER B 118 -8.06 13.24 34.51
C SER B 118 -7.01 12.30 33.93
N GLU B 119 -7.35 11.72 32.77
CA GLU B 119 -6.46 10.76 32.13
C GLU B 119 -5.19 11.42 31.63
N GLN B 120 -5.29 12.62 31.07
CA GLN B 120 -4.10 13.29 30.55
C GLN B 120 -3.12 13.64 31.66
N GLN B 121 -3.63 14.14 32.79
CA GLN B 121 -2.75 14.60 33.87
C GLN B 121 -2.16 13.45 34.66
N LEU B 122 -2.81 12.30 34.69
CA LEU B 122 -2.40 11.19 35.54
C LEU B 122 -1.81 10.00 34.79
N VAL B 123 -2.11 9.84 33.51
CA VAL B 123 -1.66 8.68 32.75
C VAL B 123 -0.90 9.12 31.50
N ASP B 124 -1.54 9.93 30.66
CA ASP B 124 -0.97 10.22 29.33
C ASP B 124 0.33 10.99 29.44
N ILE B 125 0.40 11.98 30.32
CA ILE B 125 1.60 12.80 30.44
C ILE B 125 2.69 12.07 31.23
N PRO B 126 2.39 11.41 32.36
CA PRO B 126 3.45 10.63 33.02
C PRO B 126 4.03 9.53 32.15
N LEU B 127 3.21 8.89 31.32
CA LEU B 127 3.67 7.77 30.49
C LEU B 127 4.21 8.20 29.14
N ASN B 128 4.12 9.49 28.81
CA ASN B 128 4.52 10.00 27.49
C ASN B 128 3.82 9.23 26.38
N THR B 129 2.52 8.99 26.55
CA THR B 129 1.77 8.26 25.53
C THR B 129 1.70 8.98 24.21
N GLU B 130 1.95 10.29 24.20
CA GLU B 130 2.02 11.01 22.93
C GLU B 130 3.22 10.58 22.11
N PHE B 131 4.23 9.99 22.76
CA PHE B 131 5.39 9.43 22.08
C PHE B 131 5.30 7.92 21.93
N PHE B 132 5.01 7.21 23.02
CA PHE B 132 5.13 5.75 23.02
C PHE B 132 4.07 5.06 22.19
N LYS B 133 2.97 5.75 21.85
CA LYS B 133 2.01 5.14 20.94
C LYS B 133 2.51 5.08 19.51
N HIS B 134 3.59 5.79 19.19
CA HIS B 134 4.20 5.75 17.88
C HIS B 134 5.52 4.99 17.86
N LEU B 135 5.92 4.41 18.98
CA LEU B 135 7.15 3.62 19.03
C LEU B 135 7.13 2.39 18.13
N PRO B 136 6.05 1.60 18.05
CA PRO B 136 6.09 0.42 17.15
C PRO B 136 6.38 0.77 15.71
N GLY B 137 5.85 1.89 15.22
CA GLY B 137 6.19 2.33 13.88
C GLY B 137 7.67 2.64 13.74
N ILE B 138 8.26 3.24 14.77
CA ILE B 138 9.70 3.50 14.76
C ILE B 138 10.49 2.20 14.71
N LEU B 139 10.08 1.20 15.49
CA LEU B 139 10.79 -0.07 15.51
C LEU B 139 10.73 -0.75 14.15
N THR B 140 9.54 -0.78 13.55
CA THR B 140 9.39 -1.37 12.24
C THR B 140 10.20 -0.61 11.20
N GLY B 141 10.25 0.72 11.32
CA GLY B 141 11.08 1.50 10.41
C GLY B 141 12.55 1.17 10.53
N MET B 142 13.04 0.99 11.76
CA MET B 142 14.42 0.58 11.95
C MET B 142 14.69 -0.77 11.29
N GLY B 143 13.76 -1.71 11.46
CA GLY B 143 13.92 -3.00 10.82
C GLY B 143 13.93 -2.91 9.30
N ILE B 144 13.05 -2.07 8.74
CA ILE B 144 13.00 -1.92 7.29
C ILE B 144 14.28 -1.28 6.77
N ILE B 145 14.83 -0.30 7.50
CA ILE B 145 16.10 0.31 7.10
C ILE B 145 17.21 -0.72 7.10
N GLY B 146 17.26 -1.55 8.16
CA GLY B 146 18.25 -2.61 8.19
C GLY B 146 18.11 -3.57 7.04
N THR B 147 16.87 -3.94 6.71
CA THR B 147 16.64 -4.84 5.58
C THR B 147 17.11 -4.21 4.27
N PHE B 148 16.79 -2.94 4.06
CA PHE B 148 17.23 -2.25 2.85
C PHE B 148 18.74 -2.21 2.74
N TYR B 149 19.42 -1.93 3.86
CA TYR B 149 20.87 -1.83 3.83
C TYR B 149 21.51 -3.18 3.56
N GLY B 150 20.95 -4.24 4.15
CA GLY B 150 21.41 -5.58 3.84
C GLY B 150 21.15 -5.96 2.39
N LEU B 151 20.04 -5.50 1.82
CA LEU B 151 19.76 -5.76 0.41
C LEU B 151 20.76 -5.04 -0.48
N MET B 152 21.16 -3.82 -0.13
CA MET B 152 22.21 -3.16 -0.89
C MET B 152 23.51 -3.94 -0.83
N ILE B 153 23.87 -4.44 0.36
CA ILE B 153 25.08 -5.25 0.46
C ILE B 153 24.99 -6.47 -0.45
N GLY B 154 23.87 -7.19 -0.37
CA GLY B 154 23.71 -8.38 -1.18
C GLY B 154 23.73 -8.11 -2.66
N LEU B 155 23.07 -7.03 -3.10
CA LEU B 155 23.05 -6.69 -4.51
C LEU B 155 24.42 -6.24 -5.01
N ASN B 156 25.18 -5.56 -4.15
CA ASN B 156 26.55 -5.21 -4.51
C ASN B 156 27.41 -6.46 -4.68
N HIS B 157 27.16 -7.48 -3.87
CA HIS B 157 27.92 -8.72 -4.02
C HIS B 157 27.54 -9.52 -5.26
N PHE B 158 26.38 -9.27 -5.86
CA PHE B 158 25.85 -10.12 -6.92
C PHE B 158 26.40 -9.68 -8.28
N ASP B 159 27.12 -10.57 -8.94
CA ASP B 159 27.72 -10.27 -10.24
C ASP B 159 28.09 -11.56 -10.96
N PRO B 160 27.12 -12.24 -11.59
CA PRO B 160 27.42 -13.48 -12.34
C PRO B 160 27.98 -13.22 -13.74
N SER B 161 29.29 -13.02 -13.81
CA SER B 161 29.95 -12.73 -15.08
C SER B 161 30.12 -13.96 -15.96
N THR B 162 29.82 -15.15 -15.44
CA THR B 162 30.02 -16.40 -16.17
C THR B 162 28.75 -17.23 -16.04
N PRO B 163 28.38 -17.99 -17.06
CA PRO B 163 27.21 -18.88 -16.92
C PRO B 163 27.35 -19.89 -15.80
N GLU B 164 28.57 -20.30 -15.46
CA GLU B 164 28.77 -21.24 -14.37
C GLU B 164 28.75 -20.58 -13.00
N GLN B 165 28.76 -19.25 -12.94
CA GLN B 165 28.70 -18.52 -11.67
C GLN B 165 27.29 -18.09 -11.30
N VAL B 166 26.28 -18.44 -12.10
CA VAL B 166 24.95 -17.93 -11.87
C VAL B 166 24.34 -18.55 -10.61
N SER B 167 24.47 -19.86 -10.45
CA SER B 167 23.86 -20.52 -9.30
C SER B 167 24.46 -20.03 -7.98
N SER B 168 25.79 -19.90 -7.94
CA SER B 168 26.44 -19.42 -6.72
C SER B 168 26.02 -18.00 -6.39
N SER B 169 25.96 -17.13 -7.41
CA SER B 169 25.54 -15.74 -7.18
C SER B 169 24.11 -15.68 -6.68
N VAL B 170 23.21 -16.46 -7.28
CA VAL B 170 21.82 -16.45 -6.85
C VAL B 170 21.70 -16.95 -5.42
N ASN B 171 22.42 -18.02 -5.08
CA ASN B 171 22.36 -18.55 -3.71
C ASN B 171 22.89 -17.55 -2.70
N ASN B 172 24.01 -16.89 -3.02
CA ASN B 172 24.55 -15.90 -2.10
C ASN B 172 23.61 -14.72 -1.92
N LEU B 173 22.97 -14.28 -3.00
CA LEU B 173 22.01 -13.19 -2.88
C LEU B 173 20.81 -13.60 -2.05
N LEU B 174 20.35 -14.84 -2.19
CA LEU B 174 19.26 -15.30 -1.36
C LEU B 174 19.67 -15.36 0.11
N ARG B 175 20.92 -15.72 0.39
CA ARG B 175 21.41 -15.69 1.77
C ARG B 175 21.43 -14.27 2.33
N ASP B 176 21.86 -13.30 1.53
CA ASP B 176 21.85 -11.91 1.99
C ASP B 176 20.42 -11.43 2.24
N VAL B 177 19.49 -11.84 1.38
CA VAL B 177 18.08 -11.55 1.62
C VAL B 177 17.62 -12.17 2.92
N LEU B 178 18.11 -13.37 3.22
CA LEU B 178 17.78 -14.02 4.50
C LEU B 178 18.23 -13.18 5.68
N TYR B 179 19.45 -12.64 5.62
CA TYR B 179 19.93 -11.76 6.70
C TYR B 179 19.03 -10.54 6.86
N ALA B 180 18.74 -9.86 5.76
CA ALA B 180 17.93 -8.66 5.82
C ALA B 180 16.53 -8.96 6.38
N PHE B 181 15.94 -10.07 5.93
CA PHE B 181 14.64 -10.47 6.45
C PHE B 181 14.70 -10.82 7.92
N LEU B 182 15.83 -11.35 8.40
CA LEU B 182 15.96 -11.60 9.83
C LEU B 182 15.85 -10.31 10.62
N GLY B 183 16.55 -9.27 10.16
CA GLY B 183 16.43 -7.98 10.82
C GLY B 183 15.00 -7.47 10.83
N SER B 184 14.33 -7.53 9.68
CA SER B 184 12.96 -7.03 9.60
C SER B 184 12.02 -7.83 10.50
N ALA B 185 12.16 -9.16 10.50
CA ALA B 185 11.27 -10.01 11.28
C ALA B 185 11.42 -9.74 12.76
N PHE B 186 12.65 -9.61 13.25
CA PHE B 186 12.83 -9.29 14.66
C PHE B 186 12.21 -7.94 15.00
N ALA B 187 12.44 -6.93 14.16
CA ALA B 187 11.89 -5.61 14.46
C ALA B 187 10.37 -5.64 14.52
N ILE B 188 9.73 -6.35 13.59
CA ILE B 188 8.28 -6.38 13.55
C ILE B 188 7.72 -7.19 14.72
N PHE B 189 8.38 -8.28 15.10
CA PHE B 189 7.96 -9.03 16.28
C PHE B 189 8.00 -8.15 17.52
N ALA B 190 9.10 -7.40 17.69
CA ALA B 190 9.22 -6.51 18.84
C ALA B 190 8.16 -5.42 18.79
N SER B 191 7.87 -4.88 17.62
CA SER B 191 6.85 -3.85 17.51
C SER B 191 5.47 -4.38 17.90
N ILE B 192 5.14 -5.59 17.47
CA ILE B 192 3.85 -6.18 17.82
C ILE B 192 3.77 -6.40 19.33
N LEU B 193 4.85 -6.92 19.93
CA LEU B 193 4.86 -7.12 21.37
C LEU B 193 4.70 -5.81 22.13
N VAL B 194 5.39 -4.75 21.67
CA VAL B 194 5.29 -3.44 22.30
C VAL B 194 3.86 -2.91 22.18
N THR B 195 3.25 -3.05 21.00
CA THR B 195 1.88 -2.59 20.82
C THR B 195 0.93 -3.30 21.77
N TRP B 196 1.07 -4.62 21.89
CA TRP B 196 0.21 -5.38 22.78
C TRP B 196 0.34 -4.90 24.22
N LEU B 197 1.58 -4.82 24.71
CA LEU B 197 1.79 -4.40 26.09
C LEU B 197 1.31 -2.97 26.32
N GLU B 198 1.57 -2.08 25.38
CA GLU B 198 1.24 -0.67 25.54
C GLU B 198 -0.27 -0.44 25.57
N LYS B 199 -0.99 -1.10 24.66
CA LYS B 199 -2.45 -0.99 24.65
C LYS B 199 -3.05 -1.61 25.91
N LEU B 200 -2.54 -2.75 26.35
CA LEU B 200 -3.07 -3.38 27.56
C LEU B 200 -2.83 -2.48 28.77
N SER B 201 -1.65 -1.86 28.84
CA SER B 201 -1.36 -0.95 29.95
C SER B 201 -2.28 0.25 29.95
N ILE B 202 -2.56 0.83 28.78
CA ILE B 202 -3.52 1.93 28.72
C ILE B 202 -4.89 1.50 29.20
N ALA B 203 -5.36 0.33 28.74
CA ALA B 203 -6.68 -0.12 29.16
C ALA B 203 -6.76 -0.29 30.67
N LYS B 204 -5.75 -0.95 31.26
CA LYS B 204 -5.75 -1.17 32.70
C LYS B 204 -5.68 0.16 33.46
N SER B 205 -4.82 1.08 33.00
CA SER B 205 -4.68 2.36 33.67
C SER B 205 -5.97 3.15 33.64
N TYR B 206 -6.65 3.16 32.49
CA TYR B 206 -7.91 3.90 32.39
C TYR B 206 -8.99 3.28 33.27
N LYS B 207 -9.07 1.95 33.30
CA LYS B 207 -10.04 1.31 34.17
C LYS B 207 -9.80 1.64 35.63
N TYR B 208 -8.54 1.60 36.07
CA TYR B 208 -8.26 1.83 37.48
C TYR B 208 -8.39 3.30 37.84
N LEU B 209 -8.09 4.20 36.90
CA LEU B 209 -8.33 5.62 37.14
C LEU B 209 -9.81 5.91 37.25
N GLU B 210 -10.63 5.24 36.44
CA GLU B 210 -12.08 5.38 36.59
C GLU B 210 -12.53 4.91 37.96
N LYS B 211 -12.01 3.77 38.43
CA LYS B 211 -12.37 3.31 39.77
C LYS B 211 -11.95 4.33 40.83
N PHE B 212 -10.76 4.91 40.68
CA PHE B 212 -10.28 5.90 41.65
C PHE B 212 -11.19 7.13 41.68
N THR B 213 -11.51 7.67 40.51
CA THR B 213 -12.35 8.88 40.48
C THR B 213 -13.77 8.58 40.92
N ALA B 214 -14.27 7.37 40.64
CA ALA B 214 -15.57 6.98 41.16
C ALA B 214 -15.56 6.92 42.68
N ALA B 215 -14.48 6.41 43.26
CA ALA B 215 -14.35 6.43 44.71
C ALA B 215 -14.34 7.87 45.24
N LEU B 216 -13.61 8.76 44.57
CA LEU B 216 -13.60 10.15 45.01
C LEU B 216 -14.96 10.82 44.81
N ASP B 217 -15.64 10.52 43.70
CA ASP B 217 -16.94 11.11 43.43
C ASP B 217 -17.99 10.69 44.45
N SER B 218 -17.84 9.51 45.03
CA SER B 218 -18.84 9.01 45.96
C SER B 218 -18.78 9.69 47.32
N LEU B 219 -17.69 10.37 47.63
CA LEU B 219 -17.55 10.98 48.96
C LEU B 219 -18.44 12.20 49.11
N TYR B 220 -18.74 12.91 48.03
CA TYR B 220 -19.38 14.21 48.10
C TYR B 220 -20.58 14.25 47.17
N ASP B 221 -21.55 15.10 47.53
CA ASP B 221 -22.81 15.20 46.82
C ASP B 221 -22.87 16.51 46.05
N SER B 222 -23.56 16.50 44.92
CA SER B 222 -23.70 17.66 44.06
C SER B 222 -25.07 18.30 44.24
N GLY B 223 -25.37 19.29 43.41
CA GLY B 223 -26.66 19.96 43.45
C GLY B 223 -26.80 21.04 44.48
N VAL B 224 -25.68 21.63 44.93
CA VAL B 224 -25.75 22.65 45.96
C VAL B 224 -26.31 23.96 45.41
N GLY B 225 -26.02 24.27 44.14
CA GLY B 225 -26.52 25.51 43.58
C GLY B 225 -28.02 25.55 43.42
N GLU B 226 -28.62 24.44 42.98
CA GLU B 226 -30.06 24.36 42.87
C GLU B 226 -30.72 24.45 44.24
N GLU B 227 -30.12 23.81 45.25
CA GLU B 227 -30.63 23.92 46.60
C GLU B 227 -30.58 25.36 47.10
N TYR B 228 -29.49 26.06 46.81
CA TYR B 228 -29.38 27.46 47.22
C TYR B 228 -30.43 28.31 46.52
N LEU B 229 -30.67 28.07 45.23
CA LEU B 229 -31.67 28.85 44.51
C LEU B 229 -33.08 28.55 45.03
N ALA B 230 -33.38 27.29 45.33
CA ALA B 230 -34.68 26.94 45.90
C ALA B 230 -34.86 27.60 47.26
N SER B 231 -33.80 27.62 48.08
CA SER B 231 -33.86 28.30 49.36
C SER B 231 -34.09 29.80 49.20
N LEU B 232 -33.44 30.41 48.21
CA LEU B 232 -33.62 31.84 47.97
C LEU B 232 -35.04 32.16 47.53
N VAL B 233 -35.60 31.34 46.64
CA VAL B 233 -36.97 31.55 46.19
C VAL B 233 -37.93 31.40 47.36
N LYS B 234 -37.73 30.37 48.18
CA LYS B 234 -38.58 30.18 49.34
C LYS B 234 -38.47 31.35 50.31
N SER B 235 -37.26 31.87 50.49
CA SER B 235 -37.05 33.01 51.39
C SER B 235 -37.76 34.25 50.89
N SER B 236 -37.71 34.51 49.58
CA SER B 236 -38.42 35.67 49.04
C SER B 236 -39.93 35.53 49.21
N ASN B 237 -40.45 34.34 48.90
CA ASN B 237 -41.88 34.10 49.04
C ASN B 237 -42.33 34.26 50.49
N GLU B 238 -41.52 33.77 51.44
CA GLU B 238 -41.85 33.94 52.85
C GLU B 238 -41.67 35.39 53.30
N SER B 239 -40.72 36.10 52.71
CA SER B 239 -40.44 37.48 53.14
C SER B 239 -41.55 38.44 52.73
N ALA B 240 -42.21 38.18 51.60
CA ALA B 240 -43.38 39.00 51.26
C ALA B 240 -44.44 38.94 52.35
N THR B 241 -44.83 37.71 52.73
CA THR B 241 -45.82 37.55 53.79
C THR B 241 -45.30 38.05 55.13
N GLN B 242 -43.99 37.93 55.36
CA GLN B 242 -43.42 38.46 56.59
C GLN B 242 -43.58 39.96 56.67
N ALA B 243 -43.31 40.67 55.57
CA ALA B 243 -43.49 42.12 55.56
C ALA B 243 -44.94 42.48 55.82
N ARG B 244 -45.87 41.78 55.15
CA ARG B 244 -47.28 42.08 55.35
C ARG B 244 -47.71 41.85 56.79
N HIS B 245 -47.29 40.72 57.37
CA HIS B 245 -47.67 40.39 58.74
C HIS B 245 -47.03 41.35 59.74
N MET C 1 0.27 3.77 -27.70
CA MET C 1 0.03 5.14 -28.13
C MET C 1 1.35 5.88 -28.35
N SER C 2 1.30 6.92 -29.18
CA SER C 2 2.46 7.79 -29.34
C SER C 2 2.67 8.65 -28.11
N TRP C 3 1.57 9.09 -27.48
CA TRP C 3 1.69 9.93 -26.29
C TRP C 3 2.41 9.20 -25.17
N LEU C 4 2.07 7.94 -24.94
CA LEU C 4 2.70 7.19 -23.86
C LEU C 4 4.19 7.01 -24.11
N ASN C 5 4.56 6.69 -25.35
CA ASN C 5 5.98 6.54 -25.67
C ASN C 5 6.74 7.85 -25.55
N SER C 6 6.12 8.96 -25.97
CA SER C 6 6.76 10.26 -25.82
C SER C 6 6.98 10.60 -24.35
N ILE C 7 5.96 10.33 -23.52
CA ILE C 7 6.10 10.55 -22.08
C ILE C 7 7.23 9.69 -21.51
N LEU C 8 7.29 8.42 -21.93
CA LEU C 8 8.32 7.53 -21.41
C LEU C 8 9.71 8.01 -21.80
N VAL C 9 9.88 8.46 -23.05
CA VAL C 9 11.19 8.95 -23.49
C VAL C 9 11.56 10.23 -22.75
N THR C 10 10.58 11.13 -22.55
CA THR C 10 10.87 12.38 -21.84
C THR C 10 11.24 12.12 -20.40
N LEU C 11 10.51 11.25 -19.71
CA LEU C 11 10.77 10.98 -18.30
C LEU C 11 12.07 10.21 -18.11
N THR C 12 12.32 9.23 -18.98
CA THR C 12 13.47 8.35 -18.83
C THR C 12 14.77 9.02 -19.27
N SER C 13 14.68 10.12 -20.02
CA SER C 13 15.87 10.75 -20.59
C SER C 13 16.85 11.23 -19.52
N VAL C 14 16.41 11.39 -18.28
CA VAL C 14 17.33 11.88 -17.24
C VAL C 14 18.33 10.79 -16.86
N GLU C 15 19.47 11.23 -16.35
CA GLU C 15 20.53 10.29 -15.99
C GLU C 15 20.10 9.45 -14.79
N PRO C 16 20.50 8.18 -14.73
CA PRO C 16 20.09 7.33 -13.60
C PRO C 16 20.51 7.85 -12.25
N TYR C 17 21.67 8.49 -12.13
CA TYR C 17 22.14 8.94 -10.82
C TYR C 17 21.36 10.14 -10.31
N LYS C 18 20.60 10.82 -11.15
CA LYS C 18 19.85 11.99 -10.71
C LYS C 18 18.62 11.63 -9.91
N VAL C 19 18.17 10.38 -9.94
CA VAL C 19 17.01 9.96 -9.15
C VAL C 19 17.39 9.76 -7.68
N PRO C 20 18.45 9.01 -7.34
CA PRO C 20 18.86 8.97 -5.93
C PRO C 20 19.25 10.32 -5.40
N VAL C 21 19.92 11.13 -6.22
CA VAL C 21 20.30 12.47 -5.81
C VAL C 21 19.05 13.31 -5.55
N THR C 22 18.06 13.22 -6.44
CA THR C 22 16.82 13.96 -6.24
C THR C 22 16.12 13.51 -4.96
N VAL C 23 16.03 12.20 -4.73
CA VAL C 23 15.36 11.70 -3.54
C VAL C 23 16.09 12.18 -2.28
N ILE C 24 17.41 12.03 -2.26
CA ILE C 24 18.19 12.42 -1.09
C ILE C 24 18.06 13.92 -0.83
N VAL C 25 18.15 14.73 -1.89
CA VAL C 25 18.09 16.18 -1.71
C VAL C 25 16.70 16.62 -1.28
N THR C 26 15.65 16.04 -1.87
CA THR C 26 14.29 16.41 -1.50
C THR C 26 13.98 15.99 -0.07
N VAL C 27 14.41 14.79 0.33
CA VAL C 27 14.19 14.34 1.69
C VAL C 27 14.99 15.18 2.69
N THR C 28 16.22 15.57 2.32
CA THR C 28 17.01 16.44 3.19
C THR C 28 16.39 17.81 3.30
N PHE C 29 15.83 18.34 2.21
CA PHE C 29 15.16 19.63 2.27
C PHE C 29 13.92 19.56 3.15
N ALA C 30 13.15 18.47 3.04
CA ALA C 30 11.99 18.30 3.92
C ALA C 30 12.43 18.17 5.37
N PHE C 31 13.54 17.49 5.64
CA PHE C 31 14.06 17.38 7.00
C PHE C 31 14.49 18.73 7.52
N VAL C 32 15.15 19.54 6.70
CA VAL C 32 15.59 20.87 7.13
C VAL C 32 14.40 21.77 7.38
N CYS C 33 13.36 21.68 6.54
CA CYS C 33 12.14 22.43 6.78
C CYS C 33 11.47 21.98 8.08
N PHE C 34 11.49 20.68 8.36
CA PHE C 34 10.97 20.18 9.62
C PHE C 34 11.75 20.73 10.80
N ILE C 35 13.08 20.75 10.70
CA ILE C 35 13.91 21.26 11.79
C ILE C 35 13.63 22.73 12.04
N PHE C 36 13.52 23.51 10.96
CA PHE C 36 13.35 24.95 11.11
C PHE C 36 11.95 25.31 11.58
N PHE C 37 10.92 24.67 11.02
CA PHE C 37 9.54 25.09 11.25
C PHE C 37 8.86 24.33 12.37
N TYR C 38 9.38 23.18 12.79
CA TYR C 38 8.77 22.42 13.87
C TYR C 38 9.70 22.26 15.06
N LEU C 39 10.90 21.74 14.86
CA LEU C 39 11.74 21.37 16.00
C LEU C 39 12.24 22.59 16.74
N LEU C 40 12.77 23.59 16.01
CA LEU C 40 13.27 24.79 16.66
C LEU C 40 12.14 25.57 17.33
N ARG C 41 10.99 25.68 16.66
CA ARG C 41 9.86 26.34 17.29
C ARG C 41 9.40 25.60 18.54
N SER C 42 9.36 24.27 18.49
CA SER C 42 8.95 23.51 19.66
C SER C 42 9.93 23.69 20.81
N ILE C 43 11.23 23.72 20.50
CA ILE C 43 12.23 23.94 21.54
C ILE C 43 12.07 25.33 22.15
N ARG C 44 11.83 26.34 21.31
CA ARG C 44 11.60 27.68 21.81
C ARG C 44 10.35 27.74 22.69
N ILE C 45 9.28 27.05 22.26
CA ILE C 45 8.05 27.03 23.03
C ILE C 45 8.26 26.37 24.39
N ILE C 46 8.99 25.25 24.41
CA ILE C 46 9.24 24.55 25.66
C ILE C 46 10.08 25.41 26.60
N TYR C 47 11.12 26.04 26.07
CA TYR C 47 11.95 26.92 26.91
C TYR C 47 11.15 28.08 27.47
N GLY C 48 10.31 28.70 26.63
CA GLY C 48 9.46 29.77 27.09
C GLY C 48 8.48 29.31 28.16
N LEU C 49 7.90 28.12 27.99
CA LEU C 49 6.98 27.59 28.98
C LEU C 49 7.68 27.36 30.31
N LYS C 50 8.89 26.81 30.27
CA LYS C 50 9.63 26.59 31.51
C LYS C 50 9.96 27.92 32.20
N LYS C 51 10.38 28.91 31.42
CA LYS C 51 10.68 30.22 32.00
C LYS C 51 9.43 30.85 32.60
N TYR C 52 8.29 30.75 31.90
CA TYR C 52 7.05 31.30 32.42
C TYR C 52 6.62 30.60 33.68
N THR C 53 6.80 29.27 33.74
CA THR C 53 6.46 28.53 34.95
C THR C 53 7.32 28.97 36.12
N ARG C 54 8.61 29.19 35.89
CA ARG C 54 9.47 29.69 36.95
C ARG C 54 9.03 31.07 37.41
N SER C 55 8.68 31.95 36.47
CA SER C 55 8.23 33.30 36.84
C SER C 55 6.92 33.25 37.64
N ILE C 56 5.99 32.39 37.23
CA ILE C 56 4.72 32.27 37.94
C ILE C 56 4.93 31.71 39.34
N ASN C 57 5.79 30.69 39.46
CA ASN C 57 6.09 30.16 40.78
C ASN C 57 6.81 31.16 41.66
N SER C 58 7.51 32.13 41.07
CA SER C 58 8.17 33.15 41.87
C SER C 58 7.18 34.16 42.42
N ILE C 59 6.05 34.37 41.75
CA ILE C 59 5.13 35.45 42.09
C ILE C 59 3.97 34.93 42.94
N GLU C 60 4.11 33.73 43.52
CA GLU C 60 3.01 33.11 44.25
C GLU C 60 2.61 33.92 45.48
N LYS C 61 3.59 34.42 46.22
CA LYS C 61 3.36 35.03 47.54
C LYS C 61 3.30 36.55 47.46
N SER C 62 2.75 37.10 46.39
CA SER C 62 2.62 38.54 46.24
C SER C 62 1.15 38.94 46.30
N ALA C 63 0.93 40.25 46.37
CA ALA C 63 -0.41 40.78 46.39
C ALA C 63 -1.11 40.56 45.05
N PRO C 64 -2.44 40.45 45.04
CA PRO C 64 -3.14 40.18 43.78
C PRO C 64 -2.86 41.18 42.67
N GLU C 65 -2.79 42.48 43.00
CA GLU C 65 -2.51 43.48 41.97
C GLU C 65 -1.10 43.31 41.40
N VAL C 66 -0.13 43.03 42.27
CA VAL C 66 1.23 42.81 41.80
C VAL C 66 1.30 41.57 40.92
N GLN C 67 0.60 40.51 41.32
CA GLN C 67 0.55 39.31 40.49
C GLN C 67 -0.04 39.59 39.12
N LEU C 68 -1.13 40.38 39.09
CA LEU C 68 -1.75 40.69 37.82
C LEU C 68 -0.81 41.50 36.93
N GLU C 69 -0.13 42.50 37.50
CA GLU C 69 0.80 43.30 36.70
C GLU C 69 1.95 42.45 36.19
N HIS C 70 2.52 41.61 37.04
CA HIS C 70 3.64 40.77 36.63
C HIS C 70 3.24 39.80 35.53
N LEU C 71 2.05 39.18 35.66
CA LEU C 71 1.61 38.24 34.65
C LEU C 71 1.25 38.95 33.35
N LYS C 72 0.70 40.16 33.44
CA LYS C 72 0.40 40.93 32.24
C LYS C 72 1.68 41.29 31.49
N SER C 73 2.71 41.72 32.21
CA SER C 73 3.98 42.02 31.55
C SER C 73 4.69 40.76 31.06
N LEU C 74 4.40 39.61 31.67
CA LEU C 74 5.12 38.39 31.34
C LEU C 74 4.80 37.91 29.93
N PHE C 75 3.52 37.81 29.60
CA PHE C 75 3.09 37.16 28.35
C PHE C 75 3.05 38.19 27.23
N GLN C 76 4.00 38.08 26.30
CA GLN C 76 4.13 39.04 25.21
C GLN C 76 3.95 38.44 23.83
N ARG C 77 4.13 37.14 23.66
CA ARG C 77 3.85 36.51 22.37
C ARG C 77 2.36 36.64 22.07
N SER C 78 2.05 36.78 20.78
CA SER C 78 0.68 37.13 20.38
C SER C 78 -0.32 36.10 20.87
N GLU C 79 -0.02 34.81 20.67
CA GLU C 79 -0.89 33.76 21.20
C GLU C 79 -0.91 33.78 22.73
N LEU C 80 0.25 33.96 23.37
CA LEU C 80 0.28 34.06 24.82
C LEU C 80 -0.43 35.31 25.31
N LYS C 81 -0.29 36.43 24.60
CA LYS C 81 -0.97 37.65 25.01
C LYS C 81 -2.47 37.50 24.93
N HIS C 82 -2.97 36.91 23.85
CA HIS C 82 -4.41 36.67 23.72
C HIS C 82 -4.90 35.71 24.79
N ALA C 83 -4.15 34.63 25.02
CA ALA C 83 -4.54 33.66 26.04
C ALA C 83 -4.58 34.30 27.42
N TRP C 84 -3.58 35.13 27.74
CA TRP C 84 -3.57 35.78 29.05
C TRP C 84 -4.70 36.78 29.18
N ASN C 85 -5.03 37.50 28.12
CA ASN C 85 -6.15 38.43 28.20
C ASN C 85 -7.45 37.70 28.47
N GLU C 86 -7.68 36.59 27.75
CA GLU C 86 -8.89 35.80 27.97
C GLU C 86 -8.93 35.22 29.38
N PHE C 87 -7.80 34.68 29.85
CA PHE C 87 -7.75 34.11 31.19
C PHE C 87 -7.99 35.19 32.25
N GLU C 88 -7.38 36.36 32.09
CA GLU C 88 -7.53 37.43 33.07
C GLU C 88 -8.96 37.93 33.12
N GLU C 89 -9.62 38.03 31.98
CA GLU C 89 -11.02 38.45 32.03
C GLU C 89 -11.92 37.31 32.51
N SER C 90 -11.44 36.07 32.50
CA SER C 90 -12.14 35.00 33.19
C SER C 90 -11.90 35.00 34.70
N LEU C 91 -10.89 35.72 35.18
CA LEU C 91 -10.63 35.80 36.61
C LEU C 91 -11.56 36.81 37.27
N HIS C 92 -12.00 36.47 38.47
CA HIS C 92 -12.93 37.31 39.24
C HIS C 92 -12.17 37.95 40.38
N SER C 93 -12.09 39.28 40.35
CA SER C 93 -11.43 40.02 41.42
C SER C 93 -12.44 40.47 42.45
N GLN C 94 -12.18 40.18 43.72
CA GLN C 94 -13.07 40.53 44.81
C GLN C 94 -12.59 41.82 45.45
N TYR C 95 -13.45 42.83 45.47
CA TYR C 95 -13.12 44.14 46.01
C TYR C 95 -13.72 44.29 47.40
N GLU C 96 -12.94 44.89 48.31
CA GLU C 96 -13.42 45.23 49.63
C GLU C 96 -13.00 46.65 49.97
N LEU C 97 -13.85 47.33 50.73
CA LEU C 97 -13.61 48.72 51.13
C LEU C 97 -12.53 48.73 52.20
N GLU C 98 -11.30 49.09 51.81
CA GLU C 98 -10.18 49.20 52.74
C GLU C 98 -9.34 50.41 52.34
N ASN C 99 -9.66 51.57 52.90
CA ASN C 99 -10.83 51.76 53.77
C ASN C 99 -11.68 52.91 53.23
N GLY C 100 -11.19 53.55 52.18
CA GLY C 100 -11.92 54.61 51.51
C GLY C 100 -11.97 54.41 50.02
N GLU C 101 -11.31 53.36 49.54
CA GLU C 101 -11.22 53.06 48.12
C GLU C 101 -11.44 51.57 47.90
N GLU C 102 -11.80 51.22 46.67
CA GLU C 102 -11.98 49.83 46.30
C GLU C 102 -10.62 49.17 46.13
N LYS C 103 -10.34 48.15 46.95
CA LYS C 103 -9.07 47.45 46.91
C LYS C 103 -9.32 45.97 46.62
N ILE C 104 -8.50 45.40 45.74
CA ILE C 104 -8.58 43.99 45.42
C ILE C 104 -7.95 43.20 46.56
N VAL C 105 -8.75 42.37 47.22
CA VAL C 105 -8.25 41.53 48.30
C VAL C 105 -8.04 40.09 47.87
N ARG C 106 -8.71 39.63 46.82
CA ARG C 106 -8.59 38.27 46.36
C ARG C 106 -9.03 38.20 44.91
N ILE C 107 -8.42 37.28 44.17
CA ILE C 107 -8.77 37.02 42.78
C ILE C 107 -9.15 35.56 42.68
N ARG C 108 -10.29 35.28 42.07
CA ARG C 108 -10.84 33.94 42.01
C ARG C 108 -10.82 33.43 40.57
N ALA C 109 -10.68 32.12 40.43
CA ALA C 109 -10.66 31.46 39.14
C ALA C 109 -12.04 30.89 38.85
N THR C 110 -12.67 31.36 37.78
CA THR C 110 -13.96 30.85 37.35
C THR C 110 -13.85 29.87 36.19
N ALA C 111 -12.63 29.56 35.75
CA ALA C 111 -12.40 28.64 34.65
C ALA C 111 -11.01 28.06 34.78
N PRO C 112 -10.76 26.87 34.26
CA PRO C 112 -9.40 26.34 34.27
C PRO C 112 -8.48 27.19 33.39
N SER C 113 -7.21 27.21 33.76
CA SER C 113 -6.24 27.97 32.97
C SER C 113 -6.01 27.33 31.60
N ALA C 114 -6.18 26.01 31.51
CA ALA C 114 -6.01 25.29 30.25
C ALA C 114 -7.09 25.62 29.24
N SER C 115 -8.19 26.27 29.67
CA SER C 115 -9.22 26.66 28.72
C SER C 115 -8.74 27.71 27.75
N PHE C 116 -7.72 28.48 28.13
CA PHE C 116 -7.18 29.55 27.31
C PHE C 116 -5.75 29.31 26.88
N PHE C 117 -4.91 28.76 27.76
CA PHE C 117 -3.57 28.31 27.40
C PHE C 117 -3.62 26.83 27.00
N SER C 118 -4.44 26.54 26.00
CA SER C 118 -4.70 25.16 25.62
C SER C 118 -3.63 24.66 24.65
N GLU C 119 -3.60 23.34 24.49
CA GLU C 119 -2.63 22.72 23.59
C GLU C 119 -2.85 23.17 22.15
N GLN C 120 -4.12 23.24 21.72
CA GLN C 120 -4.44 23.73 20.39
C GLN C 120 -3.93 25.15 20.19
N GLN C 121 -4.16 26.02 21.17
CA GLN C 121 -3.83 27.43 21.01
C GLN C 121 -2.33 27.65 20.98
N LEU C 122 -1.61 26.95 21.86
CA LEU C 122 -0.23 27.32 22.19
C LEU C 122 0.82 26.38 21.60
N VAL C 123 0.43 25.18 21.16
CA VAL C 123 1.42 24.23 20.64
C VAL C 123 1.01 23.77 19.25
N ASP C 124 -0.24 23.32 19.12
CA ASP C 124 -0.66 22.65 17.90
C ASP C 124 -0.68 23.59 16.71
N ILE C 125 -1.21 24.81 16.88
CA ILE C 125 -1.34 25.75 15.77
C ILE C 125 0.02 26.38 15.44
N PRO C 126 0.80 26.86 16.43
CA PRO C 126 2.14 27.37 16.08
C PRO C 126 3.05 26.33 15.46
N LEU C 127 2.94 25.06 15.84
CA LEU C 127 3.80 24.03 15.31
C LEU C 127 3.30 23.44 14.01
N ASN C 128 2.09 23.79 13.58
CA ASN C 128 1.47 23.25 12.36
C ASN C 128 1.47 21.72 12.38
N THR C 129 1.10 21.16 13.53
CA THR C 129 1.05 19.70 13.67
C THR C 129 0.05 19.06 12.72
N GLU C 130 -0.95 19.81 12.26
CA GLU C 130 -1.91 19.25 11.31
C GLU C 130 -1.27 18.91 9.97
N PHE C 131 -0.10 19.47 9.68
CA PHE C 131 0.66 19.10 8.50
C PHE C 131 1.83 18.18 8.82
N PHE C 132 2.56 18.47 9.91
CA PHE C 132 3.83 17.80 10.15
C PHE C 132 3.66 16.37 10.65
N LYS C 133 2.50 15.99 11.16
CA LYS C 133 2.31 14.59 11.53
C LYS C 133 2.19 13.69 10.32
N HIS C 134 1.94 14.23 9.14
CA HIS C 134 1.87 13.47 7.90
C HIS C 134 3.16 13.53 7.08
N LEU C 135 4.18 14.24 7.56
CA LEU C 135 5.43 14.32 6.83
C LEU C 135 6.16 12.99 6.66
N PRO C 136 6.29 12.13 7.68
CA PRO C 136 7.01 10.86 7.47
C PRO C 136 6.42 9.99 6.38
N GLY C 137 5.09 9.96 6.26
CA GLY C 137 4.47 9.25 5.15
C GLY C 137 4.85 9.84 3.81
N ILE C 138 4.96 11.17 3.74
CA ILE C 138 5.40 11.82 2.52
C ILE C 138 6.83 11.42 2.19
N LEU C 139 7.69 11.35 3.20
CA LEU C 139 9.09 10.96 2.97
C LEU C 139 9.18 9.54 2.44
N THR C 140 8.45 8.60 3.06
CA THR C 140 8.46 7.23 2.58
C THR C 140 7.86 7.13 1.18
N GLY C 141 6.82 7.92 0.90
CA GLY C 141 6.24 7.93 -0.43
C GLY C 141 7.21 8.42 -1.47
N MET C 142 8.02 9.44 -1.13
CA MET C 142 9.04 9.90 -2.07
C MET C 142 10.10 8.83 -2.30
N GLY C 143 10.44 8.06 -1.25
CA GLY C 143 11.33 6.93 -1.46
C GLY C 143 10.77 5.93 -2.46
N ILE C 144 9.48 5.60 -2.31
CA ILE C 144 8.82 4.67 -3.23
C ILE C 144 8.82 5.24 -4.65
N ILE C 145 8.51 6.53 -4.78
CA ILE C 145 8.47 7.18 -6.08
C ILE C 145 9.84 7.12 -6.73
N GLY C 146 10.90 7.36 -5.97
CA GLY C 146 12.24 7.28 -6.52
C GLY C 146 12.58 5.88 -6.99
N THR C 147 12.15 4.86 -6.22
CA THR C 147 12.34 3.49 -6.66
C THR C 147 11.68 3.25 -8.01
N PHE C 148 10.42 3.63 -8.14
CA PHE C 148 9.70 3.40 -9.39
C PHE C 148 10.32 4.16 -10.55
N TYR C 149 10.71 5.42 -10.32
CA TYR C 149 11.28 6.23 -11.39
C TYR C 149 12.63 5.69 -11.84
N GLY C 150 13.49 5.32 -10.90
CA GLY C 150 14.78 4.75 -11.28
C GLY C 150 14.62 3.47 -12.06
N LEU C 151 13.69 2.62 -11.66
CA LEU C 151 13.47 1.40 -12.42
C LEU C 151 12.87 1.68 -13.80
N MET C 152 12.03 2.70 -13.91
CA MET C 152 11.53 3.09 -15.23
C MET C 152 12.69 3.49 -16.14
N ILE C 153 13.62 4.28 -15.63
CA ILE C 153 14.77 4.67 -16.43
C ILE C 153 15.57 3.43 -16.84
N GLY C 154 15.79 2.51 -15.89
CA GLY C 154 16.55 1.31 -16.21
C GLY C 154 15.87 0.44 -17.24
N LEU C 155 14.55 0.29 -17.15
CA LEU C 155 13.83 -0.61 -18.03
C LEU C 155 13.68 -0.02 -19.43
N ASN C 156 13.41 1.28 -19.53
CA ASN C 156 13.18 1.89 -20.84
C ASN C 156 14.46 1.88 -21.67
N HIS C 157 15.61 2.03 -21.04
CA HIS C 157 16.89 2.06 -21.73
C HIS C 157 17.51 0.68 -21.90
N PHE C 158 16.75 -0.39 -21.68
CA PHE C 158 17.27 -1.73 -21.90
C PHE C 158 17.45 -1.97 -23.39
N ASP C 159 18.65 -2.38 -23.78
CA ASP C 159 19.01 -2.56 -25.19
C ASP C 159 19.41 -4.00 -25.42
N PRO C 160 18.51 -4.85 -25.93
CA PRO C 160 18.83 -6.26 -26.16
C PRO C 160 19.41 -6.58 -27.52
N SER C 161 19.84 -5.58 -28.28
CA SER C 161 20.25 -5.81 -29.67
C SER C 161 21.49 -6.70 -29.75
N THR C 162 22.45 -6.48 -28.87
CA THR C 162 23.75 -7.12 -28.99
C THR C 162 24.19 -7.62 -27.62
N PRO C 163 24.88 -8.76 -27.54
CA PRO C 163 25.20 -9.33 -26.22
C PRO C 163 25.92 -8.40 -25.26
N GLU C 164 26.90 -7.60 -25.70
CA GLU C 164 27.51 -6.67 -24.76
C GLU C 164 26.59 -5.48 -24.47
N GLN C 165 25.71 -5.14 -25.41
CA GLN C 165 24.64 -4.20 -25.09
C GLN C 165 23.74 -4.77 -24.00
N VAL C 166 23.45 -6.07 -24.06
CA VAL C 166 22.68 -6.72 -23.02
C VAL C 166 23.42 -6.65 -21.69
N SER C 167 24.73 -6.90 -21.71
CA SER C 167 25.51 -6.87 -20.48
C SER C 167 25.50 -5.47 -19.86
N SER C 168 25.69 -4.44 -20.68
CA SER C 168 25.66 -3.07 -20.15
C SER C 168 24.28 -2.71 -19.64
N SER C 169 23.22 -3.14 -20.33
CA SER C 169 21.87 -2.85 -19.87
C SER C 169 21.58 -3.54 -18.54
N VAL C 170 22.06 -4.77 -18.38
CA VAL C 170 21.87 -5.49 -17.12
C VAL C 170 22.64 -4.81 -16.00
N ASN C 171 23.86 -4.36 -16.28
CA ASN C 171 24.63 -3.62 -15.28
C ASN C 171 23.91 -2.34 -14.88
N ASN C 172 23.33 -1.64 -15.85
CA ASN C 172 22.57 -0.43 -15.55
C ASN C 172 21.35 -0.75 -14.70
N LEU C 173 20.68 -1.87 -14.98
CA LEU C 173 19.53 -2.27 -14.17
C LEU C 173 19.95 -2.57 -12.74
N LEU C 174 21.07 -3.27 -12.55
CA LEU C 174 21.54 -3.56 -11.20
C LEU C 174 21.91 -2.27 -10.45
N ARG C 175 22.58 -1.35 -11.14
CA ARG C 175 22.90 -0.07 -10.50
C ARG C 175 21.64 0.70 -10.14
N ASP C 176 20.62 0.64 -11.00
CA ASP C 176 19.38 1.34 -10.72
C ASP C 176 18.65 0.74 -9.52
N VAL C 177 18.67 -0.59 -9.39
CA VAL C 177 18.04 -1.20 -8.23
C VAL C 177 18.82 -0.86 -6.96
N LEU C 178 20.14 -0.83 -7.03
CA LEU C 178 20.94 -0.40 -5.88
C LEU C 178 20.62 1.05 -5.51
N TYR C 179 20.49 1.91 -6.51
CA TYR C 179 20.11 3.30 -6.28
C TYR C 179 18.75 3.41 -5.61
N ALA C 180 17.79 2.61 -6.08
CA ALA C 180 16.45 2.63 -5.50
C ALA C 180 16.47 2.17 -4.05
N PHE C 181 17.26 1.14 -3.76
CA PHE C 181 17.41 0.69 -2.37
C PHE C 181 18.01 1.79 -1.51
N LEU C 182 19.03 2.48 -2.02
CA LEU C 182 19.66 3.55 -1.26
C LEU C 182 18.67 4.68 -0.98
N GLY C 183 17.92 5.08 -2.01
CA GLY C 183 16.95 6.15 -1.82
C GLY C 183 15.85 5.78 -0.84
N SER C 184 15.35 4.54 -0.92
CA SER C 184 14.34 4.09 0.01
C SER C 184 14.87 4.02 1.43
N ALA C 185 16.11 3.54 1.61
CA ALA C 185 16.70 3.48 2.93
C ALA C 185 16.83 4.88 3.51
N PHE C 186 17.32 5.83 2.73
CA PHE C 186 17.45 7.20 3.21
C PHE C 186 16.09 7.81 3.55
N ALA C 187 15.09 7.59 2.69
CA ALA C 187 13.77 8.15 2.94
C ALA C 187 13.16 7.59 4.21
N ILE C 188 13.24 6.28 4.41
CA ILE C 188 12.66 5.67 5.61
C ILE C 188 13.43 6.08 6.85
N PHE C 189 14.76 6.23 6.74
CA PHE C 189 15.55 6.70 7.87
C PHE C 189 15.14 8.10 8.29
N ALA C 190 15.01 9.01 7.32
CA ALA C 190 14.61 10.36 7.66
C ALA C 190 13.17 10.39 8.17
N SER C 191 12.32 9.51 7.65
CA SER C 191 10.94 9.46 8.13
C SER C 191 10.87 9.03 9.59
N ILE C 192 11.60 7.98 9.96
CA ILE C 192 11.54 7.54 11.36
C ILE C 192 12.25 8.52 12.27
N LEU C 193 13.31 9.19 11.78
CA LEU C 193 13.95 10.23 12.58
C LEU C 193 13.02 11.40 12.82
N VAL C 194 12.28 11.82 11.79
CA VAL C 194 11.29 12.88 11.94
C VAL C 194 10.21 12.46 12.90
N THR C 195 9.74 11.21 12.80
CA THR C 195 8.72 10.72 13.71
C THR C 195 9.20 10.76 15.16
N TRP C 196 10.41 10.26 15.40
CA TRP C 196 10.95 10.28 16.75
C TRP C 196 11.05 11.70 17.30
N LEU C 197 11.67 12.60 16.54
CA LEU C 197 11.86 13.97 17.00
C LEU C 197 10.53 14.66 17.22
N GLU C 198 9.59 14.49 16.28
CA GLU C 198 8.29 15.13 16.36
C GLU C 198 7.51 14.67 17.58
N LYS C 199 7.42 13.35 17.78
CA LYS C 199 6.63 12.84 18.88
C LYS C 199 7.26 13.18 20.22
N LEU C 200 8.60 13.13 20.30
CA LEU C 200 9.25 13.52 21.54
C LEU C 200 9.01 15.00 21.84
N SER C 201 9.10 15.85 20.81
CA SER C 201 8.85 17.28 21.00
C SER C 201 7.42 17.53 21.43
N ILE C 202 6.45 16.86 20.81
CA ILE C 202 5.05 17.14 21.14
C ILE C 202 4.73 16.64 22.55
N ALA C 203 5.31 15.50 22.95
CA ALA C 203 5.11 15.01 24.31
C ALA C 203 5.70 15.97 25.33
N LYS C 204 6.93 16.46 25.08
CA LYS C 204 7.54 17.41 26.01
C LYS C 204 6.76 18.71 26.06
N SER C 205 6.25 19.17 24.91
CA SER C 205 5.44 20.37 24.88
C SER C 205 4.19 20.22 25.72
N TYR C 206 3.51 19.06 25.61
CA TYR C 206 2.32 18.84 26.41
C TYR C 206 2.66 18.78 27.89
N LYS C 207 3.77 18.12 28.24
CA LYS C 207 4.19 18.05 29.64
C LYS C 207 4.44 19.43 30.23
N TYR C 208 5.20 20.26 29.51
CA TYR C 208 5.57 21.55 30.07
C TYR C 208 4.41 22.55 30.00
N LEU C 209 3.51 22.42 29.03
CA LEU C 209 2.31 23.23 29.05
C LEU C 209 1.42 22.85 30.23
N GLU C 210 1.35 21.55 30.55
CA GLU C 210 0.61 21.14 31.74
C GLU C 210 1.21 21.73 33.00
N LYS C 211 2.54 21.70 33.11
CA LYS C 211 3.18 22.29 34.28
C LYS C 211 2.91 23.79 34.36
N PHE C 212 2.94 24.48 33.23
CA PHE C 212 2.70 25.92 33.20
C PHE C 212 1.26 26.25 33.61
N THR C 213 0.29 25.54 33.04
CA THR C 213 -1.11 25.82 33.39
C THR C 213 -1.42 25.41 34.82
N ALA C 214 -0.73 24.39 35.34
CA ALA C 214 -0.85 24.07 36.76
C ALA C 214 -0.30 25.18 37.62
N ALA C 215 0.80 25.81 37.17
CA ALA C 215 1.34 26.95 37.89
C ALA C 215 0.35 28.12 37.92
N LEU C 216 -0.30 28.40 36.79
CA LEU C 216 -1.35 29.41 36.79
C LEU C 216 -2.55 28.99 37.64
N ASP C 217 -2.94 27.72 37.57
CA ASP C 217 -4.10 27.26 38.32
C ASP C 217 -3.88 27.34 39.83
N SER C 218 -2.63 27.34 40.28
CA SER C 218 -2.34 27.41 41.70
C SER C 218 -2.46 28.82 42.27
N LEU C 219 -2.52 29.85 41.42
CA LEU C 219 -2.53 31.22 41.92
C LEU C 219 -3.90 31.62 42.46
N TYR C 220 -4.98 31.02 41.96
CA TYR C 220 -6.33 31.47 42.26
C TYR C 220 -7.20 30.30 42.64
N ASP C 221 -8.24 30.58 43.41
CA ASP C 221 -9.14 29.56 43.93
C ASP C 221 -10.47 29.62 43.20
N SER C 222 -11.14 28.48 43.15
CA SER C 222 -12.42 28.34 42.46
C SER C 222 -13.56 28.27 43.45
N GLY C 223 -14.78 28.13 42.92
CA GLY C 223 -15.96 28.02 43.74
C GLY C 223 -16.50 29.33 44.26
N VAL C 224 -16.22 30.45 43.59
CA VAL C 224 -16.68 31.74 44.07
C VAL C 224 -18.19 31.88 43.93
N GLY C 225 -18.78 31.31 42.88
CA GLY C 225 -20.22 31.44 42.68
C GLY C 225 -21.03 30.73 43.75
N GLU C 226 -20.60 29.52 44.14
CA GLU C 226 -21.27 28.81 45.21
C GLU C 226 -21.16 29.56 46.53
N GLU C 227 -20.00 30.17 46.79
CA GLU C 227 -19.84 30.98 47.99
C GLU C 227 -20.76 32.18 47.96
N TYR C 228 -20.91 32.82 46.80
CA TYR C 228 -21.82 33.95 46.69
C TYR C 228 -23.26 33.52 46.95
N LEU C 229 -23.67 32.38 46.40
CA LEU C 229 -25.03 31.90 46.63
C LEU C 229 -25.26 31.55 48.10
N ALA C 230 -24.26 30.94 48.75
CA ALA C 230 -24.37 30.64 50.17
C ALA C 230 -24.50 31.92 50.99
N SER C 231 -23.71 32.94 50.64
CA SER C 231 -23.84 34.23 51.31
C SER C 231 -25.22 34.82 51.10
N LEU C 232 -25.77 34.70 49.90
CA LEU C 232 -27.11 35.23 49.64
C LEU C 232 -28.17 34.51 50.46
N VAL C 233 -28.07 33.18 50.56
CA VAL C 233 -29.04 32.43 51.36
C VAL C 233 -28.96 32.81 52.82
N LYS C 234 -27.73 32.89 53.35
CA LYS C 234 -27.57 33.28 54.75
C LYS C 234 -28.08 34.70 54.98
N SER C 235 -27.83 35.60 54.03
CA SER C 235 -28.32 36.97 54.15
C SER C 235 -29.84 37.02 54.14
N SER C 236 -30.48 36.20 53.32
CA SER C 236 -31.94 36.17 53.29
C SER C 236 -32.51 35.72 54.63
N ASN C 237 -31.96 34.64 55.18
CA ASN C 237 -32.43 34.17 56.48
C ASN C 237 -32.20 35.22 57.57
N GLU C 238 -30.99 35.80 57.59
CA GLU C 238 -30.69 36.83 58.57
C GLU C 238 -31.55 38.07 58.38
N SER C 239 -31.94 38.37 57.15
CA SER C 239 -32.79 39.53 56.91
C SER C 239 -34.20 39.28 57.44
N ALA C 240 -34.71 38.07 57.29
CA ALA C 240 -35.99 37.73 57.91
C ALA C 240 -35.92 37.92 59.42
N THR C 241 -34.90 37.34 60.05
CA THR C 241 -34.77 37.46 61.50
C THR C 241 -34.60 38.92 61.93
N GLN C 242 -33.80 39.68 61.17
CA GLN C 242 -33.55 41.08 61.52
C GLN C 242 -34.80 41.92 61.35
N ALA C 243 -35.62 41.63 60.34
CA ALA C 243 -36.88 42.36 60.19
C ALA C 243 -37.79 42.11 61.38
N ARG C 244 -37.89 40.85 61.82
CA ARG C 244 -38.73 40.58 62.99
C ARG C 244 -38.19 41.28 64.23
N HIS C 245 -36.88 41.21 64.45
CA HIS C 245 -36.28 41.84 65.62
C HIS C 245 -36.43 43.35 65.57
N MET D 1 -16.99 -21.79 -14.85
CA MET D 1 -18.02 -20.94 -15.42
C MET D 1 -17.55 -20.32 -16.74
N SER D 2 -18.43 -20.33 -17.73
CA SER D 2 -18.08 -19.79 -19.04
C SER D 2 -17.85 -18.28 -18.97
N TRP D 3 -18.68 -17.57 -18.20
CA TRP D 3 -18.53 -16.13 -18.09
C TRP D 3 -17.18 -15.76 -17.45
N LEU D 4 -16.78 -16.50 -16.42
CA LEU D 4 -15.49 -16.23 -15.79
C LEU D 4 -14.33 -16.51 -16.75
N ASN D 5 -14.43 -17.57 -17.55
CA ASN D 5 -13.39 -17.85 -18.53
C ASN D 5 -13.32 -16.75 -19.59
N SER D 6 -14.48 -16.27 -20.06
CA SER D 6 -14.49 -15.17 -21.01
C SER D 6 -13.89 -13.91 -20.41
N ILE D 7 -14.23 -13.61 -19.16
CA ILE D 7 -13.68 -12.43 -18.51
C ILE D 7 -12.17 -12.56 -18.36
N LEU D 8 -11.70 -13.73 -17.97
CA LEU D 8 -10.25 -13.94 -17.82
C LEU D 8 -9.53 -13.81 -19.16
N VAL D 9 -10.09 -14.37 -20.22
CA VAL D 9 -9.39 -14.33 -21.51
C VAL D 9 -9.40 -12.91 -22.08
N THR D 10 -10.46 -12.15 -21.81
CA THR D 10 -10.46 -10.77 -22.30
C THR D 10 -9.55 -9.88 -21.44
N LEU D 11 -9.42 -10.18 -20.15
CA LEU D 11 -8.52 -9.39 -19.31
C LEU D 11 -7.06 -9.74 -19.52
N THR D 12 -6.76 -10.96 -19.95
CA THR D 12 -5.40 -11.33 -20.31
C THR D 12 -4.97 -10.74 -21.64
N SER D 13 -5.91 -10.51 -22.55
CA SER D 13 -5.62 -10.01 -23.88
C SER D 13 -5.57 -8.50 -23.97
N VAL D 14 -5.76 -7.79 -22.86
CA VAL D 14 -5.64 -6.33 -22.87
C VAL D 14 -4.21 -5.93 -23.15
N GLU D 15 -4.03 -4.94 -24.00
CA GLU D 15 -2.70 -4.43 -24.30
C GLU D 15 -2.06 -3.89 -23.03
N PRO D 16 -0.80 -4.21 -22.75
CA PRO D 16 -0.19 -3.77 -21.48
C PRO D 16 -0.15 -2.27 -21.32
N TYR D 17 -0.04 -1.51 -22.40
CA TYR D 17 0.10 -0.06 -22.28
C TYR D 17 -1.20 0.63 -21.93
N LYS D 18 -2.34 -0.05 -22.06
CA LYS D 18 -3.61 0.61 -21.75
C LYS D 18 -3.83 0.77 -20.26
N VAL D 19 -3.26 -0.11 -19.45
CA VAL D 19 -3.41 -0.05 -18.00
C VAL D 19 -2.77 1.22 -17.44
N PRO D 20 -1.52 1.55 -17.78
CA PRO D 20 -0.97 2.83 -17.29
C PRO D 20 -1.72 4.05 -17.80
N VAL D 21 -2.24 4.01 -19.02
CA VAL D 21 -3.02 5.13 -19.52
C VAL D 21 -4.29 5.31 -18.69
N THR D 22 -4.97 4.20 -18.38
CA THR D 22 -6.16 4.28 -17.54
C THR D 22 -5.82 4.79 -16.15
N VAL D 23 -4.71 4.31 -15.57
CA VAL D 23 -4.28 4.81 -14.26
C VAL D 23 -4.04 6.30 -14.32
N ILE D 24 -3.33 6.76 -15.34
CA ILE D 24 -2.99 8.17 -15.44
C ILE D 24 -4.25 9.02 -15.62
N VAL D 25 -5.17 8.58 -16.48
CA VAL D 25 -6.39 9.35 -16.71
C VAL D 25 -7.22 9.44 -15.45
N THR D 26 -7.40 8.31 -14.75
CA THR D 26 -8.23 8.29 -13.55
C THR D 26 -7.60 9.09 -12.42
N VAL D 27 -6.29 8.97 -12.24
CA VAL D 27 -5.59 9.72 -11.19
C VAL D 27 -5.58 11.21 -11.51
N THR D 28 -5.43 11.57 -12.78
CA THR D 28 -5.49 12.98 -13.16
C THR D 28 -6.88 13.55 -12.95
N PHE D 29 -7.93 12.77 -13.24
CA PHE D 29 -9.27 13.24 -12.94
C PHE D 29 -9.48 13.42 -11.45
N ALA D 30 -8.98 12.49 -10.64
CA ALA D 30 -9.08 12.64 -9.19
C ALA D 30 -8.32 13.87 -8.70
N PHE D 31 -7.15 14.14 -9.30
CA PHE D 31 -6.39 15.31 -8.91
C PHE D 31 -7.08 16.61 -9.30
N VAL D 32 -7.70 16.63 -10.48
CA VAL D 32 -8.43 17.81 -10.91
C VAL D 32 -9.63 18.04 -9.99
N CYS D 33 -10.33 16.97 -9.63
CA CYS D 33 -11.42 17.10 -8.67
C CYS D 33 -10.92 17.59 -7.31
N PHE D 34 -9.76 17.10 -6.88
CA PHE D 34 -9.16 17.58 -5.62
C PHE D 34 -8.88 19.07 -5.69
N ILE D 35 -8.26 19.52 -6.78
CA ILE D 35 -7.94 20.94 -6.93
C ILE D 35 -9.20 21.78 -6.93
N PHE D 36 -10.24 21.33 -7.64
CA PHE D 36 -11.44 22.14 -7.76
C PHE D 36 -12.25 22.16 -6.47
N PHE D 37 -12.43 21.01 -5.83
CA PHE D 37 -13.34 20.89 -4.71
C PHE D 37 -12.69 21.12 -3.35
N TYR D 38 -11.37 21.03 -3.25
CA TYR D 38 -10.71 21.20 -1.96
C TYR D 38 -9.74 22.37 -1.96
N LEU D 39 -8.78 22.40 -2.88
CA LEU D 39 -7.70 23.38 -2.79
C LEU D 39 -8.18 24.79 -3.06
N LEU D 40 -8.92 24.99 -4.15
CA LEU D 40 -9.42 26.32 -4.45
C LEU D 40 -10.43 26.78 -3.39
N ARG D 41 -11.27 25.88 -2.92
CA ARG D 41 -12.22 26.23 -1.86
C ARG D 41 -11.49 26.57 -0.57
N SER D 42 -10.42 25.84 -0.25
CA SER D 42 -9.66 26.17 0.95
C SER D 42 -8.98 27.52 0.82
N ILE D 43 -8.46 27.84 -0.36
CA ILE D 43 -7.86 29.15 -0.58
C ILE D 43 -8.91 30.25 -0.41
N ARG D 44 -10.10 30.05 -0.98
CA ARG D 44 -11.17 31.03 -0.83
C ARG D 44 -11.57 31.19 0.63
N ILE D 45 -11.69 30.08 1.35
CA ILE D 45 -12.06 30.12 2.77
C ILE D 45 -11.01 30.89 3.57
N ILE D 46 -9.73 30.62 3.30
CA ILE D 46 -8.66 31.31 4.02
C ILE D 46 -8.68 32.81 3.73
N TYR D 47 -8.86 33.18 2.47
CA TYR D 47 -8.91 34.60 2.11
C TYR D 47 -10.11 35.28 2.77
N GLY D 48 -11.26 34.62 2.76
CA GLY D 48 -12.43 35.18 3.41
C GLY D 48 -12.25 35.34 4.92
N LEU D 49 -11.60 34.35 5.55
CA LEU D 49 -11.34 34.44 6.98
C LEU D 49 -10.40 35.60 7.29
N LYS D 50 -9.36 35.79 6.47
CA LYS D 50 -8.47 36.92 6.69
C LYS D 50 -9.20 38.25 6.50
N LYS D 51 -10.07 38.33 5.49
CA LYS D 51 -10.84 39.55 5.28
C LYS D 51 -11.76 39.84 6.45
N TYR D 52 -12.44 38.80 6.98
CA TYR D 52 -13.29 38.97 8.15
C TYR D 52 -12.47 39.44 9.35
N THR D 53 -11.29 38.84 9.56
CA THR D 53 -10.46 39.21 10.69
C THR D 53 -10.00 40.66 10.59
N ARG D 54 -9.61 41.11 9.39
CA ARG D 54 -9.25 42.51 9.23
C ARG D 54 -10.43 43.42 9.50
N SER D 55 -11.63 43.02 9.08
CA SER D 55 -12.82 43.81 9.36
C SER D 55 -13.09 43.90 10.85
N ILE D 56 -12.91 42.81 11.58
CA ILE D 56 -13.16 42.82 13.02
C ILE D 56 -12.13 43.66 13.75
N ASN D 57 -10.86 43.58 13.34
CA ASN D 57 -9.82 44.36 14.00
C ASN D 57 -9.94 45.86 13.75
N SER D 58 -10.80 46.28 12.84
CA SER D 58 -11.00 47.70 12.56
C SER D 58 -11.99 48.35 13.51
N ILE D 59 -12.65 47.58 14.38
CA ILE D 59 -13.61 48.13 15.31
C ILE D 59 -13.22 47.76 16.73
N GLU D 60 -11.92 47.60 16.98
CA GLU D 60 -11.46 47.33 18.33
C GLU D 60 -11.78 48.48 19.27
N LYS D 61 -11.61 49.72 18.80
CA LYS D 61 -11.73 50.92 19.62
C LYS D 61 -12.94 51.75 19.22
N SER D 62 -14.05 51.09 18.90
CA SER D 62 -15.29 51.76 18.53
C SER D 62 -16.34 51.56 19.62
N ALA D 63 -17.40 52.35 19.55
CA ALA D 63 -18.47 52.26 20.51
C ALA D 63 -19.20 50.91 20.36
N PRO D 64 -19.73 50.36 21.47
CA PRO D 64 -20.34 49.03 21.38
C PRO D 64 -21.48 48.91 20.39
N GLU D 65 -22.35 49.93 20.31
CA GLU D 65 -23.45 49.87 19.35
C GLU D 65 -22.92 49.92 17.91
N VAL D 66 -21.94 50.78 17.66
CA VAL D 66 -21.31 50.83 16.34
C VAL D 66 -20.64 49.51 16.02
N GLN D 67 -19.99 48.91 17.02
CA GLN D 67 -19.36 47.60 16.82
C GLN D 67 -20.37 46.55 16.43
N LEU D 68 -21.50 46.51 17.14
CA LEU D 68 -22.53 45.53 16.84
C LEU D 68 -23.11 45.73 15.44
N GLU D 69 -23.35 46.98 15.06
CA GLU D 69 -23.88 47.25 13.73
C GLU D 69 -22.88 46.86 12.66
N HIS D 70 -21.60 47.16 12.87
CA HIS D 70 -20.58 46.77 11.90
C HIS D 70 -20.50 45.27 11.76
N LEU D 71 -20.52 44.54 12.86
CA LEU D 71 -20.42 43.08 12.79
C LEU D 71 -21.65 42.47 12.14
N LYS D 72 -22.84 43.00 12.45
CA LYS D 72 -24.06 42.52 11.81
C LYS D 72 -24.02 42.76 10.31
N SER D 73 -23.55 43.93 9.89
CA SER D 73 -23.42 44.20 8.46
C SER D 73 -22.38 43.29 7.82
N LEU D 74 -21.29 43.03 8.54
CA LEU D 74 -20.21 42.19 8.00
C LEU D 74 -20.67 40.76 7.77
N PHE D 75 -21.41 40.19 8.71
CA PHE D 75 -21.81 38.79 8.63
C PHE D 75 -23.20 38.57 8.05
N GLN D 76 -23.96 39.63 7.79
CA GLN D 76 -25.35 39.43 7.37
C GLN D 76 -25.46 38.98 5.92
N ARG D 77 -24.58 39.44 5.05
CA ARG D 77 -24.56 39.01 3.65
C ARG D 77 -23.53 37.91 3.44
N SER D 78 -23.75 36.79 4.12
CA SER D 78 -22.77 35.72 4.16
C SER D 78 -23.45 34.44 4.63
N GLU D 79 -22.68 33.35 4.60
CA GLU D 79 -23.13 32.08 5.16
C GLU D 79 -22.91 32.01 6.67
N LEU D 80 -22.19 32.96 7.24
CA LEU D 80 -21.98 33.04 8.68
C LEU D 80 -23.03 33.89 9.38
N LYS D 81 -24.15 34.15 8.70
CA LYS D 81 -25.17 35.03 9.29
C LYS D 81 -25.79 34.41 10.54
N HIS D 82 -26.11 33.12 10.50
CA HIS D 82 -26.73 32.49 11.65
C HIS D 82 -25.73 32.28 12.79
N ALA D 83 -24.49 31.96 12.45
CA ALA D 83 -23.46 31.84 13.48
C ALA D 83 -23.27 33.17 14.19
N TRP D 84 -23.22 34.27 13.44
CA TRP D 84 -23.12 35.58 14.06
C TRP D 84 -24.35 35.90 14.89
N ASN D 85 -25.53 35.53 14.40
CA ASN D 85 -26.74 35.80 15.16
C ASN D 85 -26.73 35.10 16.52
N GLU D 86 -26.34 33.83 16.52
CA GLU D 86 -26.23 33.11 17.79
C GLU D 86 -25.15 33.70 18.68
N PHE D 87 -24.02 34.09 18.11
CA PHE D 87 -22.96 34.70 18.91
C PHE D 87 -23.44 36.00 19.55
N GLU D 88 -24.15 36.82 18.79
CA GLU D 88 -24.68 38.07 19.34
C GLU D 88 -25.75 37.81 20.38
N GLU D 89 -26.51 36.71 20.25
CA GLU D 89 -27.40 36.30 21.33
C GLU D 89 -26.63 35.96 22.59
N SER D 90 -25.47 35.32 22.44
CA SER D 90 -24.63 35.03 23.59
C SER D 90 -24.00 36.28 24.20
N LEU D 91 -24.07 37.42 23.54
CA LEU D 91 -23.52 38.65 24.07
C LEU D 91 -24.49 39.31 25.02
N HIS D 92 -23.99 39.75 26.17
CA HIS D 92 -24.81 40.40 27.19
C HIS D 92 -24.51 41.89 27.16
N SER D 93 -25.51 42.68 26.77
CA SER D 93 -25.38 44.14 26.74
C SER D 93 -25.74 44.70 28.11
N GLN D 94 -24.83 45.46 28.70
CA GLN D 94 -25.09 46.13 29.96
C GLN D 94 -25.60 47.53 29.69
N TYR D 95 -26.70 47.90 30.35
CA TYR D 95 -27.37 49.17 30.14
C TYR D 95 -27.21 50.08 31.35
N GLU D 96 -27.09 51.37 31.09
CA GLU D 96 -27.10 52.38 32.14
C GLU D 96 -28.01 53.52 31.70
N LEU D 97 -28.83 54.00 32.63
CA LEU D 97 -29.79 55.07 32.36
C LEU D 97 -29.04 56.39 32.30
N GLU D 98 -28.69 56.83 31.09
CA GLU D 98 -27.96 58.07 30.88
C GLU D 98 -28.85 59.05 30.13
N ASN D 99 -29.00 60.25 30.70
CA ASN D 99 -29.85 61.29 30.13
C ASN D 99 -31.28 60.79 29.91
N GLY D 100 -31.75 59.96 30.84
CA GLY D 100 -33.10 59.45 30.78
C GLY D 100 -33.35 58.40 29.72
N GLU D 101 -32.30 57.88 29.08
CA GLU D 101 -32.42 56.89 28.03
C GLU D 101 -31.55 55.69 28.36
N GLU D 102 -32.07 54.49 28.09
CA GLU D 102 -31.32 53.27 28.32
C GLU D 102 -30.35 53.05 27.17
N LYS D 103 -29.05 53.07 27.50
CA LYS D 103 -27.99 53.01 26.50
C LYS D 103 -27.06 51.87 26.82
N ILE D 104 -26.49 51.27 25.78
CA ILE D 104 -25.52 50.18 25.95
C ILE D 104 -24.18 50.79 26.32
N VAL D 105 -23.72 50.52 27.53
CA VAL D 105 -22.42 51.02 27.98
C VAL D 105 -21.32 49.98 27.83
N ARG D 106 -21.64 48.69 27.88
CA ARG D 106 -20.65 47.64 27.78
C ARG D 106 -21.33 46.39 27.25
N ILE D 107 -20.55 45.56 26.56
CA ILE D 107 -21.01 44.28 26.05
C ILE D 107 -20.10 43.20 26.61
N ARG D 108 -20.69 42.16 27.18
CA ARG D 108 -19.95 41.11 27.85
C ARG D 108 -20.14 39.79 27.12
N ALA D 109 -19.04 39.06 26.96
CA ALA D 109 -19.09 37.74 26.36
C ALA D 109 -19.48 36.71 27.39
N THR D 110 -20.43 35.86 27.05
CA THR D 110 -20.84 34.76 27.93
C THR D 110 -20.46 33.40 27.37
N ALA D 111 -19.89 33.34 26.18
CA ALA D 111 -19.46 32.10 25.56
C ALA D 111 -18.38 32.41 24.55
N PRO D 112 -17.44 31.50 24.31
CA PRO D 112 -16.41 31.75 23.30
C PRO D 112 -17.01 31.74 21.91
N SER D 113 -16.38 32.50 21.01
CA SER D 113 -16.86 32.58 19.64
C SER D 113 -16.57 31.32 18.85
N ALA D 114 -15.65 30.48 19.32
CA ALA D 114 -15.38 29.22 18.65
C ALA D 114 -16.57 28.26 18.72
N SER D 115 -17.44 28.42 19.70
CA SER D 115 -18.61 27.57 19.84
C SER D 115 -19.69 27.85 18.80
N PHE D 116 -19.63 29.00 18.14
CA PHE D 116 -20.57 29.35 17.08
C PHE D 116 -19.93 29.35 15.70
N PHE D 117 -18.70 29.83 15.60
CA PHE D 117 -17.92 29.75 14.36
C PHE D 117 -16.99 28.55 14.44
N SER D 118 -17.61 27.37 14.43
CA SER D 118 -16.93 26.11 14.66
C SER D 118 -16.07 25.72 13.46
N GLU D 119 -15.17 24.76 13.69
CA GLU D 119 -14.32 24.28 12.61
C GLU D 119 -15.11 23.42 11.63
N GLN D 120 -16.06 22.63 12.12
CA GLN D 120 -16.80 21.75 11.24
C GLN D 120 -17.67 22.54 10.26
N GLN D 121 -18.32 23.60 10.73
CA GLN D 121 -19.29 24.28 9.89
C GLN D 121 -18.63 25.34 9.01
N LEU D 122 -17.40 25.72 9.30
CA LEU D 122 -16.68 26.70 8.49
C LEU D 122 -15.60 26.11 7.59
N VAL D 123 -15.04 24.96 7.95
CA VAL D 123 -13.90 24.40 7.21
C VAL D 123 -14.19 22.97 6.78
N ASP D 124 -14.56 22.11 7.73
CA ASP D 124 -14.66 20.68 7.45
C ASP D 124 -15.79 20.38 6.47
N ILE D 125 -16.99 20.86 6.74
CA ILE D 125 -18.11 20.61 5.84
C ILE D 125 -17.90 21.25 4.47
N PRO D 126 -17.52 22.53 4.35
CA PRO D 126 -17.31 23.09 3.01
C PRO D 126 -16.24 22.36 2.21
N LEU D 127 -15.15 21.95 2.85
CA LEU D 127 -14.04 21.34 2.13
C LEU D 127 -14.19 19.84 1.94
N ASN D 128 -15.21 19.22 2.54
CA ASN D 128 -15.35 17.77 2.51
C ASN D 128 -14.09 17.08 3.02
N THR D 129 -13.53 17.60 4.11
CA THR D 129 -12.31 17.03 4.66
C THR D 129 -12.50 15.59 5.12
N GLU D 130 -13.76 15.19 5.38
CA GLU D 130 -14.02 13.80 5.73
C GLU D 130 -13.64 12.85 4.61
N PHE D 131 -13.93 13.23 3.37
CA PHE D 131 -13.57 12.39 2.23
C PHE D 131 -12.12 12.62 1.81
N PHE D 132 -11.70 13.87 1.71
CA PHE D 132 -10.41 14.18 1.09
C PHE D 132 -9.22 13.75 1.91
N LYS D 133 -9.41 13.39 3.19
CA LYS D 133 -8.33 12.73 3.91
C LYS D 133 -8.14 11.29 3.49
N HIS D 134 -9.05 10.76 2.68
CA HIS D 134 -8.94 9.40 2.15
C HIS D 134 -8.49 9.36 0.70
N LEU D 135 -8.44 10.50 0.01
CA LEU D 135 -8.06 10.50 -1.39
C LEU D 135 -6.65 9.96 -1.66
N PRO D 136 -5.61 10.28 -0.87
CA PRO D 136 -4.32 9.63 -1.11
C PRO D 136 -4.39 8.11 -1.07
N GLY D 137 -5.19 7.55 -0.16
CA GLY D 137 -5.40 6.11 -0.17
C GLY D 137 -6.13 5.64 -1.42
N ILE D 138 -7.09 6.42 -1.90
CA ILE D 138 -7.80 6.06 -3.13
C ILE D 138 -6.82 5.97 -4.30
N LEU D 139 -5.94 6.96 -4.40
CA LEU D 139 -4.94 6.96 -5.47
C LEU D 139 -3.97 5.79 -5.31
N THR D 140 -3.60 5.46 -4.07
CA THR D 140 -2.75 4.31 -3.82
C THR D 140 -3.43 3.01 -4.26
N GLY D 141 -4.74 2.90 -4.01
CA GLY D 141 -5.47 1.72 -4.45
C GLY D 141 -5.55 1.62 -5.96
N MET D 142 -5.77 2.74 -6.64
CA MET D 142 -5.72 2.71 -8.10
C MET D 142 -4.35 2.27 -8.59
N GLY D 143 -3.30 2.79 -7.95
CA GLY D 143 -1.96 2.40 -8.35
C GLY D 143 -1.68 0.93 -8.16
N ILE D 144 -2.12 0.36 -7.03
CA ILE D 144 -1.86 -1.06 -6.80
C ILE D 144 -2.68 -1.92 -7.77
N ILE D 145 -3.91 -1.53 -8.08
CA ILE D 145 -4.69 -2.28 -9.05
C ILE D 145 -3.97 -2.29 -10.40
N GLY D 146 -3.58 -1.11 -10.88
CA GLY D 146 -2.91 -1.03 -12.17
C GLY D 146 -1.60 -1.78 -12.19
N THR D 147 -0.81 -1.67 -11.13
CA THR D 147 0.49 -2.32 -11.09
C THR D 147 0.36 -3.82 -11.06
N PHE D 148 -0.50 -4.35 -10.20
CA PHE D 148 -0.67 -5.80 -10.12
C PHE D 148 -1.20 -6.34 -11.43
N TYR D 149 -2.15 -5.63 -12.05
CA TYR D 149 -2.69 -6.10 -13.32
C TYR D 149 -1.61 -6.12 -14.40
N GLY D 150 -0.82 -5.05 -14.49
CA GLY D 150 0.23 -4.99 -15.49
C GLY D 150 1.31 -6.03 -15.28
N LEU D 151 1.68 -6.27 -14.02
CA LEU D 151 2.70 -7.27 -13.73
C LEU D 151 2.17 -8.68 -14.01
N MET D 152 0.88 -8.93 -13.74
CA MET D 152 0.28 -10.19 -14.13
C MET D 152 0.30 -10.37 -15.65
N ILE D 153 -0.02 -9.33 -16.40
CA ILE D 153 0.03 -9.43 -17.86
C ILE D 153 1.45 -9.74 -18.31
N GLY D 154 2.43 -9.04 -17.74
CA GLY D 154 3.82 -9.27 -18.11
C GLY D 154 4.29 -10.68 -17.80
N LEU D 155 3.90 -11.21 -16.64
CA LEU D 155 4.32 -12.57 -16.30
C LEU D 155 3.58 -13.61 -17.14
N ASN D 156 2.32 -13.35 -17.49
CA ASN D 156 1.59 -14.26 -18.36
C ASN D 156 2.25 -14.34 -19.74
N HIS D 157 2.69 -13.20 -20.26
CA HIS D 157 3.33 -13.23 -21.57
C HIS D 157 4.75 -13.80 -21.51
N PHE D 158 5.36 -13.86 -20.34
CA PHE D 158 6.75 -14.29 -20.21
C PHE D 158 6.80 -15.81 -20.09
N ASP D 159 7.30 -16.47 -21.12
CA ASP D 159 7.42 -17.92 -21.13
C ASP D 159 8.45 -18.36 -22.16
N PRO D 160 9.73 -18.40 -21.80
CA PRO D 160 10.74 -18.83 -22.77
C PRO D 160 10.69 -20.33 -23.01
N SER D 161 10.17 -20.73 -24.18
CA SER D 161 10.03 -22.15 -24.48
C SER D 161 11.37 -22.81 -24.73
N THR D 162 12.31 -22.09 -25.32
CA THR D 162 13.66 -22.56 -25.58
C THR D 162 14.65 -21.52 -25.09
N PRO D 163 15.89 -21.93 -24.80
CA PRO D 163 16.90 -20.94 -24.38
C PRO D 163 17.19 -19.88 -25.42
N GLU D 164 16.87 -20.13 -26.69
CA GLU D 164 17.01 -19.10 -27.70
C GLU D 164 15.95 -18.02 -27.60
N GLN D 165 14.84 -18.30 -26.92
CA GLN D 165 13.78 -17.33 -26.74
C GLN D 165 13.89 -16.54 -25.45
N VAL D 166 14.98 -16.72 -24.69
CA VAL D 166 15.13 -16.02 -23.42
C VAL D 166 15.25 -14.53 -23.65
N SER D 167 16.00 -14.11 -24.67
CA SER D 167 16.26 -12.69 -24.88
C SER D 167 14.97 -11.93 -25.18
N SER D 168 14.17 -12.44 -26.12
CA SER D 168 12.92 -11.77 -26.48
C SER D 168 11.94 -11.74 -25.32
N SER D 169 11.84 -12.85 -24.59
CA SER D 169 10.96 -12.90 -23.43
C SER D 169 11.38 -11.88 -22.38
N VAL D 170 12.69 -11.77 -22.13
CA VAL D 170 13.18 -10.80 -21.16
C VAL D 170 12.87 -9.38 -21.61
N ASN D 171 13.08 -9.09 -22.89
CA ASN D 171 12.82 -7.75 -23.40
C ASN D 171 11.34 -7.38 -23.25
N ASN D 172 10.45 -8.28 -23.66
CA ASN D 172 9.02 -7.99 -23.57
C ASN D 172 8.57 -7.87 -22.12
N LEU D 173 9.11 -8.72 -21.23
CA LEU D 173 8.79 -8.63 -19.82
C LEU D 173 9.23 -7.29 -19.25
N LEU D 174 10.42 -6.81 -19.64
CA LEU D 174 10.88 -5.53 -19.14
C LEU D 174 9.99 -4.39 -19.64
N ARG D 175 9.51 -4.48 -20.88
CA ARG D 175 8.58 -3.46 -21.37
C ARG D 175 7.29 -3.45 -20.56
N ASP D 176 6.72 -4.63 -20.28
CA ASP D 176 5.49 -4.69 -19.49
C ASP D 176 5.70 -4.18 -18.07
N VAL D 177 6.83 -4.54 -17.46
CA VAL D 177 7.15 -4.04 -16.12
C VAL D 177 7.30 -2.52 -16.15
N LEU D 178 7.88 -1.99 -17.23
CA LEU D 178 8.02 -0.54 -17.36
C LEU D 178 6.65 0.13 -17.37
N TYR D 179 5.69 -0.44 -18.10
CA TYR D 179 4.35 0.12 -18.12
C TYR D 179 3.71 0.11 -16.73
N ALA D 180 3.81 -1.03 -16.04
CA ALA D 180 3.22 -1.13 -14.70
C ALA D 180 3.86 -0.13 -13.74
N PHE D 181 5.19 0.01 -13.81
CA PHE D 181 5.89 0.95 -12.95
C PHE D 181 5.51 2.38 -13.26
N LEU D 182 5.31 2.70 -14.54
CA LEU D 182 4.82 4.03 -14.91
C LEU D 182 3.51 4.33 -14.22
N GLY D 183 2.56 3.41 -14.32
CA GLY D 183 1.27 3.63 -13.67
C GLY D 183 1.41 3.84 -12.17
N SER D 184 2.19 2.99 -11.52
CA SER D 184 2.32 3.10 -10.06
C SER D 184 3.03 4.37 -9.65
N ALA D 185 4.07 4.76 -10.39
CA ALA D 185 4.80 5.98 -10.07
C ALA D 185 3.90 7.19 -10.18
N PHE D 186 3.10 7.27 -11.24
CA PHE D 186 2.18 8.40 -11.35
C PHE D 186 1.17 8.41 -10.21
N ALA D 187 0.59 7.25 -9.91
CA ALA D 187 -0.45 7.21 -8.88
C ALA D 187 0.11 7.58 -7.51
N ILE D 188 1.29 7.06 -7.16
CA ILE D 188 1.85 7.34 -5.84
C ILE D 188 2.37 8.77 -5.77
N PHE D 189 2.90 9.32 -6.87
CA PHE D 189 3.29 10.72 -6.87
C PHE D 189 2.08 11.61 -6.63
N ALA D 190 0.97 11.32 -7.30
CA ALA D 190 -0.24 12.12 -7.07
C ALA D 190 -0.76 11.95 -5.66
N SER D 191 -0.65 10.74 -5.10
CA SER D 191 -1.06 10.52 -3.73
C SER D 191 -0.26 11.38 -2.76
N ILE D 192 1.06 11.39 -2.91
CA ILE D 192 1.91 12.17 -2.02
C ILE D 192 1.67 13.66 -2.20
N LEU D 193 1.51 14.10 -3.45
CA LEU D 193 1.27 15.52 -3.71
C LEU D 193 -0.07 15.96 -3.14
N VAL D 194 -1.10 15.14 -3.27
CA VAL D 194 -2.40 15.45 -2.67
C VAL D 194 -2.28 15.52 -1.16
N THR D 195 -1.59 14.55 -0.55
CA THR D 195 -1.40 14.59 0.90
C THR D 195 -0.75 15.89 1.32
N TRP D 196 0.37 16.25 0.68
CA TRP D 196 1.09 17.46 1.04
C TRP D 196 0.19 18.68 0.90
N LEU D 197 -0.47 18.83 -0.24
CA LEU D 197 -1.27 20.02 -0.50
C LEU D 197 -2.42 20.15 0.49
N GLU D 198 -3.17 19.07 0.70
CA GLU D 198 -4.37 19.22 1.51
C GLU D 198 -4.05 19.28 2.99
N LYS D 199 -2.98 18.63 3.45
CA LYS D 199 -2.54 18.84 4.82
C LYS D 199 -2.09 20.27 5.05
N LEU D 200 -1.29 20.82 4.13
CA LEU D 200 -0.84 22.20 4.30
C LEU D 200 -2.01 23.17 4.30
N SER D 201 -2.96 22.97 3.38
CA SER D 201 -4.11 23.87 3.32
C SER D 201 -5.01 23.73 4.54
N ILE D 202 -5.18 22.52 5.08
CA ILE D 202 -6.03 22.38 6.26
C ILE D 202 -5.34 23.00 7.47
N ALA D 203 -4.01 22.91 7.56
CA ALA D 203 -3.30 23.60 8.63
C ALA D 203 -3.50 25.11 8.53
N LYS D 204 -3.37 25.66 7.33
CA LYS D 204 -3.60 27.10 7.16
C LYS D 204 -5.03 27.48 7.50
N SER D 205 -6.00 26.66 7.09
CA SER D 205 -7.41 26.94 7.38
C SER D 205 -7.65 26.97 8.88
N TYR D 206 -7.11 26.00 9.61
CA TYR D 206 -7.28 25.99 11.06
C TYR D 206 -6.61 27.20 11.70
N LYS D 207 -5.42 27.56 11.22
CA LYS D 207 -4.72 28.73 11.76
C LYS D 207 -5.53 30.01 11.58
N TYR D 208 -6.07 30.22 10.38
CA TYR D 208 -6.79 31.46 10.12
C TYR D 208 -8.17 31.46 10.74
N LEU D 209 -8.79 30.29 10.90
CA LEU D 209 -10.02 30.20 11.68
C LEU D 209 -9.76 30.57 13.13
N GLU D 210 -8.63 30.13 13.68
CA GLU D 210 -8.27 30.53 15.04
C GLU D 210 -8.02 32.03 15.14
N LYS D 211 -7.32 32.61 14.17
CA LYS D 211 -7.12 34.05 14.20
C LYS D 211 -8.46 34.79 14.14
N PHE D 212 -9.39 34.30 13.33
CA PHE D 212 -10.71 34.92 13.23
C PHE D 212 -11.47 34.85 14.55
N THR D 213 -11.59 33.66 15.13
CA THR D 213 -12.34 33.52 16.37
C THR D 213 -11.63 34.15 17.55
N ALA D 214 -10.32 34.36 17.47
CA ALA D 214 -9.63 35.11 18.51
C ALA D 214 -9.87 36.60 18.37
N ALA D 215 -9.96 37.10 17.13
CA ALA D 215 -10.33 38.49 16.93
C ALA D 215 -11.75 38.75 17.43
N LEU D 216 -12.64 37.77 17.25
CA LEU D 216 -13.99 37.91 17.79
C LEU D 216 -13.97 37.94 19.32
N ASP D 217 -13.16 37.08 19.95
CA ASP D 217 -13.12 37.02 21.41
C ASP D 217 -12.42 38.23 22.03
N SER D 218 -11.55 38.91 21.28
CA SER D 218 -10.82 40.04 21.84
C SER D 218 -11.72 41.24 22.08
N LEU D 219 -12.91 41.27 21.47
CA LEU D 219 -13.75 42.46 21.55
C LEU D 219 -14.41 42.59 22.93
N TYR D 220 -14.89 41.48 23.49
CA TYR D 220 -15.79 41.52 24.62
C TYR D 220 -15.24 40.69 25.78
N ASP D 221 -15.56 41.13 26.99
CA ASP D 221 -15.05 40.52 28.21
C ASP D 221 -16.08 39.58 28.82
N SER D 222 -15.60 38.64 29.61
CA SER D 222 -16.45 37.63 30.24
C SER D 222 -16.46 37.83 31.75
N GLY D 223 -17.20 36.96 32.43
CA GLY D 223 -17.29 37.01 33.87
C GLY D 223 -18.33 37.94 34.44
N VAL D 224 -19.39 38.24 33.68
CA VAL D 224 -20.38 39.20 34.16
C VAL D 224 -21.30 38.57 35.20
N GLY D 225 -21.49 37.25 35.15
CA GLY D 225 -22.34 36.61 36.13
C GLY D 225 -21.76 36.66 37.53
N GLU D 226 -20.44 36.45 37.66
CA GLU D 226 -19.80 36.56 38.95
C GLU D 226 -19.86 37.99 39.48
N GLU D 227 -19.72 38.98 38.58
CA GLU D 227 -19.87 40.36 39.00
C GLU D 227 -21.28 40.65 39.50
N TYR D 228 -22.29 40.11 38.82
CA TYR D 228 -23.67 40.29 39.28
C TYR D 228 -23.89 39.63 40.63
N LEU D 229 -23.35 38.44 40.83
CA LEU D 229 -23.49 37.77 42.12
C LEU D 229 -22.78 38.55 43.23
N ALA D 230 -21.60 39.09 42.95
CA ALA D 230 -20.89 39.90 43.93
C ALA D 230 -21.68 41.15 44.27
N SER D 231 -22.28 41.79 43.26
CA SER D 231 -23.11 42.96 43.51
C SER D 231 -24.32 42.59 44.37
N LEU D 232 -24.92 41.43 44.12
CA LEU D 232 -26.07 41.00 44.92
C LEU D 232 -25.66 40.78 46.37
N VAL D 233 -24.49 40.18 46.59
CA VAL D 233 -24.03 39.93 47.96
C VAL D 233 -23.78 41.25 48.68
N LYS D 234 -23.07 42.18 48.02
CA LYS D 234 -22.84 43.48 48.63
C LYS D 234 -24.14 44.19 48.92
N SER D 235 -25.10 44.11 48.00
CA SER D 235 -26.38 44.77 48.19
C SER D 235 -27.14 44.17 49.36
N SER D 236 -27.07 42.85 49.54
CA SER D 236 -27.74 42.24 50.69
C SER D 236 -27.14 42.70 52.01
N ASN D 237 -25.80 42.70 52.10
CA ASN D 237 -25.17 43.17 53.33
C ASN D 237 -25.50 44.63 53.60
N GLU D 238 -25.39 45.46 52.56
CA GLU D 238 -25.72 46.88 52.70
C GLU D 238 -27.18 47.08 53.04
N SER D 239 -28.07 46.19 52.58
CA SER D 239 -29.48 46.34 52.90
C SER D 239 -29.75 46.02 54.36
N ALA D 240 -29.07 45.02 54.91
CA ALA D 240 -29.21 44.76 56.35
C ALA D 240 -28.73 45.96 57.16
N THR D 241 -27.55 46.48 56.82
CA THR D 241 -27.02 47.65 57.52
C THR D 241 -27.94 48.86 57.36
N GLN D 242 -28.48 49.04 56.16
CA GLN D 242 -29.39 50.13 55.86
C GLN D 242 -30.69 50.02 56.66
N ALA D 243 -31.22 48.81 56.79
CA ALA D 243 -32.44 48.62 57.57
C ALA D 243 -32.20 49.01 59.02
N ARG D 244 -31.06 48.59 59.58
CA ARG D 244 -30.75 48.95 60.97
C ARG D 244 -30.65 50.47 61.13
N HIS D 245 -29.91 51.13 60.22
CA HIS D 245 -29.75 52.58 60.36
C HIS D 245 -31.04 53.35 60.09
N MET E 1 2.79 -31.90 10.73
CA MET E 1 1.52 -32.48 11.12
C MET E 1 0.73 -32.94 9.90
N SER E 2 -0.02 -34.04 10.06
CA SER E 2 -0.91 -34.49 8.99
C SER E 2 -2.14 -33.61 8.92
N TRP E 3 -2.52 -32.97 10.03
CA TRP E 3 -3.67 -32.06 10.01
C TRP E 3 -3.42 -30.88 9.08
N LEU E 4 -2.21 -30.31 9.13
CA LEU E 4 -1.91 -29.16 8.29
C LEU E 4 -1.90 -29.55 6.81
N ASN E 5 -1.30 -30.70 6.48
CA ASN E 5 -1.31 -31.15 5.10
C ASN E 5 -2.72 -31.44 4.62
N SER E 6 -3.55 -32.04 5.48
CA SER E 6 -4.93 -32.34 5.10
C SER E 6 -5.72 -31.08 4.84
N ILE E 7 -5.59 -30.08 5.73
CA ILE E 7 -6.34 -28.85 5.50
C ILE E 7 -5.79 -28.11 4.28
N LEU E 8 -4.49 -28.20 4.02
CA LEU E 8 -3.93 -27.56 2.84
C LEU E 8 -4.47 -28.19 1.56
N VAL E 9 -4.48 -29.52 1.48
CA VAL E 9 -4.97 -30.16 0.27
C VAL E 9 -6.49 -29.96 0.15
N THR E 10 -7.18 -29.79 1.28
CA THR E 10 -8.61 -29.48 1.21
C THR E 10 -8.85 -28.08 0.71
N LEU E 11 -8.11 -27.10 1.24
CA LEU E 11 -8.31 -25.71 0.83
C LEU E 11 -7.93 -25.50 -0.63
N THR E 12 -6.83 -26.09 -1.07
CA THR E 12 -6.30 -25.83 -2.40
C THR E 12 -6.91 -26.73 -3.47
N SER E 13 -7.84 -27.61 -3.10
CA SER E 13 -8.53 -28.45 -4.07
C SER E 13 -9.70 -27.74 -4.74
N VAL E 14 -10.10 -26.57 -4.24
CA VAL E 14 -11.20 -25.84 -4.86
C VAL E 14 -10.74 -25.32 -6.22
N GLU E 15 -11.70 -25.17 -7.13
CA GLU E 15 -11.37 -24.66 -8.45
C GLU E 15 -10.92 -23.21 -8.36
N PRO E 16 -9.91 -22.82 -9.13
CA PRO E 16 -9.40 -21.44 -9.03
C PRO E 16 -10.42 -20.37 -9.36
N TYR E 17 -11.47 -20.70 -10.13
CA TYR E 17 -12.50 -19.70 -10.43
C TYR E 17 -13.41 -19.44 -9.25
N LYS E 18 -13.43 -20.32 -8.26
CA LYS E 18 -14.33 -20.15 -7.12
C LYS E 18 -13.83 -19.13 -6.11
N VAL E 19 -12.58 -18.69 -6.22
CA VAL E 19 -12.07 -17.64 -5.35
C VAL E 19 -12.59 -16.28 -5.81
N PRO E 20 -12.42 -15.87 -7.07
CA PRO E 20 -12.97 -14.58 -7.47
C PRO E 20 -14.48 -14.48 -7.33
N VAL E 21 -15.22 -15.56 -7.61
CA VAL E 21 -16.68 -15.47 -7.48
C VAL E 21 -17.08 -15.35 -6.02
N THR E 22 -16.38 -16.03 -5.12
CA THR E 22 -16.67 -15.90 -3.70
C THR E 22 -16.38 -14.49 -3.22
N VAL E 23 -15.22 -13.94 -3.59
CA VAL E 23 -14.87 -12.59 -3.18
C VAL E 23 -15.87 -11.59 -3.73
N ILE E 24 -16.23 -11.73 -5.01
CA ILE E 24 -17.15 -10.80 -5.63
C ILE E 24 -18.53 -10.88 -4.99
N VAL E 25 -19.02 -12.09 -4.72
CA VAL E 25 -20.34 -12.24 -4.11
C VAL E 25 -20.35 -11.67 -2.70
N THR E 26 -19.31 -11.95 -1.91
CA THR E 26 -19.27 -11.44 -0.55
C THR E 26 -19.16 -9.92 -0.53
N VAL E 27 -18.31 -9.36 -1.39
CA VAL E 27 -18.16 -7.91 -1.45
C VAL E 27 -19.44 -7.27 -1.96
N THR E 28 -20.13 -7.91 -2.90
CA THR E 28 -21.38 -7.35 -3.41
C THR E 28 -22.48 -7.41 -2.37
N PHE E 29 -22.52 -8.46 -1.56
CA PHE E 29 -23.53 -8.52 -0.50
C PHE E 29 -23.24 -7.47 0.57
N ALA E 30 -21.96 -7.27 0.90
CA ALA E 30 -21.60 -6.20 1.82
C ALA E 30 -21.95 -4.83 1.25
N PHE E 31 -21.75 -4.65 -0.06
CA PHE E 31 -22.10 -3.39 -0.71
C PHE E 31 -23.60 -3.17 -0.69
N VAL E 32 -24.39 -4.21 -0.93
CA VAL E 32 -25.84 -4.07 -0.90
C VAL E 32 -26.30 -3.74 0.51
N CYS E 33 -25.71 -4.37 1.52
CA CYS E 33 -26.03 -4.03 2.90
C CYS E 33 -25.66 -2.57 3.18
N PHE E 34 -24.51 -2.11 2.70
CA PHE E 34 -24.12 -0.72 2.88
C PHE E 34 -25.14 0.21 2.23
N ILE E 35 -25.55 -0.09 1.01
CA ILE E 35 -26.50 0.76 0.29
C ILE E 35 -27.82 0.83 1.04
N PHE E 36 -28.31 -0.32 1.51
CA PHE E 36 -29.63 -0.36 2.12
C PHE E 36 -29.62 0.28 3.51
N PHE E 37 -28.63 -0.04 4.33
CA PHE E 37 -28.64 0.40 5.73
C PHE E 37 -27.97 1.75 5.95
N TYR E 38 -27.13 2.22 5.04
CA TYR E 38 -26.46 3.50 5.25
C TYR E 38 -26.82 4.51 4.17
N LEU E 39 -26.65 4.18 2.89
CA LEU E 39 -26.84 5.18 1.85
C LEU E 39 -28.30 5.61 1.75
N LEU E 40 -29.21 4.64 1.64
CA LEU E 40 -30.63 4.97 1.55
C LEU E 40 -31.14 5.59 2.85
N ARG E 41 -30.67 5.07 3.98
CA ARG E 41 -31.06 5.64 5.27
C ARG E 41 -30.60 7.08 5.40
N SER E 42 -29.37 7.38 4.98
CA SER E 42 -28.88 8.75 5.06
C SER E 42 -29.60 9.66 4.08
N ILE E 43 -29.97 9.15 2.90
CA ILE E 43 -30.74 9.95 1.96
C ILE E 43 -32.10 10.31 2.55
N ARG E 44 -32.76 9.34 3.17
CA ARG E 44 -34.03 9.62 3.83
C ARG E 44 -33.84 10.62 4.96
N ILE E 45 -32.75 10.48 5.72
CA ILE E 45 -32.48 11.42 6.81
C ILE E 45 -32.31 12.83 6.28
N ILE E 46 -31.56 12.99 5.19
CA ILE E 46 -31.33 14.32 4.63
C ILE E 46 -32.64 14.91 4.11
N TYR E 47 -33.45 14.10 3.43
CA TYR E 47 -34.75 14.58 2.95
C TYR E 47 -35.62 15.02 4.11
N GLY E 48 -35.68 14.22 5.17
CA GLY E 48 -36.48 14.60 6.33
C GLY E 48 -35.97 15.85 7.01
N LEU E 49 -34.65 15.99 7.11
CA LEU E 49 -34.08 17.18 7.71
C LEU E 49 -34.40 18.43 6.90
N LYS E 50 -34.33 18.32 5.57
CA LYS E 50 -34.70 19.46 4.72
C LYS E 50 -36.17 19.82 4.89
N LYS E 51 -37.05 18.81 4.93
CA LYS E 51 -38.47 19.08 5.09
C LYS E 51 -38.78 19.71 6.45
N TYR E 52 -38.13 19.22 7.50
CA TYR E 52 -38.31 19.80 8.84
C TYR E 52 -37.78 21.23 8.88
N THR E 53 -36.64 21.49 8.23
CA THR E 53 -36.11 22.85 8.19
C THR E 53 -37.06 23.78 7.47
N ARG E 54 -37.66 23.32 6.37
CA ARG E 54 -38.66 24.14 5.70
C ARG E 54 -39.85 24.41 6.60
N SER E 55 -40.29 23.41 7.35
CA SER E 55 -41.44 23.59 8.24
C SER E 55 -41.12 24.58 9.36
N ILE E 56 -39.91 24.52 9.90
CA ILE E 56 -39.54 25.41 11.01
C ILE E 56 -39.40 26.84 10.53
N ASN E 57 -38.86 27.04 9.32
CA ASN E 57 -38.71 28.38 8.77
C ASN E 57 -40.04 29.05 8.45
N SER E 58 -41.15 28.30 8.48
CA SER E 58 -42.45 28.87 8.16
C SER E 58 -43.20 29.38 9.39
N ILE E 59 -42.65 29.22 10.58
CA ILE E 59 -43.30 29.69 11.79
C ILE E 59 -42.40 30.69 12.51
N GLU E 60 -41.53 31.36 11.75
CA GLU E 60 -40.62 32.33 12.35
C GLU E 60 -41.38 33.49 12.98
N LYS E 61 -42.45 33.96 12.33
CA LYS E 61 -43.18 35.14 12.77
C LYS E 61 -44.42 34.80 13.58
N SER E 62 -44.66 33.53 13.89
CA SER E 62 -45.83 33.14 14.65
C SER E 62 -45.64 33.45 16.13
N ALA E 63 -46.74 33.41 16.87
CA ALA E 63 -46.70 33.61 18.31
C ALA E 63 -46.00 32.43 18.99
N PRO E 64 -45.41 32.65 20.17
CA PRO E 64 -44.69 31.56 20.83
C PRO E 64 -45.54 30.32 21.07
N GLU E 65 -46.79 30.49 21.50
CA GLU E 65 -47.67 29.34 21.72
C GLU E 65 -47.97 28.62 20.42
N VAL E 66 -48.26 29.38 19.36
CA VAL E 66 -48.63 28.76 18.08
C VAL E 66 -47.44 27.99 17.51
N GLN E 67 -46.25 28.60 17.53
CA GLN E 67 -45.09 27.91 16.97
C GLN E 67 -44.66 26.76 17.85
N LEU E 68 -44.86 26.86 19.17
CA LEU E 68 -44.59 25.72 20.04
C LEU E 68 -45.51 24.55 19.72
N GLU E 69 -46.80 24.83 19.52
CA GLU E 69 -47.74 23.77 19.16
C GLU E 69 -47.39 23.17 17.79
N HIS E 70 -47.00 24.02 16.84
CA HIS E 70 -46.62 23.55 15.52
C HIS E 70 -45.42 22.63 15.61
N LEU E 71 -44.41 22.99 16.41
CA LEU E 71 -43.23 22.16 16.55
C LEU E 71 -43.55 20.86 17.28
N LYS E 72 -44.46 20.91 18.25
CA LYS E 72 -44.85 19.68 18.94
C LYS E 72 -45.58 18.73 18.01
N SER E 73 -46.41 19.27 17.11
CA SER E 73 -47.09 18.41 16.13
C SER E 73 -46.14 17.93 15.05
N LEU E 74 -45.08 18.69 14.76
CA LEU E 74 -44.17 18.36 13.68
C LEU E 74 -43.32 17.13 13.98
N PHE E 75 -42.83 17.01 15.22
CA PHE E 75 -41.82 16.01 15.56
C PHE E 75 -42.49 14.75 16.07
N GLN E 76 -42.54 13.72 15.23
CA GLN E 76 -43.17 12.46 15.58
C GLN E 76 -42.27 11.24 15.42
N ARG E 77 -41.17 11.33 14.67
CA ARG E 77 -40.21 10.24 14.65
C ARG E 77 -39.54 10.13 16.02
N SER E 78 -39.39 8.88 16.48
CA SER E 78 -39.12 8.62 17.89
C SER E 78 -37.87 9.35 18.37
N GLU E 79 -36.78 9.28 17.61
CA GLU E 79 -35.56 9.95 18.01
C GLU E 79 -35.76 11.47 18.05
N LEU E 80 -36.38 12.04 17.02
CA LEU E 80 -36.67 13.46 17.06
C LEU E 80 -37.81 13.80 18.01
N LYS E 81 -38.70 12.85 18.30
CA LYS E 81 -39.72 13.11 19.32
C LYS E 81 -39.08 13.30 20.69
N HIS E 82 -38.18 12.40 21.06
CA HIS E 82 -37.47 12.56 22.34
C HIS E 82 -36.58 13.79 22.32
N ALA E 83 -35.91 14.04 21.20
CA ALA E 83 -35.03 15.21 21.10
C ALA E 83 -35.83 16.49 21.27
N TRP E 84 -37.00 16.58 20.62
CA TRP E 84 -37.84 17.75 20.77
C TRP E 84 -38.37 17.88 22.20
N ASN E 85 -38.73 16.77 22.83
CA ASN E 85 -39.23 16.84 24.20
C ASN E 85 -38.17 17.41 25.12
N GLU E 86 -36.93 16.94 25.00
CA GLU E 86 -35.87 17.45 25.86
C GLU E 86 -35.53 18.90 25.51
N PHE E 87 -35.52 19.25 24.23
CA PHE E 87 -35.26 20.62 23.83
C PHE E 87 -36.33 21.56 24.41
N GLU E 88 -37.59 21.15 24.34
CA GLU E 88 -38.67 21.97 24.89
C GLU E 88 -38.60 22.03 26.41
N GLU E 89 -38.07 20.99 27.05
CA GLU E 89 -37.71 21.11 28.46
C GLU E 89 -36.67 22.19 28.68
N SER E 90 -35.72 22.30 27.74
CA SER E 90 -34.68 23.32 27.88
C SER E 90 -35.19 24.73 27.63
N LEU E 91 -36.26 24.90 26.86
CA LEU E 91 -36.76 26.24 26.60
C LEU E 91 -37.45 26.81 27.84
N HIS E 92 -37.24 28.09 28.07
CA HIS E 92 -37.75 28.80 29.24
C HIS E 92 -38.82 29.78 28.81
N SER E 93 -40.08 29.48 29.14
CA SER E 93 -41.18 30.36 28.81
C SER E 93 -41.27 31.49 29.82
N GLN E 94 -41.38 32.72 29.32
CA GLN E 94 -41.48 33.90 30.16
C GLN E 94 -42.92 34.39 30.14
N TYR E 95 -43.49 34.53 31.33
CA TYR E 95 -44.89 34.94 31.46
C TYR E 95 -44.98 36.39 31.91
N GLU E 96 -46.07 37.04 31.49
CA GLU E 96 -46.37 38.40 31.91
C GLU E 96 -47.86 38.48 32.24
N LEU E 97 -48.24 39.55 32.92
CA LEU E 97 -49.61 39.72 33.37
C LEU E 97 -50.38 40.58 32.38
N GLU E 98 -51.28 39.95 31.62
CA GLU E 98 -52.21 40.66 30.75
C GLU E 98 -53.63 40.20 31.07
N ASN E 99 -54.53 41.17 31.29
CA ASN E 99 -55.92 40.89 31.63
C ASN E 99 -56.02 40.00 32.88
N GLY E 100 -55.14 40.25 33.84
CA GLY E 100 -55.12 39.46 35.05
C GLY E 100 -54.83 38.00 34.84
N GLU E 101 -54.00 37.67 33.85
CA GLU E 101 -53.70 36.30 33.50
C GLU E 101 -52.21 36.16 33.23
N GLU E 102 -51.71 34.93 33.37
CA GLU E 102 -50.33 34.60 33.05
C GLU E 102 -50.30 33.91 31.70
N LYS E 103 -49.77 34.60 30.69
CA LYS E 103 -49.64 34.05 29.35
C LYS E 103 -48.21 34.25 28.86
N ILE E 104 -47.80 33.37 27.96
CA ILE E 104 -46.43 33.40 27.45
C ILE E 104 -46.28 34.56 26.47
N VAL E 105 -45.30 35.42 26.71
CA VAL E 105 -45.01 36.52 25.81
C VAL E 105 -43.73 36.30 25.02
N ARG E 106 -42.86 35.41 25.44
CA ARG E 106 -41.58 35.20 24.78
C ARG E 106 -40.95 33.94 25.34
N ILE E 107 -40.42 33.10 24.44
CA ILE E 107 -39.76 31.85 24.83
C ILE E 107 -38.27 32.02 24.60
N ARG E 108 -37.48 31.71 25.62
CA ARG E 108 -36.05 31.90 25.59
C ARG E 108 -35.35 30.55 25.57
N ALA E 109 -34.17 30.52 24.94
CA ALA E 109 -33.37 29.31 24.83
C ALA E 109 -32.30 29.31 25.91
N THR E 110 -32.10 28.14 26.54
CA THR E 110 -31.05 27.98 27.53
C THR E 110 -29.92 27.07 27.07
N ALA E 111 -30.18 26.18 26.12
CA ALA E 111 -29.17 25.34 25.51
C ALA E 111 -29.34 25.37 24.00
N PRO E 112 -28.25 25.22 23.25
CA PRO E 112 -28.39 25.11 21.79
C PRO E 112 -29.12 23.84 21.41
N SER E 113 -29.89 23.93 20.32
CA SER E 113 -30.70 22.80 19.88
C SER E 113 -29.84 21.62 19.44
N ALA E 114 -28.57 21.86 19.08
CA ALA E 114 -27.67 20.76 18.74
C ALA E 114 -27.36 19.88 19.95
N SER E 115 -27.63 20.37 21.16
CA SER E 115 -27.42 19.54 22.35
C SER E 115 -28.40 18.38 22.41
N PHE E 116 -29.57 18.55 21.80
CA PHE E 116 -30.62 17.54 21.82
C PHE E 116 -30.85 16.90 20.46
N PHE E 117 -30.83 17.69 19.40
CA PHE E 117 -30.81 17.17 18.03
C PHE E 117 -29.35 17.01 17.59
N SER E 118 -28.64 16.15 18.32
CA SER E 118 -27.21 16.05 18.16
C SER E 118 -26.86 15.18 16.95
N GLU E 119 -25.60 15.26 16.55
CA GLU E 119 -25.12 14.46 15.43
C GLU E 119 -25.22 12.97 15.75
N GLN E 120 -24.85 12.58 16.96
CA GLN E 120 -25.01 11.19 17.36
C GLN E 120 -26.47 10.76 17.22
N GLN E 121 -27.36 11.37 18.00
CA GLN E 121 -28.76 10.94 18.09
C GLN E 121 -29.38 10.78 16.72
N LEU E 122 -29.21 11.78 15.87
CA LEU E 122 -29.97 11.88 14.63
C LEU E 122 -29.27 11.30 13.42
N VAL E 123 -27.95 11.12 13.46
CA VAL E 123 -27.23 10.65 12.29
C VAL E 123 -26.43 9.40 12.62
N ASP E 124 -25.65 9.45 13.68
CA ASP E 124 -24.63 8.42 13.89
C ASP E 124 -25.25 7.10 14.31
N ILE E 125 -26.16 7.14 15.27
CA ILE E 125 -26.87 5.94 15.72
C ILE E 125 -27.76 5.39 14.59
N PRO E 126 -28.56 6.22 13.90
CA PRO E 126 -29.36 5.67 12.79
C PRO E 126 -28.54 5.04 11.69
N LEU E 127 -27.38 5.61 11.37
CA LEU E 127 -26.57 5.12 10.26
C LEU E 127 -25.55 4.07 10.67
N ASN E 128 -25.42 3.80 11.97
CA ASN E 128 -24.42 2.85 12.48
C ASN E 128 -23.04 3.21 11.97
N THR E 129 -22.72 4.51 11.97
CA THR E 129 -21.43 4.96 11.47
C THR E 129 -20.27 4.41 12.30
N GLU E 130 -20.53 3.98 13.53
CA GLU E 130 -19.50 3.35 14.33
C GLU E 130 -19.04 2.03 13.72
N PHE E 131 -19.87 1.42 12.89
CA PHE E 131 -19.54 0.21 12.16
C PHE E 131 -19.21 0.46 10.70
N PHE E 132 -20.07 1.21 10.00
CA PHE E 132 -19.95 1.35 8.56
C PHE E 132 -18.73 2.15 8.11
N LYS E 133 -18.05 2.83 9.02
CA LYS E 133 -16.82 3.51 8.63
C LYS E 133 -15.64 2.55 8.51
N HIS E 134 -15.77 1.33 9.01
CA HIS E 134 -14.74 0.32 8.92
C HIS E 134 -14.99 -0.67 7.80
N LEU E 135 -16.08 -0.49 7.04
CA LEU E 135 -16.38 -1.41 5.94
C LEU E 135 -15.33 -1.41 4.83
N PRO E 136 -14.79 -0.27 4.36
CA PRO E 136 -13.75 -0.34 3.33
C PRO E 136 -12.55 -1.19 3.73
N GLY E 137 -12.14 -1.14 4.99
CA GLY E 137 -11.06 -2.00 5.44
C GLY E 137 -11.43 -3.47 5.35
N ILE E 138 -12.68 -3.80 5.68
CA ILE E 138 -13.13 -5.18 5.58
C ILE E 138 -13.14 -5.65 4.14
N LEU E 139 -13.62 -4.82 3.22
CA LEU E 139 -13.63 -5.18 1.80
C LEU E 139 -12.21 -5.38 1.28
N THR E 140 -11.30 -4.48 1.65
CA THR E 140 -9.90 -4.63 1.27
C THR E 140 -9.31 -5.93 1.81
N GLY E 141 -9.62 -6.25 3.07
CA GLY E 141 -9.11 -7.49 3.64
C GLY E 141 -9.64 -8.72 2.93
N MET E 142 -10.92 -8.69 2.55
CA MET E 142 -11.49 -9.81 1.79
C MET E 142 -10.80 -9.98 0.44
N GLY E 143 -10.54 -8.87 -0.25
CA GLY E 143 -9.78 -8.97 -1.50
C GLY E 143 -8.39 -9.54 -1.30
N ILE E 144 -7.72 -9.11 -0.23
CA ILE E 144 -6.37 -9.62 0.05
C ILE E 144 -6.41 -11.11 0.34
N ILE E 145 -7.40 -11.56 1.11
CA ILE E 145 -7.55 -12.98 1.39
C ILE E 145 -7.79 -13.75 0.09
N GLY E 146 -8.60 -13.19 -0.80
CA GLY E 146 -8.82 -13.85 -2.08
C GLY E 146 -7.54 -14.01 -2.88
N THR E 147 -6.73 -12.95 -2.94
CA THR E 147 -5.47 -13.04 -3.67
C THR E 147 -4.53 -14.06 -3.05
N PHE E 148 -4.43 -14.07 -1.72
CA PHE E 148 -3.57 -15.03 -1.04
C PHE E 148 -4.05 -16.45 -1.26
N TYR E 149 -5.37 -16.66 -1.25
CA TYR E 149 -5.92 -17.99 -1.50
C TYR E 149 -5.61 -18.46 -2.90
N GLY E 150 -5.75 -17.58 -3.90
CA GLY E 150 -5.41 -17.95 -5.26
C GLY E 150 -3.92 -18.27 -5.41
N LEU E 151 -3.07 -17.48 -4.76
CA LEU E 151 -1.64 -17.77 -4.78
C LEU E 151 -1.33 -19.10 -4.13
N MET E 152 -2.01 -19.43 -3.02
CA MET E 152 -1.81 -20.71 -2.37
C MET E 152 -2.25 -21.87 -3.26
N ILE E 153 -3.38 -21.71 -3.95
CA ILE E 153 -3.82 -22.74 -4.89
C ILE E 153 -2.79 -22.94 -5.98
N GLY E 154 -2.25 -21.85 -6.53
CA GLY E 154 -1.23 -21.98 -7.55
C GLY E 154 0.05 -22.61 -7.06
N LEU E 155 0.44 -22.30 -5.82
CA LEU E 155 1.69 -22.81 -5.27
C LEU E 155 1.59 -24.28 -4.89
N ASN E 156 0.42 -24.73 -4.42
CA ASN E 156 0.27 -26.12 -4.03
C ASN E 156 0.38 -27.06 -5.22
N HIS E 157 -0.02 -26.60 -6.40
CA HIS E 157 -0.05 -27.44 -7.60
C HIS E 157 1.22 -27.32 -8.43
N PHE E 158 2.21 -26.55 -7.97
CA PHE E 158 3.43 -26.37 -8.75
C PHE E 158 4.24 -27.67 -8.79
N ASP E 159 4.78 -27.96 -9.97
CA ASP E 159 5.58 -29.17 -10.19
C ASP E 159 6.88 -28.79 -10.88
N PRO E 160 7.98 -28.67 -10.15
CA PRO E 160 9.24 -28.23 -10.77
C PRO E 160 10.08 -29.38 -11.33
N SER E 161 9.48 -30.55 -11.52
CA SER E 161 10.25 -31.73 -11.91
C SER E 161 10.92 -31.53 -13.27
N THR E 162 10.13 -31.35 -14.31
CA THR E 162 10.64 -31.22 -15.67
C THR E 162 10.38 -29.82 -16.21
N PRO E 163 11.17 -29.37 -17.19
CA PRO E 163 10.96 -28.01 -17.72
C PRO E 163 9.57 -27.77 -18.28
N GLU E 164 8.99 -28.76 -18.95
CA GLU E 164 7.60 -28.62 -19.40
C GLU E 164 6.66 -28.52 -18.21
N GLN E 165 6.90 -29.33 -17.18
CA GLN E 165 6.12 -29.22 -15.96
C GLN E 165 6.32 -27.87 -15.31
N VAL E 166 7.54 -27.34 -15.33
CA VAL E 166 7.79 -26.01 -14.77
C VAL E 166 6.98 -24.95 -15.50
N SER E 167 6.98 -25.00 -16.83
CA SER E 167 6.26 -24.00 -17.61
C SER E 167 4.76 -24.10 -17.38
N SER E 168 4.22 -25.33 -17.39
CA SER E 168 2.79 -25.50 -17.15
C SER E 168 2.40 -25.05 -15.75
N SER E 169 3.24 -25.36 -14.75
CA SER E 169 2.96 -24.95 -13.39
C SER E 169 2.99 -23.44 -13.25
N VAL E 170 3.94 -22.78 -13.92
CA VAL E 170 3.98 -21.32 -13.89
C VAL E 170 2.73 -20.74 -14.51
N ASN E 171 2.29 -21.30 -15.65
CA ASN E 171 1.07 -20.81 -16.27
C ASN E 171 -0.14 -21.00 -15.36
N ASN E 172 -0.25 -22.16 -14.72
CA ASN E 172 -1.38 -22.42 -13.84
C ASN E 172 -1.36 -21.50 -12.62
N LEU E 173 -0.18 -21.28 -12.04
CA LEU E 173 -0.06 -20.38 -10.90
C LEU E 173 -0.46 -18.96 -11.27
N LEU E 174 0.02 -18.48 -12.42
CA LEU E 174 -0.34 -17.14 -12.86
C LEU E 174 -1.83 -17.03 -13.14
N ARG E 175 -2.43 -18.07 -13.72
CA ARG E 175 -3.87 -18.05 -13.98
C ARG E 175 -4.67 -18.00 -12.68
N ASP E 176 -4.29 -18.80 -11.69
CA ASP E 176 -4.99 -18.79 -10.40
C ASP E 176 -4.85 -17.44 -9.71
N VAL E 177 -3.64 -16.88 -9.72
CA VAL E 177 -3.44 -15.56 -9.11
C VAL E 177 -4.22 -14.51 -9.90
N LEU E 178 -4.38 -14.69 -11.20
CA LEU E 178 -5.12 -13.70 -12.00
C LEU E 178 -6.60 -13.73 -11.64
N TYR E 179 -7.18 -14.93 -11.49
CA TYR E 179 -8.54 -15.04 -10.97
C TYR E 179 -8.66 -14.33 -9.62
N ALA E 180 -7.77 -14.67 -8.69
CA ALA E 180 -7.83 -14.12 -7.35
C ALA E 180 -7.71 -12.60 -7.37
N PHE E 181 -6.84 -12.07 -8.24
CA PHE E 181 -6.69 -10.63 -8.33
C PHE E 181 -7.88 -9.97 -9.01
N LEU E 182 -8.58 -10.68 -9.89
CA LEU E 182 -9.85 -10.18 -10.37
C LEU E 182 -10.79 -9.91 -9.19
N GLY E 183 -10.92 -10.90 -8.31
CA GLY E 183 -11.72 -10.70 -7.11
C GLY E 183 -11.22 -9.57 -6.24
N SER E 184 -9.89 -9.50 -6.05
CA SER E 184 -9.30 -8.49 -5.19
C SER E 184 -9.46 -7.08 -5.76
N ALA E 185 -9.29 -6.92 -7.07
CA ALA E 185 -9.48 -5.62 -7.69
C ALA E 185 -10.93 -5.19 -7.60
N PHE E 186 -11.87 -6.12 -7.76
CA PHE E 186 -13.26 -5.80 -7.51
C PHE E 186 -13.46 -5.32 -6.07
N ALA E 187 -12.82 -5.99 -5.12
CA ALA E 187 -12.94 -5.60 -3.72
C ALA E 187 -12.39 -4.20 -3.47
N ILE E 188 -11.26 -3.87 -4.09
CA ILE E 188 -10.66 -2.55 -3.89
C ILE E 188 -11.50 -1.47 -4.56
N PHE E 189 -12.04 -1.74 -5.73
CA PHE E 189 -12.94 -0.78 -6.38
C PHE E 189 -14.17 -0.53 -5.53
N ALA E 190 -14.76 -1.59 -4.99
CA ALA E 190 -15.92 -1.43 -4.11
C ALA E 190 -15.55 -0.69 -2.84
N SER E 191 -14.33 -0.91 -2.31
CA SER E 191 -13.88 -0.17 -1.15
C SER E 191 -13.76 1.32 -1.44
N ILE E 192 -13.23 1.66 -2.61
CA ILE E 192 -13.13 3.07 -3.01
C ILE E 192 -14.52 3.68 -3.13
N LEU E 193 -15.44 2.97 -3.77
CA LEU E 193 -16.79 3.50 -3.96
C LEU E 193 -17.51 3.66 -2.62
N VAL E 194 -17.35 2.69 -1.72
CA VAL E 194 -17.97 2.78 -0.40
C VAL E 194 -17.38 3.93 0.39
N THR E 195 -16.07 4.12 0.32
CA THR E 195 -15.45 5.24 1.01
C THR E 195 -16.02 6.57 0.51
N TRP E 196 -16.08 6.75 -0.81
CA TRP E 196 -16.60 7.99 -1.36
C TRP E 196 -18.04 8.22 -0.94
N LEU E 197 -18.90 7.20 -1.14
CA LEU E 197 -20.31 7.35 -0.83
C LEU E 197 -20.52 7.63 0.65
N GLU E 198 -19.82 6.89 1.52
CA GLU E 198 -19.96 7.10 2.96
C GLU E 198 -19.55 8.49 3.38
N LYS E 199 -18.36 8.93 2.95
CA LYS E 199 -17.89 10.23 3.40
C LYS E 199 -18.77 11.35 2.89
N LEU E 200 -19.21 11.27 1.63
CA LEU E 200 -20.11 12.28 1.10
C LEU E 200 -21.44 12.29 1.85
N SER E 201 -22.00 11.11 2.12
CA SER E 201 -23.28 11.04 2.80
C SER E 201 -23.19 11.56 4.23
N ILE E 202 -22.11 11.24 4.94
CA ILE E 202 -21.99 11.71 6.32
C ILE E 202 -21.76 13.22 6.34
N ALA E 203 -21.00 13.74 5.39
CA ALA E 203 -20.80 15.19 5.32
C ALA E 203 -22.10 15.91 5.05
N LYS E 204 -22.92 15.40 4.13
CA LYS E 204 -24.18 16.06 3.83
C LYS E 204 -25.18 15.89 4.98
N SER E 205 -25.17 14.75 5.67
CA SER E 205 -26.02 14.58 6.84
C SER E 205 -25.67 15.59 7.91
N TYR E 206 -24.38 15.79 8.18
CA TYR E 206 -23.98 16.79 9.16
C TYR E 206 -24.33 18.19 8.70
N LYS E 207 -24.17 18.48 7.41
CA LYS E 207 -24.51 19.80 6.89
C LYS E 207 -25.98 20.12 7.11
N TYR E 208 -26.87 19.21 6.69
CA TYR E 208 -28.29 19.52 6.83
C TYR E 208 -28.80 19.37 8.25
N LEU E 209 -28.15 18.57 9.10
CA LEU E 209 -28.46 18.60 10.52
C LEU E 209 -28.10 19.95 11.12
N GLU E 210 -26.95 20.50 10.73
CA GLU E 210 -26.58 21.84 11.21
C GLU E 210 -27.59 22.88 10.73
N LYS E 211 -28.04 22.76 9.48
CA LYS E 211 -29.06 23.69 8.98
C LYS E 211 -30.37 23.55 9.75
N PHE E 212 -30.77 22.32 10.08
CA PHE E 212 -31.99 22.10 10.84
C PHE E 212 -31.90 22.72 12.23
N THR E 213 -30.79 22.44 12.94
CA THR E 213 -30.62 23.01 14.27
C THR E 213 -30.47 24.53 14.21
N ALA E 214 -29.91 25.06 13.13
CA ALA E 214 -29.85 26.50 12.94
C ALA E 214 -31.24 27.09 12.78
N ALA E 215 -32.12 26.40 12.04
CA ALA E 215 -33.50 26.84 11.92
C ALA E 215 -34.19 26.82 13.28
N LEU E 216 -33.91 25.80 14.10
CA LEU E 216 -34.52 25.73 15.42
C LEU E 216 -33.95 26.78 16.36
N ASP E 217 -32.65 27.09 16.24
CA ASP E 217 -32.04 28.07 17.12
C ASP E 217 -32.55 29.49 16.86
N SER E 218 -32.88 29.80 15.60
CA SER E 218 -33.29 31.15 15.25
C SER E 218 -34.63 31.54 15.87
N LEU E 219 -35.42 30.57 16.34
CA LEU E 219 -36.72 30.88 16.91
C LEU E 219 -36.62 31.45 18.32
N TYR E 220 -35.63 31.03 19.10
CA TYR E 220 -35.54 31.36 20.51
C TYR E 220 -34.22 32.06 20.79
N ASP E 221 -34.29 33.08 21.65
CA ASP E 221 -33.12 33.87 22.01
C ASP E 221 -32.53 33.36 23.32
N SER E 222 -31.20 33.26 23.36
CA SER E 222 -30.51 32.79 24.55
C SER E 222 -30.06 33.98 25.40
N GLY E 223 -29.38 33.68 26.50
CA GLY E 223 -28.89 34.71 27.38
C GLY E 223 -29.90 35.24 28.37
N VAL E 224 -30.78 34.40 28.89
CA VAL E 224 -31.81 34.88 29.79
C VAL E 224 -31.31 34.93 31.24
N GLY E 225 -30.37 34.07 31.61
CA GLY E 225 -29.87 34.08 32.98
C GLY E 225 -29.10 35.34 33.32
N GLU E 226 -28.27 35.82 32.39
CA GLU E 226 -27.55 37.06 32.61
C GLU E 226 -28.52 38.24 32.73
N GLU E 227 -29.57 38.23 31.91
CA GLU E 227 -30.58 39.28 32.01
C GLU E 227 -31.28 39.23 33.35
N TYR E 228 -31.57 38.03 33.85
CA TYR E 228 -32.21 37.91 35.16
C TYR E 228 -31.28 38.40 36.27
N LEU E 229 -29.99 38.10 36.18
CA LEU E 229 -29.04 38.60 37.17
C LEU E 229 -28.94 40.12 37.12
N ALA E 230 -28.92 40.70 35.93
CA ALA E 230 -28.89 42.15 35.81
C ALA E 230 -30.14 42.78 36.40
N SER E 231 -31.30 42.16 36.14
CA SER E 231 -32.55 42.64 36.71
C SER E 231 -32.52 42.57 38.24
N LEU E 232 -31.96 41.50 38.79
CA LEU E 232 -31.85 41.40 40.24
C LEU E 232 -30.94 42.47 40.82
N VAL E 233 -29.82 42.75 40.16
CA VAL E 233 -28.91 43.79 40.64
C VAL E 233 -29.60 45.16 40.61
N LYS E 234 -30.29 45.45 39.50
N LYS E 234 -30.29 45.44 39.51
CA LYS E 234 -31.02 46.71 39.41
CA LYS E 234 -31.02 46.71 39.41
C LYS E 234 -32.08 46.80 40.49
N SER E 235 -32.80 45.71 40.74
CA SER E 235 -33.83 45.71 41.76
C SER E 235 -33.24 45.94 43.14
N SER E 236 -32.06 45.39 43.42
CA SER E 236 -31.43 45.61 44.72
C SER E 236 -31.06 47.08 44.91
N ASN E 237 -30.46 47.69 43.88
CA ASN E 237 -30.11 49.11 43.99
C ASN E 237 -31.35 49.97 44.17
N GLU E 238 -32.39 49.70 43.37
CA GLU E 238 -33.65 50.44 43.50
C GLU E 238 -34.28 50.22 44.86
N SER E 239 -34.15 49.02 45.42
CA SER E 239 -34.74 48.75 46.73
C SER E 239 -34.05 49.55 47.82
N ALA E 240 -32.72 49.67 47.76
CA ALA E 240 -32.02 50.51 48.73
C ALA E 240 -32.47 51.96 48.62
N THR E 241 -32.49 52.49 47.40
CA THR E 241 -32.88 53.88 47.21
C THR E 241 -34.32 54.11 47.67
N GLN E 242 -35.22 53.19 47.32
CA GLN E 242 -36.62 53.31 47.71
C GLN E 242 -36.80 53.15 49.21
N ALA E 243 -35.97 52.36 49.87
CA ALA E 243 -36.04 52.26 51.32
C ALA E 243 -35.76 53.62 51.96
N ARG E 244 -34.68 54.27 51.51
CA ARG E 244 -34.40 55.60 52.06
C ARG E 244 -35.51 56.60 51.73
N HIS E 245 -36.02 56.55 50.49
CA HIS E 245 -37.06 57.49 50.11
C HIS E 245 -38.34 57.28 50.90
N MET F 1 -21.47 30.74 32.50
CA MET F 1 -21.46 30.62 33.96
C MET F 1 -22.69 29.80 34.39
N PHE F 2 -23.70 29.77 33.52
CA PHE F 2 -24.94 29.06 33.81
C PHE F 2 -24.94 27.62 33.35
N GLY F 3 -23.82 27.12 32.79
CA GLY F 3 -23.74 25.74 32.37
C GLY F 3 -23.54 24.79 33.54
N ASN F 4 -23.54 23.50 33.22
CA ASN F 4 -23.37 22.45 34.22
C ASN F 4 -22.01 21.79 34.05
N ALA F 5 -21.28 21.66 35.14
CA ALA F 5 -19.98 21.00 35.12
C ALA F 5 -20.09 19.49 34.91
N PHE F 6 -21.25 18.91 35.16
CA PHE F 6 -21.48 17.49 34.94
C PHE F 6 -22.12 17.28 33.56
N GLY F 7 -21.29 17.48 32.54
CA GLY F 7 -21.70 17.36 31.16
C GLY F 7 -21.09 16.13 30.49
N VAL F 8 -21.65 15.82 29.32
CA VAL F 8 -21.17 14.66 28.56
C VAL F 8 -19.76 14.93 28.05
N LYS F 9 -18.96 13.87 28.00
CA LYS F 9 -17.57 13.95 27.57
C LYS F 9 -17.30 12.81 26.59
N LYS F 10 -16.03 12.69 26.19
CA LYS F 10 -15.57 11.61 25.31
C LYS F 10 -16.32 11.61 23.98
N ARG F 11 -16.81 12.77 23.55
CA ARG F 11 -17.50 12.87 22.28
C ARG F 11 -16.49 12.80 21.15
N ARG F 12 -15.96 11.60 20.89
CA ARG F 12 -14.84 11.40 19.98
C ARG F 12 -15.01 10.04 19.31
N SER F 13 -15.53 10.04 18.08
CA SER F 13 -15.63 8.81 17.32
C SER F 13 -14.26 8.41 16.79
N ASP F 14 -13.91 7.14 16.96
CA ASP F 14 -12.59 6.67 16.55
C ASP F 14 -12.47 6.67 15.03
N GLU F 15 -11.30 7.07 14.55
CA GLU F 15 -11.03 7.10 13.12
C GLU F 15 -10.78 5.68 12.62
N ALA F 16 -11.35 5.39 11.45
CA ALA F 16 -11.19 4.07 10.84
C ALA F 16 -9.80 3.94 10.22
N GLU F 17 -9.28 2.72 10.23
CA GLU F 17 -7.97 2.46 9.65
C GLU F 17 -7.97 2.70 8.15
N LYS F 18 -6.93 3.34 7.65
CA LYS F 18 -6.78 3.55 6.22
C LYS F 18 -6.35 2.25 5.57
N PRO F 19 -7.12 1.68 4.65
CA PRO F 19 -6.89 0.29 4.24
C PRO F 19 -6.05 0.11 2.99
N PHE F 20 -5.74 1.18 2.29
CA PHE F 20 -5.21 1.02 0.93
C PHE F 20 -3.71 0.80 0.87
N TRP F 21 -2.94 1.39 1.79
CA TRP F 21 -1.52 1.02 1.87
C TRP F 21 -1.36 -0.41 2.37
N ILE F 22 -2.31 -0.89 3.18
CA ILE F 22 -2.30 -2.29 3.58
C ILE F 22 -2.50 -3.19 2.36
N SER F 23 -3.45 -2.82 1.50
CA SER F 23 -3.66 -3.58 0.27
C SER F 23 -2.44 -3.54 -0.62
N TYR F 24 -1.83 -2.36 -0.75
CA TYR F 24 -0.63 -2.23 -1.57
C TYR F 24 0.47 -3.15 -1.05
N ALA F 25 0.70 -3.13 0.27
CA ALA F 25 1.76 -3.93 0.85
C ALA F 25 1.51 -5.43 0.68
N ASP F 26 0.26 -5.87 0.89
CA ASP F 26 -0.02 -7.29 0.77
C ASP F 26 0.00 -7.77 -0.67
N LEU F 27 -0.49 -6.96 -1.61
CA LEU F 27 -0.44 -7.34 -3.01
C LEU F 27 1.00 -7.36 -3.53
N MET F 28 1.85 -6.42 -3.08
CA MET F 28 3.28 -6.54 -3.39
C MET F 28 3.96 -7.70 -2.67
N THR F 29 3.45 -8.12 -1.51
CA THR F 29 3.97 -9.36 -0.93
C THR F 29 3.69 -10.54 -1.85
N ALA F 30 2.45 -10.64 -2.33
CA ALA F 30 2.09 -11.70 -3.26
C ALA F 30 2.88 -11.60 -4.57
N MET F 31 3.03 -10.38 -5.09
CA MET F 31 3.76 -10.18 -6.35
C MET F 31 5.24 -10.49 -6.19
N MET F 32 5.82 -10.10 -5.06
CA MET F 32 7.22 -10.41 -4.77
C MET F 32 7.45 -11.91 -4.71
N VAL F 33 6.55 -12.63 -4.04
CA VAL F 33 6.65 -14.08 -4.01
C VAL F 33 6.48 -14.67 -5.41
N LEU F 34 5.55 -14.13 -6.19
CA LEU F 34 5.37 -14.61 -7.55
C LEU F 34 6.63 -14.41 -8.38
N PHE F 35 7.28 -13.26 -8.23
CA PHE F 35 8.49 -12.99 -9.01
C PHE F 35 9.64 -13.86 -8.54
N LEU F 36 9.74 -14.13 -7.24
CA LEU F 36 10.76 -15.06 -6.75
C LEU F 36 10.55 -16.46 -7.31
N VAL F 37 9.30 -16.92 -7.30
CA VAL F 37 8.99 -18.26 -7.81
C VAL F 37 9.26 -18.34 -9.30
N VAL F 38 8.86 -17.33 -10.05
CA VAL F 38 9.15 -17.31 -11.48
C VAL F 38 10.64 -17.22 -11.73
N MET F 39 11.38 -16.49 -10.89
CA MET F 39 12.83 -16.43 -11.02
C MET F 39 13.44 -17.81 -10.90
N VAL F 40 13.15 -18.51 -9.81
CA VAL F 40 13.79 -19.81 -9.58
C VAL F 40 13.32 -20.82 -10.61
N ALA F 41 12.02 -20.82 -10.93
CA ALA F 41 11.50 -21.78 -11.90
C ALA F 41 12.08 -21.53 -13.29
N SER F 42 12.17 -20.27 -13.71
CA SER F 42 12.72 -19.96 -15.03
C SER F 42 14.20 -20.29 -15.11
N LEU F 43 14.96 -19.97 -14.05
CA LEU F 43 16.37 -20.30 -14.06
C LEU F 43 16.57 -21.81 -14.14
N SER F 44 15.84 -22.56 -13.32
CA SER F 44 15.95 -24.01 -13.35
C SER F 44 15.55 -24.57 -14.72
N SER F 45 14.46 -24.07 -15.29
CA SER F 45 13.99 -24.56 -16.58
C SER F 45 15.00 -24.28 -17.69
N VAL F 46 15.53 -23.06 -17.74
CA VAL F 46 16.47 -22.71 -18.80
C VAL F 46 17.75 -23.53 -18.65
N THR F 47 18.25 -23.68 -17.43
CA THR F 47 19.42 -24.52 -17.22
C THR F 47 19.15 -25.96 -17.63
N GLN F 48 17.94 -26.46 -17.37
CA GLN F 48 17.61 -27.82 -17.75
C GLN F 48 17.55 -27.99 -19.27
N ARG F 49 16.98 -27.01 -19.98
CA ARG F 49 17.05 -27.05 -21.45
C ARG F 49 18.48 -27.05 -21.94
N ILE F 50 19.34 -26.20 -21.38
CA ILE F 50 20.71 -26.12 -21.85
C ILE F 50 21.43 -27.45 -21.63
N GLN F 51 21.31 -28.01 -20.43
CA GLN F 51 21.99 -29.27 -20.16
C GLN F 51 21.37 -30.42 -20.94
N ARG F 52 20.06 -30.39 -21.17
CA ARG F 52 19.42 -31.41 -21.99
C ARG F 52 19.96 -31.39 -23.41
N ALA F 53 20.09 -30.20 -24.00
CA ALA F 53 20.65 -30.10 -25.34
C ALA F 53 22.09 -30.59 -25.37
N GLU F 54 22.89 -30.21 -24.36
CA GLU F 54 24.28 -30.63 -24.32
C GLU F 54 24.40 -32.15 -24.23
N GLN F 55 23.61 -32.76 -23.34
CA GLN F 55 23.70 -34.21 -23.18
C GLN F 55 23.10 -34.96 -24.36
N GLY F 56 22.09 -34.39 -25.02
CA GLY F 56 21.59 -35.01 -26.25
C GLY F 56 22.63 -35.00 -27.35
N GLU F 57 23.33 -33.88 -27.52
CA GLU F 57 24.41 -33.81 -28.49
C GLU F 57 25.53 -34.80 -28.14
N LYS F 58 25.87 -34.89 -26.85
CA LYS F 58 26.89 -35.84 -26.43
C LYS F 58 26.46 -37.28 -26.68
N ALA F 59 25.18 -37.60 -26.44
CA ALA F 59 24.69 -38.94 -26.68
C ALA F 59 24.70 -39.28 -28.17
N ARG F 60 24.34 -38.32 -29.02
CA ARG F 60 24.42 -38.55 -30.46
C ARG F 60 25.86 -38.79 -30.90
N GLY F 61 26.79 -38.00 -30.37
CA GLY F 61 28.20 -38.22 -30.68
C GLY F 61 28.69 -39.57 -30.21
N GLN F 62 28.27 -39.99 -29.01
CA GLN F 62 28.66 -41.28 -28.48
C GLN F 62 28.10 -42.42 -29.33
N ASP F 63 26.86 -42.30 -29.78
CA ASP F 63 26.29 -43.31 -30.65
C ASP F 63 27.05 -43.40 -31.97
N ILE F 64 27.42 -42.24 -32.53
CA ILE F 64 28.20 -42.23 -33.77
C ILE F 64 29.55 -42.91 -33.54
N SER F 65 30.21 -42.59 -32.42
CA SER F 65 31.50 -43.19 -32.12
C SER F 65 31.39 -44.70 -31.94
N ARG F 66 30.34 -45.16 -31.26
CA ARG F 66 30.15 -46.59 -31.07
C ARG F 66 29.91 -47.29 -32.41
N LEU F 67 29.10 -46.69 -33.28
CA LEU F 67 28.87 -47.27 -34.60
C LEU F 67 30.18 -47.37 -35.37
N CYS F 68 30.98 -46.30 -35.36
CA CYS F 68 32.26 -46.34 -36.07
C CYS F 68 33.18 -47.39 -35.48
N GLU F 69 33.22 -47.51 -34.16
CA GLU F 69 34.10 -48.47 -33.51
C GLU F 69 33.71 -49.90 -33.87
N ARG F 70 32.42 -50.22 -33.80
CA ARG F 70 32.00 -51.58 -34.12
C ARG F 70 32.18 -51.88 -35.60
N LEU F 71 31.96 -50.88 -36.47
CA LEU F 71 32.19 -51.09 -37.90
C LEU F 71 33.66 -51.34 -38.19
N GLU F 72 34.55 -50.59 -37.53
CA GLU F 72 35.98 -50.81 -37.71
C GLU F 72 36.41 -52.17 -37.17
N LEU F 73 35.84 -52.60 -36.05
CA LEU F 73 36.15 -53.93 -35.52
C LEU F 73 35.70 -55.02 -36.48
N HIS F 74 34.50 -54.87 -37.06
CA HIS F 74 34.04 -55.82 -38.05
C HIS F 74 34.94 -55.81 -39.28
N ALA F 75 35.39 -54.62 -39.69
CA ALA F 75 36.30 -54.53 -40.82
C ALA F 75 37.60 -55.27 -40.55
N ARG F 76 38.17 -55.10 -39.35
CA ARG F 76 39.37 -55.83 -39.00
C ARG F 76 39.13 -57.35 -39.01
N ASN F 77 37.97 -57.76 -38.47
CA ASN F 77 37.66 -59.18 -38.42
C ASN F 77 37.52 -59.78 -39.82
N VAL F 78 36.91 -59.04 -40.74
CA VAL F 78 36.70 -59.56 -42.09
C VAL F 78 38.02 -59.65 -42.85
N ASN F 79 38.68 -58.52 -43.04
CA ASN F 79 39.94 -58.46 -43.79
C ASN F 79 40.72 -57.21 -43.39
N LYS F 80 42.04 -57.33 -43.37
CA LYS F 80 42.86 -56.41 -42.59
C LYS F 80 43.25 -55.14 -43.34
N ASN F 81 43.12 -55.10 -44.67
CA ASN F 81 43.62 -53.93 -45.39
C ASN F 81 42.73 -52.71 -45.21
N ILE F 82 41.57 -52.85 -44.59
CA ILE F 82 40.65 -51.74 -44.40
C ILE F 82 41.23 -50.75 -43.40
N VAL F 83 41.11 -49.46 -43.71
CA VAL F 83 41.52 -48.38 -42.83
C VAL F 83 40.30 -47.54 -42.54
N VAL F 84 39.88 -47.51 -41.27
CA VAL F 84 38.70 -46.77 -40.83
C VAL F 84 39.16 -45.67 -39.88
N ASP F 85 38.73 -44.45 -40.14
CA ASP F 85 39.11 -43.28 -39.34
C ASP F 85 37.86 -42.71 -38.69
N CYS F 86 37.70 -42.94 -37.39
CA CYS F 86 36.55 -42.42 -36.66
C CYS F 86 36.64 -40.92 -36.43
N HIS F 87 37.85 -40.35 -36.48
CA HIS F 87 38.02 -38.93 -36.20
C HIS F 87 37.37 -38.05 -37.25
N ASP F 88 37.21 -38.53 -38.49
CA ASP F 88 36.55 -37.76 -39.53
C ASP F 88 35.45 -38.56 -40.22
N ASN F 89 35.10 -39.73 -39.69
CA ASN F 89 34.06 -40.59 -40.26
C ASN F 89 34.38 -40.94 -41.71
N ARG F 90 35.50 -41.64 -41.89
CA ARG F 90 36.00 -42.00 -43.20
C ARG F 90 36.57 -43.42 -43.16
N ILE F 91 36.17 -44.24 -44.12
CA ILE F 91 36.79 -45.55 -44.34
C ILE F 91 37.61 -45.47 -45.62
N SER F 92 38.91 -45.72 -45.51
CA SER F 92 39.82 -45.64 -46.64
C SER F 92 40.49 -46.99 -46.85
N PHE F 93 41.27 -47.08 -47.92
CA PHE F 93 42.03 -48.27 -48.26
C PHE F 93 43.51 -47.92 -48.20
N GLY F 94 44.26 -48.65 -47.36
CA GLY F 94 45.66 -48.37 -47.15
C GLY F 94 46.49 -48.38 -48.41
N GLU F 95 46.62 -49.55 -49.04
CA GLU F 95 47.36 -49.66 -50.29
C GLU F 95 46.50 -50.14 -51.46
N ALA F 96 45.49 -50.99 -51.20
CA ALA F 96 44.67 -51.52 -52.27
C ALA F 96 43.90 -50.45 -53.02
N GLY F 97 43.76 -49.26 -52.46
CA GLY F 97 43.04 -48.17 -53.09
C GLY F 97 43.85 -47.33 -54.06
N ARG F 98 45.09 -47.70 -54.34
CA ARG F 98 45.91 -46.90 -55.24
C ARG F 98 45.43 -47.04 -56.67
N PHE F 99 45.90 -46.13 -57.52
CA PHE F 99 45.59 -46.20 -58.95
C PHE F 99 46.78 -45.71 -59.75
N ALA F 100 46.93 -46.26 -60.95
CA ALA F 100 47.97 -45.85 -61.88
C ALA F 100 47.38 -44.95 -62.96
N HIS F 101 48.27 -44.41 -63.80
CA HIS F 101 47.82 -43.54 -64.87
C HIS F 101 46.98 -44.31 -65.88
N ASN F 102 45.90 -43.68 -66.34
CA ASN F 102 44.98 -44.27 -67.31
C ASN F 102 44.40 -45.59 -66.79
N GLN F 103 44.15 -45.64 -65.48
CA GLN F 103 43.54 -46.80 -64.85
C GLN F 103 42.28 -46.36 -64.11
N PHE F 104 41.23 -47.16 -64.21
CA PHE F 104 39.92 -46.82 -63.65
C PHE F 104 39.31 -47.95 -62.84
N PHE F 105 40.07 -48.99 -62.51
CA PHE F 105 39.56 -50.12 -61.75
C PHE F 105 40.56 -50.51 -60.67
N LEU F 106 40.04 -50.88 -59.50
CA LEU F 106 40.88 -51.35 -58.41
C LEU F 106 41.48 -52.72 -58.75
N ASN F 107 42.56 -53.04 -58.06
CA ASN F 107 43.18 -54.35 -58.20
C ASN F 107 42.28 -55.42 -57.60
N ALA F 108 42.73 -56.68 -57.68
CA ALA F 108 41.91 -57.78 -57.16
C ALA F 108 41.66 -57.62 -55.66
N GLU F 109 42.69 -57.22 -54.92
CA GLU F 109 42.50 -56.95 -53.49
C GLU F 109 41.54 -55.80 -53.28
N GLY F 110 41.63 -54.76 -54.12
CA GLY F 110 40.70 -53.63 -53.99
C GLY F 110 39.26 -54.03 -54.25
N GLN F 111 39.02 -54.81 -55.31
CA GLN F 111 37.66 -55.28 -55.59
C GLN F 111 37.16 -56.18 -54.47
N LYS F 112 38.02 -57.06 -53.95
CA LYS F 112 37.62 -57.94 -52.85
C LYS F 112 37.22 -57.14 -51.62
N ALA F 113 38.03 -56.13 -51.27
CA ALA F 113 37.72 -55.31 -50.10
C ALA F 113 36.45 -54.49 -50.32
N LEU F 114 36.25 -53.99 -51.54
CA LEU F 114 35.03 -53.25 -51.84
C LEU F 114 33.80 -54.12 -51.72
N GLN F 115 33.89 -55.37 -52.20
CA GLN F 115 32.78 -56.29 -52.05
C GLN F 115 32.55 -56.68 -50.59
N ASP F 116 33.62 -56.76 -49.80
CA ASP F 116 33.50 -57.18 -48.42
C ASP F 116 32.91 -56.08 -47.53
N VAL F 117 33.23 -54.81 -47.81
CA VAL F 117 32.80 -53.75 -46.92
C VAL F 117 31.30 -53.46 -47.02
N VAL F 118 30.66 -53.84 -48.13
CA VAL F 118 29.25 -53.52 -48.31
C VAL F 118 28.37 -54.15 -47.24
N PRO F 119 28.42 -55.47 -46.99
CA PRO F 119 27.58 -56.03 -45.92
C PRO F 119 27.85 -55.42 -44.57
N LEU F 120 29.09 -55.02 -44.30
CA LEU F 120 29.39 -54.33 -43.05
C LEU F 120 28.63 -53.00 -42.94
N VAL F 121 28.58 -52.25 -44.04
CA VAL F 121 27.82 -51.00 -44.04
C VAL F 121 26.33 -51.26 -43.89
N LEU F 122 25.83 -52.32 -44.54
CA LEU F 122 24.42 -52.67 -44.40
C LEU F 122 24.09 -53.02 -42.95
N GLU F 123 24.97 -53.77 -42.29
CA GLU F 123 24.76 -54.10 -40.88
C GLU F 123 24.84 -52.86 -40.00
N ALA F 124 25.79 -51.95 -40.31
CA ALA F 124 25.93 -50.74 -39.52
C ALA F 124 24.68 -49.87 -39.61
N SER F 125 24.14 -49.71 -40.82
CA SER F 125 22.91 -48.94 -40.98
C SER F 125 21.72 -49.68 -40.38
N ASN F 126 21.76 -51.02 -40.38
CA ASN F 126 20.65 -51.80 -39.82
C ASN F 126 20.51 -51.55 -38.33
N SER F 127 21.63 -51.46 -37.61
CA SER F 127 21.61 -51.35 -36.15
C SER F 127 20.89 -50.07 -35.71
N GLU F 128 20.66 -49.98 -34.40
CA GLU F 128 19.91 -48.86 -33.85
C GLU F 128 20.61 -47.53 -34.10
N GLU F 129 21.95 -47.52 -34.02
CA GLU F 129 22.69 -46.30 -34.31
C GLU F 129 22.50 -45.88 -35.76
N GLY F 130 22.47 -46.84 -36.68
CA GLY F 130 22.22 -46.51 -38.07
C GLY F 130 20.85 -45.92 -38.30
N LYS F 131 19.83 -46.53 -37.69
CA LYS F 131 18.48 -46.00 -37.82
C LYS F 131 18.37 -44.61 -37.19
N LYS F 132 19.09 -44.37 -36.10
CA LYS F 132 18.98 -43.10 -35.39
C LYS F 132 19.72 -41.98 -36.10
N TRP F 133 20.88 -42.26 -36.72
CA TRP F 133 21.74 -41.18 -37.17
C TRP F 133 22.31 -41.33 -38.57
N PHE F 134 22.26 -42.49 -39.20
CA PHE F 134 23.09 -42.75 -40.39
C PHE F 134 22.46 -42.15 -41.64
N LYS F 135 23.21 -41.25 -42.30
CA LYS F 135 22.86 -40.70 -43.61
C LYS F 135 23.40 -41.58 -44.72
N GLN F 136 23.12 -41.18 -45.96
CA GLN F 136 23.65 -41.87 -47.12
C GLN F 136 25.16 -41.65 -47.24
N ILE F 137 25.82 -42.58 -47.93
CA ILE F 137 27.27 -42.54 -48.10
C ILE F 137 27.59 -41.97 -49.47
N VAL F 138 28.52 -41.02 -49.52
CA VAL F 138 29.00 -40.45 -50.77
C VAL F 138 30.39 -40.99 -51.04
N ILE F 139 30.76 -41.01 -52.33
CA ILE F 139 32.05 -41.51 -52.78
C ILE F 139 32.84 -40.33 -53.34
N GLU F 140 34.05 -40.13 -52.83
CA GLU F 140 34.89 -39.00 -53.19
C GLU F 140 36.09 -39.48 -53.99
N GLY F 141 36.37 -38.81 -55.10
CA GLY F 141 37.50 -39.14 -55.96
C GLY F 141 38.64 -38.16 -55.77
N PHE F 142 39.86 -38.68 -55.77
CA PHE F 142 41.06 -37.90 -55.54
C PHE F 142 42.08 -38.18 -56.63
N THR F 143 42.72 -37.12 -57.11
CA THR F 143 43.71 -37.22 -58.19
C THR F 143 44.70 -36.07 -58.04
N ASP F 144 45.91 -36.29 -58.54
CA ASP F 144 46.97 -35.30 -58.48
C ASP F 144 46.54 -34.00 -59.17
N THR F 145 47.26 -32.92 -58.86
CA THR F 145 47.01 -31.62 -59.46
C THR F 145 47.70 -31.46 -60.81
N ASP F 146 48.55 -32.40 -61.20
CA ASP F 146 49.27 -32.35 -62.46
C ASP F 146 48.42 -32.92 -63.59
N GLY F 147 48.91 -32.76 -64.81
CA GLY F 147 48.21 -33.26 -65.98
C GLY F 147 47.02 -32.39 -66.34
N SER F 148 46.28 -32.86 -67.35
CA SER F 148 45.08 -32.16 -67.79
C SER F 148 44.00 -32.27 -66.71
N TYR F 149 43.40 -31.14 -66.36
CA TYR F 149 42.35 -31.14 -65.34
C TYR F 149 41.16 -31.98 -65.77
N LEU F 150 40.74 -31.84 -67.03
CA LEU F 150 39.59 -32.60 -67.51
C LEU F 150 39.92 -34.09 -67.60
N TYR F 151 41.17 -34.42 -67.96
CA TYR F 151 41.60 -35.81 -67.95
C TYR F 151 41.50 -36.41 -66.56
N ASN F 152 42.01 -35.69 -65.56
CA ASN F 152 41.95 -36.18 -64.19
C ASN F 152 40.52 -36.33 -63.71
N LEU F 153 39.67 -35.34 -64.01
CA LEU F 153 38.27 -35.40 -63.59
C LEU F 153 37.56 -36.57 -64.23
N HIS F 154 37.73 -36.75 -65.55
CA HIS F 154 37.07 -37.86 -66.24
C HIS F 154 37.56 -39.20 -65.71
N LEU F 155 38.87 -39.32 -65.46
CA LEU F 155 39.41 -40.58 -64.97
C LEU F 155 38.85 -40.90 -63.59
N SER F 156 38.86 -39.93 -62.67
CA SER F 156 38.34 -40.18 -61.33
C SER F 156 36.85 -40.47 -61.35
N LEU F 157 36.10 -39.77 -62.20
CA LEU F 157 34.66 -40.01 -62.29
C LEU F 157 34.39 -41.39 -62.85
N GLN F 158 35.22 -41.84 -63.80
CA GLN F 158 35.12 -43.20 -64.31
C GLN F 158 35.43 -44.22 -63.21
N ARG F 159 36.42 -43.93 -62.36
CA ARG F 159 36.69 -44.79 -61.22
C ARG F 159 35.47 -44.91 -60.32
N SER F 160 34.82 -43.77 -60.03
CA SER F 160 33.64 -43.78 -59.19
C SER F 160 32.51 -44.59 -59.83
N GLU F 161 32.31 -44.41 -61.14
CA GLU F 161 31.26 -45.17 -61.83
C GLU F 161 31.56 -46.66 -61.82
N TRP F 162 32.83 -47.04 -62.00
CA TRP F 162 33.20 -48.45 -61.95
C TRP F 162 32.97 -49.03 -60.56
N VAL F 163 33.28 -48.25 -59.51
CA VAL F 163 33.02 -48.70 -58.15
C VAL F 163 31.51 -48.91 -57.95
N MET F 164 30.71 -47.97 -58.43
CA MET F 164 29.26 -48.10 -58.29
C MET F 164 28.74 -49.32 -59.04
N CYS F 165 29.27 -49.58 -60.24
CA CYS F 165 28.89 -50.77 -60.98
C CYS F 165 29.25 -52.03 -60.20
N SER F 166 30.50 -52.14 -59.75
CA SER F 166 30.93 -53.29 -58.96
C SER F 166 30.03 -53.47 -57.73
N LEU F 167 29.49 -52.38 -57.20
CA LEU F 167 28.48 -52.48 -56.15
C LEU F 167 27.19 -53.10 -56.68
N LEU F 168 26.74 -52.66 -57.86
CA LEU F 168 25.42 -53.06 -58.35
C LEU F 168 25.41 -53.83 -59.65
N ASP F 169 26.56 -54.25 -60.19
CA ASP F 169 26.55 -55.04 -61.41
C ASP F 169 26.02 -56.44 -61.13
N SER F 170 25.20 -56.95 -62.05
CA SER F 170 24.65 -58.30 -61.89
C SER F 170 25.76 -59.34 -61.87
N ARG F 171 26.76 -59.19 -62.74
CA ARG F 171 27.88 -60.13 -62.77
C ARG F 171 28.73 -60.04 -61.51
N SER F 172 28.64 -58.93 -60.77
CA SER F 172 29.39 -58.81 -59.53
C SER F 172 28.84 -59.79 -58.48
N PRO F 173 29.70 -60.28 -57.58
CA PRO F 173 29.21 -61.22 -56.56
C PRO F 173 28.17 -60.64 -55.62
N LEU F 174 28.11 -59.31 -55.47
CA LEU F 174 27.16 -58.71 -54.55
C LEU F 174 25.72 -59.01 -54.96
N GLN F 175 25.41 -58.87 -56.25
CA GLN F 175 24.04 -59.07 -56.71
C GLN F 175 23.58 -60.51 -56.48
N LYS F 176 24.45 -61.47 -56.76
CA LYS F 176 24.11 -62.87 -56.50
C LYS F 176 24.23 -63.23 -55.02
N ASN F 177 24.77 -62.35 -54.19
CA ASN F 177 24.86 -62.58 -52.76
C ASN F 177 23.77 -61.87 -51.96
N ILE F 178 23.48 -60.60 -52.28
CA ILE F 178 22.51 -59.82 -51.54
C ILE F 178 21.10 -60.18 -51.97
N SER F 179 20.10 -59.74 -51.21
CA SER F 179 18.70 -59.94 -51.53
C SER F 179 18.11 -58.66 -52.10
N ALA F 180 16.81 -58.71 -52.42
CA ALA F 180 16.14 -57.53 -52.97
C ALA F 180 16.09 -56.40 -51.95
N GLU F 181 15.79 -56.71 -50.69
CA GLU F 181 15.77 -55.68 -49.65
C GLU F 181 17.15 -55.09 -49.45
N GLN F 182 18.19 -55.92 -49.44
CA GLN F 182 19.55 -55.41 -49.31
C GLN F 182 19.93 -54.56 -50.52
N GLN F 183 19.50 -54.97 -51.71
CA GLN F 183 19.77 -54.17 -52.91
C GLN F 183 19.09 -52.80 -52.81
N LEU F 184 17.83 -52.76 -52.37
CA LEU F 184 17.14 -51.49 -52.21
C LEU F 184 17.82 -50.62 -51.16
N GLN F 185 18.26 -51.22 -50.05
CA GLN F 185 18.96 -50.46 -49.04
C GLN F 185 20.27 -49.89 -49.56
N ILE F 186 21.02 -50.69 -50.35
CA ILE F 186 22.25 -50.17 -50.97
C ILE F 186 21.92 -49.00 -51.88
N ARG F 187 20.84 -49.13 -52.67
CA ARG F 187 20.40 -48.04 -53.52
C ARG F 187 20.12 -46.78 -52.69
N LYS F 188 19.58 -46.95 -51.49
CA LYS F 188 19.30 -45.81 -50.62
C LYS F 188 20.56 -45.20 -50.03
N LEU F 189 21.54 -46.03 -49.65
CA LEU F 189 22.74 -45.55 -48.96
C LEU F 189 23.82 -45.02 -49.90
N PHE F 190 24.30 -45.85 -50.83
CA PHE F 190 25.50 -45.49 -51.57
C PHE F 190 25.19 -44.47 -52.66
N LEU F 191 25.87 -43.34 -52.61
CA LEU F 191 25.73 -42.27 -53.58
C LEU F 191 27.11 -41.87 -54.10
N ALA F 192 27.13 -41.26 -55.27
CA ALA F 192 28.37 -40.78 -55.88
C ALA F 192 28.52 -39.29 -55.59
N GLY F 193 29.68 -38.91 -55.08
CA GLY F 193 29.97 -37.52 -54.76
C GLY F 193 30.77 -36.83 -55.84
N GLY F 194 31.57 -35.85 -55.42
CA GLY F 194 32.39 -35.08 -56.33
C GLY F 194 33.81 -35.62 -56.43
N VAL F 195 34.67 -34.82 -57.06
CA VAL F 195 36.07 -35.15 -57.26
C VAL F 195 36.92 -34.09 -56.54
N SER F 196 37.83 -34.54 -55.70
CA SER F 196 38.71 -33.66 -54.95
C SER F 196 40.14 -33.77 -55.46
N PHE F 197 40.92 -32.73 -55.21
CA PHE F 197 42.31 -32.63 -55.67
C PHE F 197 43.24 -32.30 -54.52
N ASN F 198 43.09 -33.03 -53.42
CA ASN F 198 43.95 -32.86 -52.25
C ASN F 198 45.29 -33.56 -52.52
N ASN F 199 46.19 -32.83 -53.16
CA ASN F 199 47.51 -33.34 -53.49
C ASN F 199 48.54 -32.79 -52.51
N ALA F 200 49.28 -33.70 -51.87
CA ALA F 200 50.25 -33.31 -50.86
C ALA F 200 51.39 -34.32 -50.83
N LYS F 201 52.53 -33.88 -50.29
CA LYS F 201 53.73 -34.68 -50.07
C LYS F 201 54.35 -35.19 -51.37
N GLU F 202 53.85 -34.73 -52.53
CA GLU F 202 54.37 -35.14 -53.84
C GLU F 202 54.34 -36.65 -54.01
N SER F 203 53.33 -37.31 -53.44
CA SER F 203 53.18 -38.77 -53.52
C SER F 203 51.98 -39.06 -54.42
N LYS F 204 52.24 -39.39 -55.68
CA LYS F 204 51.17 -39.73 -56.61
C LYS F 204 50.56 -41.08 -56.30
N GLU F 205 51.27 -41.95 -55.59
CA GLU F 205 50.75 -43.29 -55.29
C GLU F 205 49.52 -43.20 -54.39
N ALA F 206 49.60 -42.36 -53.35
CA ALA F 206 48.50 -42.24 -52.39
C ALA F 206 47.55 -41.11 -52.73
N SER F 207 47.94 -40.17 -53.59
CA SER F 207 47.05 -39.08 -53.95
C SER F 207 45.88 -39.58 -54.79
N ARG F 208 46.16 -40.36 -55.82
CA ARG F 208 45.11 -40.93 -56.67
C ARG F 208 44.50 -42.11 -55.94
N ARG F 209 43.47 -41.84 -55.15
CA ARG F 209 42.82 -42.87 -54.35
C ARG F 209 41.34 -42.54 -54.24
N VAL F 210 40.55 -43.54 -53.86
CA VAL F 210 39.13 -43.38 -53.61
C VAL F 210 38.81 -44.01 -52.25
N GLU F 211 38.10 -43.27 -51.42
CA GLU F 211 37.63 -43.76 -50.14
C GLU F 211 36.20 -43.31 -49.90
N LEU F 212 35.49 -44.07 -49.08
CA LEU F 212 34.08 -43.82 -48.80
C LEU F 212 33.94 -43.26 -47.39
N ARG F 213 33.06 -42.27 -47.24
CA ARG F 213 32.78 -41.65 -45.95
C ARG F 213 31.29 -41.73 -45.69
N MET F 214 30.92 -41.82 -44.41
CA MET F 214 29.53 -41.88 -44.01
C MET F 214 29.15 -40.58 -43.33
N GLN F 215 27.95 -40.09 -43.64
CA GLN F 215 27.40 -38.89 -43.03
C GLN F 215 26.33 -39.27 -42.03
N PHE F 216 25.95 -38.31 -41.18
CA PHE F 216 25.06 -38.59 -40.07
C PHE F 216 24.04 -37.47 -39.93
N PHE F 217 22.85 -37.85 -39.46
CA PHE F 217 21.84 -36.85 -39.12
C PHE F 217 22.33 -35.91 -38.02
N GLY F 218 21.95 -34.64 -38.15
CA GLY F 218 22.18 -33.69 -37.09
C GLY F 218 21.14 -33.83 -36.00
N LEU F 219 21.41 -33.18 -34.87
CA LEU F 219 20.48 -33.22 -33.75
C LEU F 219 19.15 -32.57 -34.11
N LYS F 220 19.20 -31.48 -34.87
CA LYS F 220 17.98 -30.78 -35.27
C LYS F 220 17.39 -31.30 -36.58
N ASP F 221 18.07 -32.21 -37.27
CA ASP F 221 17.58 -32.73 -38.53
C ASP F 221 16.32 -33.57 -38.30
N LYS F 222 15.44 -33.58 -39.31
CA LYS F 222 14.17 -34.27 -39.24
C LYS F 222 14.14 -35.41 -40.25
N ARG F 223 13.56 -36.53 -39.86
CA ARG F 223 13.37 -37.68 -40.73
C ARG F 223 11.93 -37.69 -41.23
N ASP F 224 11.76 -37.71 -42.55
CA ASP F 224 10.46 -37.59 -43.17
C ASP F 224 10.44 -38.37 -44.48
N LYS F 225 9.22 -38.67 -44.95
CA LYS F 225 9.06 -39.47 -46.16
C LYS F 225 9.51 -38.74 -47.42
N ALA F 226 9.54 -37.41 -47.41
CA ALA F 226 9.95 -36.66 -48.60
C ALA F 226 11.40 -36.97 -48.96
N ASP F 227 12.29 -37.02 -47.97
CA ASP F 227 13.68 -37.36 -48.22
C ASP F 227 13.88 -38.85 -48.47
N GLU F 228 12.95 -39.69 -48.00
CA GLU F 228 13.06 -41.15 -48.14
C GLU F 228 12.55 -41.54 -49.53
N VAL F 229 13.44 -41.45 -50.50
CA VAL F 229 13.12 -41.90 -51.85
C VAL F 229 13.18 -43.41 -51.91
N ASP F 230 12.08 -44.03 -52.35
CA ASP F 230 11.96 -45.48 -52.40
C ASP F 230 12.13 -45.94 -53.84
N PHE F 231 13.19 -46.70 -54.09
CA PHE F 231 13.38 -47.27 -55.42
C PHE F 231 12.37 -48.38 -55.66
N PRO F 232 11.85 -48.51 -56.89
CA PRO F 232 10.95 -49.61 -57.18
C PRO F 232 11.69 -50.94 -57.16
N PRO F 233 10.99 -52.04 -56.92
CA PRO F 233 11.67 -53.35 -56.92
C PRO F 233 12.32 -53.63 -58.26
N VAL F 234 13.46 -54.32 -58.21
CA VAL F 234 14.25 -54.59 -59.40
C VAL F 234 13.45 -55.49 -60.34
N VAL F 235 13.21 -55.01 -61.56
CA VAL F 235 12.48 -55.78 -62.56
C VAL F 235 13.40 -56.34 -63.64
N ASN F 236 14.60 -55.80 -63.80
CA ASN F 236 15.54 -56.28 -64.80
C ASN F 236 16.96 -56.12 -64.27
N LYS F 237 17.85 -56.98 -64.76
CA LYS F 237 19.25 -56.91 -64.36
C LYS F 237 19.91 -55.64 -64.92
N GLU F 238 21.00 -55.24 -64.29
CA GLU F 238 21.73 -54.05 -64.66
C GLU F 238 23.10 -54.43 -65.22
N VAL F 239 23.39 -53.95 -66.42
CA VAL F 239 24.70 -54.11 -67.05
C VAL F 239 25.40 -52.76 -67.03
N CYS F 240 26.69 -52.77 -66.70
CA CYS F 240 27.43 -51.54 -66.54
C CYS F 240 27.67 -50.86 -67.87
N GLN F 241 28.03 -49.57 -67.83
CA GLN F 241 28.13 -48.75 -69.03
C GLN F 241 29.53 -48.66 -69.61
N LEU F 242 30.58 -48.76 -68.79
CA LEU F 242 31.95 -48.74 -69.33
C LEU F 242 32.36 -50.17 -69.66
N VAL F 243 32.58 -50.41 -70.94
CA VAL F 243 32.92 -51.76 -71.40
C VAL F 243 34.43 -51.95 -71.34
N MET F 244 34.86 -53.21 -71.29
CA MET F 244 36.26 -53.52 -71.05
C MET F 244 37.26 -52.94 -72.06
N PRO F 245 36.99 -52.87 -73.36
CA PRO F 245 38.02 -52.34 -74.28
C PRO F 245 38.35 -50.86 -74.06
N LEU F 246 37.58 -50.14 -73.25
CA LEU F 246 37.86 -48.73 -72.98
C LEU F 246 39.22 -48.53 -72.32
N MET G 1 -24.71 24.22 37.64
CA MET G 1 -25.15 25.58 37.96
C MET G 1 -24.07 26.60 37.67
N PHE G 2 -22.81 26.22 37.90
CA PHE G 2 -21.70 27.14 37.72
C PHE G 2 -20.64 26.54 36.81
N GLY G 3 -21.07 25.94 35.70
CA GLY G 3 -20.13 25.39 34.75
C GLY G 3 -19.41 26.46 33.97
N ASN G 4 -18.27 26.07 33.39
CA ASN G 4 -17.45 26.98 32.61
C ASN G 4 -17.84 26.85 31.14
N ALA G 5 -18.36 27.94 30.57
CA ALA G 5 -18.74 27.92 29.17
C ALA G 5 -17.54 27.98 28.23
N PHE G 6 -16.38 28.38 28.74
CA PHE G 6 -15.20 28.57 27.91
C PHE G 6 -14.30 27.36 27.85
N GLY G 7 -14.70 26.24 28.45
CA GLY G 7 -13.95 25.01 28.31
C GLY G 7 -13.89 24.57 26.86
N VAL G 8 -12.69 24.39 26.32
CA VAL G 8 -12.50 24.08 24.91
C VAL G 8 -12.22 22.60 24.76
N LYS G 9 -12.55 22.07 23.59
CA LYS G 9 -12.34 20.67 23.25
C LYS G 9 -11.45 20.58 22.01
N LYS G 10 -10.57 19.58 22.00
CA LYS G 10 -9.66 19.39 20.87
C LYS G 10 -10.46 19.03 19.61
N ARG G 11 -9.93 19.44 18.46
CA ARG G 11 -10.65 19.21 17.22
C ARG G 11 -10.64 17.72 16.88
N ARG G 12 -11.35 17.39 15.79
CA ARG G 12 -11.29 16.06 15.20
C ARG G 12 -9.98 15.89 14.45
N SER G 13 -8.92 15.51 15.16
CA SER G 13 -7.58 15.40 14.58
C SER G 13 -7.36 13.95 14.14
N ASP G 14 -7.63 13.68 12.88
CA ASP G 14 -7.39 12.34 12.34
C ASP G 14 -5.90 12.05 12.32
N GLU G 15 -5.54 10.84 12.72
CA GLU G 15 -4.14 10.47 12.78
C GLU G 15 -3.61 10.22 11.36
N ALA G 16 -2.28 10.26 11.25
CA ALA G 16 -1.63 10.05 9.97
C ALA G 16 -1.65 8.57 9.60
N GLU G 17 -1.30 8.30 8.35
CA GLU G 17 -1.07 6.92 7.92
C GLU G 17 -0.03 6.26 8.80
N LYS G 18 -0.28 5.02 9.18
CA LYS G 18 0.69 4.28 9.97
C LYS G 18 1.94 4.05 9.13
N PRO G 19 3.12 4.49 9.58
CA PRO G 19 4.30 4.42 8.72
C PRO G 19 4.71 3.01 8.36
N PHE G 20 4.32 2.02 9.17
CA PHE G 20 4.75 0.65 8.90
C PHE G 20 4.21 0.15 7.58
N TRP G 21 2.97 0.50 7.26
CA TRP G 21 2.35 -0.05 6.05
C TRP G 21 2.99 0.52 4.79
N ILE G 22 3.25 1.83 4.76
CA ILE G 22 3.90 2.42 3.60
C ILE G 22 5.35 1.95 3.50
N SER G 23 6.03 1.81 4.64
CA SER G 23 7.40 1.28 4.61
C SER G 23 7.43 -0.17 4.14
N TYR G 24 6.44 -0.96 4.55
CA TYR G 24 6.34 -2.35 4.11
C TYR G 24 6.02 -2.45 2.63
N ALA G 25 5.18 -1.55 2.13
CA ALA G 25 4.93 -1.50 0.68
C ALA G 25 6.21 -1.14 -0.07
N ASP G 26 6.98 -0.19 0.47
CA ASP G 26 8.26 0.15 -0.12
C ASP G 26 9.20 -1.05 -0.16
N LEU G 27 9.30 -1.76 0.95
CA LEU G 27 10.18 -2.92 1.04
C LEU G 27 9.74 -4.03 0.09
N MET G 28 8.42 -4.29 0.02
CA MET G 28 7.92 -5.34 -0.86
C MET G 28 8.14 -4.98 -2.32
N THR G 29 7.96 -3.71 -2.68
CA THR G 29 8.26 -3.29 -4.04
C THR G 29 9.74 -3.45 -4.35
N ALA G 30 10.60 -3.09 -3.40
CA ALA G 30 12.04 -3.23 -3.59
C ALA G 30 12.43 -4.69 -3.77
N MET G 31 11.83 -5.59 -2.99
CA MET G 31 12.10 -7.01 -3.13
C MET G 31 11.59 -7.55 -4.47
N MET G 32 10.41 -7.12 -4.89
CA MET G 32 9.89 -7.53 -6.19
C MET G 32 10.81 -7.08 -7.32
N VAL G 33 11.29 -5.85 -7.24
CA VAL G 33 12.25 -5.35 -8.23
C VAL G 33 13.54 -6.14 -8.19
N LEU G 34 14.05 -6.42 -6.98
CA LEU G 34 15.28 -7.18 -6.87
C LEU G 34 15.14 -8.54 -7.52
N PHE G 35 14.03 -9.23 -7.29
CA PHE G 35 13.86 -10.57 -7.85
C PHE G 35 13.69 -10.51 -9.36
N LEU G 36 12.94 -9.51 -9.87
CA LEU G 36 12.86 -9.32 -11.31
C LEU G 36 14.23 -9.13 -11.94
N VAL G 37 15.01 -8.19 -11.41
CA VAL G 37 16.28 -7.85 -12.04
C VAL G 37 17.27 -8.99 -11.89
N VAL G 38 17.22 -9.72 -10.77
CA VAL G 38 18.12 -10.86 -10.61
C VAL G 38 17.75 -11.97 -11.59
N MET G 39 16.45 -12.18 -11.82
CA MET G 39 16.03 -13.12 -12.85
C MET G 39 16.54 -12.70 -14.21
N VAL G 40 16.41 -11.41 -14.54
CA VAL G 40 16.84 -10.91 -15.85
C VAL G 40 18.34 -11.12 -16.02
N ALA G 41 19.11 -10.75 -15.00
CA ALA G 41 20.57 -10.90 -15.08
C ALA G 41 20.97 -12.36 -15.18
N SER G 42 20.34 -13.23 -14.39
CA SER G 42 20.69 -14.64 -14.41
C SER G 42 20.36 -15.28 -15.76
N LEU G 43 19.19 -14.97 -16.30
CA LEU G 43 18.81 -15.53 -17.59
C LEU G 43 19.70 -14.99 -18.71
N SER G 44 20.05 -13.70 -18.66
CA SER G 44 20.95 -13.15 -19.65
C SER G 44 22.37 -13.69 -19.51
N SER G 45 22.73 -14.18 -18.32
CA SER G 45 24.07 -14.72 -18.13
C SER G 45 24.16 -16.18 -18.57
N VAL G 46 23.15 -16.99 -18.24
CA VAL G 46 23.21 -18.40 -18.58
C VAL G 46 23.16 -18.60 -20.09
N THR G 47 22.40 -17.76 -20.79
CA THR G 47 22.20 -17.91 -22.22
C THR G 47 23.07 -16.98 -23.05
N GLN G 48 24.09 -16.35 -22.45
CA GLN G 48 24.88 -15.39 -23.21
C GLN G 48 25.68 -16.08 -24.30
N ARG G 49 26.14 -17.31 -24.06
CA ARG G 49 26.77 -18.08 -25.13
C ARG G 49 25.76 -18.39 -26.23
N ILE G 50 24.55 -18.77 -25.84
CA ILE G 50 23.49 -19.03 -26.82
C ILE G 50 23.11 -17.76 -27.54
N GLN G 51 23.05 -16.64 -26.83
CA GLN G 51 22.74 -15.36 -27.47
C GLN G 51 23.82 -15.00 -28.48
N ARG G 52 25.09 -15.18 -28.12
CA ARG G 52 26.17 -14.85 -29.03
C ARG G 52 26.18 -15.76 -30.26
N ALA G 53 25.93 -17.06 -30.05
CA ALA G 53 25.84 -17.97 -31.19
C ALA G 53 24.69 -17.61 -32.10
N GLU G 54 23.54 -17.25 -31.53
CA GLU G 54 22.39 -16.87 -32.35
C GLU G 54 22.66 -15.56 -33.09
N GLN G 55 23.34 -14.62 -32.45
CA GLN G 55 23.72 -13.38 -33.13
C GLN G 55 24.67 -13.66 -34.28
N GLY G 56 25.65 -14.54 -34.07
CA GLY G 56 26.55 -14.91 -35.15
C GLY G 56 25.82 -15.61 -36.30
N GLU G 57 24.86 -16.48 -35.97
CA GLU G 57 24.07 -17.14 -37.00
C GLU G 57 23.27 -16.12 -37.80
N LYS G 58 22.66 -15.16 -37.11
CA LYS G 58 21.91 -14.12 -37.81
C LYS G 58 22.81 -13.27 -38.69
N ALA G 59 24.02 -12.95 -38.20
CA ALA G 59 24.98 -12.19 -39.01
C ALA G 59 25.41 -12.98 -40.23
N ARG G 60 25.65 -14.28 -40.08
CA ARG G 60 25.99 -15.11 -41.23
C ARG G 60 24.85 -15.14 -42.24
N GLY G 61 23.62 -15.26 -41.75
CA GLY G 61 22.48 -15.22 -42.63
C GLY G 61 22.36 -13.91 -43.39
N GLN G 62 22.58 -12.80 -42.69
CA GLN G 62 22.54 -11.49 -43.34
C GLN G 62 23.62 -11.37 -44.41
N ASP G 63 24.84 -11.79 -44.10
CA ASP G 63 25.92 -11.72 -45.08
C ASP G 63 25.63 -12.59 -46.29
N ILE G 64 25.15 -13.82 -46.06
CA ILE G 64 24.85 -14.71 -47.17
C ILE G 64 23.71 -14.15 -48.02
N SER G 65 22.68 -13.60 -47.37
CA SER G 65 21.57 -13.01 -48.10
C SER G 65 22.04 -11.82 -48.93
N ARG G 66 22.91 -10.96 -48.37
CA ARG G 66 23.41 -9.83 -49.13
C ARG G 66 24.22 -10.29 -50.33
N LEU G 67 25.09 -11.29 -50.14
CA LEU G 67 25.89 -11.78 -51.25
C LEU G 67 25.01 -12.39 -52.34
N CYS G 68 24.01 -13.18 -51.94
CA CYS G 68 23.12 -13.79 -52.92
C CYS G 68 22.29 -12.74 -53.65
N GLU G 69 21.83 -11.72 -52.94
CA GLU G 69 21.07 -10.64 -53.58
C GLU G 69 21.94 -9.88 -54.57
N ARG G 70 23.20 -9.62 -54.21
CA ARG G 70 24.10 -8.97 -55.15
C ARG G 70 24.32 -9.84 -56.40
N LEU G 71 24.51 -11.14 -56.21
CA LEU G 71 24.73 -12.03 -57.34
C LEU G 71 23.50 -12.09 -58.24
N GLU G 72 22.31 -12.19 -57.65
CA GLU G 72 21.10 -12.26 -58.47
C GLU G 72 20.80 -10.93 -59.14
N LEU G 73 21.15 -9.82 -58.49
CA LEU G 73 21.02 -8.51 -59.15
C LEU G 73 21.93 -8.42 -60.36
N HIS G 74 23.17 -8.92 -60.22
CA HIS G 74 24.06 -8.96 -61.38
C HIS G 74 23.49 -9.85 -62.48
N ALA G 75 22.92 -10.99 -62.11
CA ALA G 75 22.31 -11.88 -63.10
C ALA G 75 21.15 -11.20 -63.82
N ARG G 76 20.25 -10.55 -63.09
CA ARG G 76 19.16 -9.81 -63.70
C ARG G 76 19.67 -8.71 -64.63
N ASN G 77 20.71 -7.99 -64.21
CA ASN G 77 21.24 -6.93 -65.05
C ASN G 77 21.83 -7.49 -66.35
N VAL G 78 22.55 -8.61 -66.25
CA VAL G 78 23.34 -9.08 -67.38
C VAL G 78 22.51 -10.02 -68.27
N ASN G 79 22.07 -11.16 -67.74
CA ASN G 79 21.42 -12.18 -68.55
C ASN G 79 20.13 -12.62 -67.88
N LYS G 80 19.02 -12.52 -68.62
CA LYS G 80 17.72 -12.90 -68.08
C LYS G 80 17.61 -14.40 -67.83
N ASN G 81 18.42 -15.22 -68.51
CA ASN G 81 18.34 -16.67 -68.36
C ASN G 81 18.74 -17.13 -66.96
N ILE G 82 19.67 -16.43 -66.32
CA ILE G 82 20.19 -16.85 -65.02
C ILE G 82 19.23 -16.41 -63.93
N VAL G 83 18.58 -17.39 -63.28
CA VAL G 83 17.67 -17.14 -62.17
C VAL G 83 18.28 -17.77 -60.92
N VAL G 84 18.29 -17.01 -59.83
CA VAL G 84 18.98 -17.41 -58.60
C VAL G 84 17.95 -17.59 -57.49
N ASP G 85 18.04 -18.71 -56.78
CA ASP G 85 17.16 -19.01 -55.67
C ASP G 85 17.94 -18.78 -54.38
N CYS G 86 17.76 -17.59 -53.79
CA CYS G 86 18.43 -17.25 -52.55
C CYS G 86 17.89 -17.99 -51.34
N HIS G 87 16.69 -18.58 -51.45
CA HIS G 87 16.13 -19.31 -50.32
C HIS G 87 16.96 -20.53 -49.97
N ASP G 88 17.43 -21.27 -50.97
CA ASP G 88 18.21 -22.48 -50.75
C ASP G 88 19.50 -22.50 -51.56
N ASN G 89 19.94 -21.33 -52.04
CA ASN G 89 21.24 -21.17 -52.71
C ASN G 89 21.35 -22.09 -53.93
N ARG G 90 20.48 -21.85 -54.90
CA ARG G 90 20.48 -22.59 -56.16
C ARG G 90 20.52 -21.62 -57.33
N ILE G 91 21.33 -21.93 -58.33
CA ILE G 91 21.33 -21.23 -59.61
C ILE G 91 20.65 -22.14 -60.63
N SER G 92 19.57 -21.65 -61.22
CA SER G 92 18.75 -22.44 -62.12
C SER G 92 18.80 -21.87 -63.53
N PHE G 93 18.82 -22.77 -64.51
CA PHE G 93 18.74 -22.44 -65.92
C PHE G 93 17.62 -23.23 -66.58
N GLY G 94 16.44 -23.22 -65.93
CA GLY G 94 15.33 -24.08 -66.29
C GLY G 94 15.07 -24.28 -67.76
N GLU G 95 14.72 -23.20 -68.49
CA GLU G 95 14.45 -23.33 -69.91
C GLU G 95 15.72 -23.69 -70.69
N ALA G 96 16.84 -23.08 -70.33
CA ALA G 96 18.09 -23.33 -71.05
C ALA G 96 18.79 -24.61 -70.62
N GLY G 97 18.41 -25.19 -69.48
CA GLY G 97 19.05 -26.36 -68.96
C GLY G 97 18.32 -27.67 -69.15
N ARG G 98 17.24 -27.69 -69.93
CA ARG G 98 16.53 -28.93 -70.18
C ARG G 98 17.41 -29.92 -70.95
N PHE G 99 17.39 -31.16 -70.52
CA PHE G 99 18.12 -32.24 -71.18
C PHE G 99 17.13 -33.20 -71.82
N ALA G 100 17.32 -33.47 -73.11
CA ALA G 100 16.53 -34.48 -73.79
C ALA G 100 17.02 -35.87 -73.40
N HIS G 101 16.29 -36.89 -73.84
CA HIS G 101 16.60 -38.25 -73.46
C HIS G 101 17.93 -38.69 -74.06
N ASN G 102 18.80 -39.25 -73.22
CA ASN G 102 20.03 -39.93 -73.64
C ASN G 102 20.99 -38.99 -74.36
N GLN G 103 21.00 -37.71 -73.99
CA GLN G 103 22.00 -36.77 -74.50
C GLN G 103 22.50 -35.92 -73.33
N PHE G 104 23.77 -35.53 -73.38
CA PHE G 104 24.40 -34.79 -72.29
C PHE G 104 24.88 -33.41 -72.69
N PHE G 105 24.45 -32.90 -73.84
CA PHE G 105 24.76 -31.53 -74.24
C PHE G 105 23.59 -30.61 -73.91
N LEU G 106 23.75 -29.34 -74.27
CA LEU G 106 22.72 -28.34 -74.07
C LEU G 106 22.67 -27.42 -75.28
N ASN G 107 21.55 -26.69 -75.41
CA ASN G 107 21.41 -25.72 -76.48
C ASN G 107 22.36 -24.54 -76.25
N ALA G 108 22.33 -23.58 -77.18
CA ALA G 108 23.23 -22.43 -77.11
C ALA G 108 22.99 -21.61 -75.84
N GLU G 109 21.72 -21.49 -75.42
CA GLU G 109 21.41 -20.66 -74.27
C GLU G 109 22.01 -21.22 -72.99
N GLY G 110 22.07 -22.54 -72.84
CA GLY G 110 22.69 -23.14 -71.68
C GLY G 110 24.14 -22.72 -71.51
N GLN G 111 24.93 -22.88 -72.56
CA GLN G 111 26.31 -22.40 -72.56
C GLN G 111 26.43 -20.90 -72.39
N LYS G 112 25.60 -20.11 -73.05
CA LYS G 112 25.67 -18.66 -72.88
C LYS G 112 25.46 -18.29 -71.42
N ALA G 113 24.41 -18.84 -70.80
CA ALA G 113 24.12 -18.54 -69.41
C ALA G 113 25.22 -19.03 -68.49
N LEU G 114 25.76 -20.23 -68.74
CA LEU G 114 26.79 -20.77 -67.86
C LEU G 114 28.07 -19.95 -67.92
N GLN G 115 28.58 -19.71 -69.13
CA GLN G 115 29.79 -18.93 -69.29
C GLN G 115 29.58 -17.46 -68.96
N ASP G 116 28.34 -17.01 -68.84
CA ASP G 116 28.07 -15.66 -68.39
C ASP G 116 28.02 -15.59 -66.86
N VAL G 117 27.46 -16.62 -66.22
CA VAL G 117 27.30 -16.59 -64.77
C VAL G 117 28.60 -16.92 -64.06
N VAL G 118 29.48 -17.73 -64.67
CA VAL G 118 30.73 -18.10 -63.98
C VAL G 118 31.56 -16.88 -63.60
N PRO G 119 31.84 -15.92 -64.50
CA PRO G 119 32.57 -14.72 -64.06
C PRO G 119 31.85 -13.92 -62.98
N LEU G 120 30.52 -13.84 -63.04
CA LEU G 120 29.78 -13.09 -62.02
C LEU G 120 29.93 -13.75 -60.65
N VAL G 121 29.80 -15.08 -60.60
CA VAL G 121 29.97 -15.78 -59.33
C VAL G 121 31.41 -15.68 -58.84
N LEU G 122 32.37 -15.68 -59.76
CA LEU G 122 33.76 -15.48 -59.37
C LEU G 122 33.96 -14.10 -58.75
N GLU G 123 33.37 -13.07 -59.34
CA GLU G 123 33.47 -11.73 -58.78
C GLU G 123 32.82 -11.67 -57.41
N ALA G 124 31.66 -12.31 -57.24
CA ALA G 124 31.02 -12.35 -55.94
C ALA G 124 31.90 -13.05 -54.90
N SER G 125 32.52 -14.16 -55.29
CA SER G 125 33.38 -14.91 -54.36
C SER G 125 34.64 -14.14 -54.03
N ASN G 126 35.14 -13.32 -54.96
CA ASN G 126 36.35 -12.54 -54.71
C ASN G 126 36.14 -11.40 -53.72
N SER G 127 34.88 -11.03 -53.46
CA SER G 127 34.63 -9.95 -52.51
C SER G 127 34.88 -10.42 -51.08
N GLU G 128 34.87 -9.46 -50.16
CA GLU G 128 35.15 -9.77 -48.76
C GLU G 128 34.14 -10.75 -48.19
N GLU G 129 32.86 -10.60 -48.55
CA GLU G 129 31.86 -11.58 -48.15
C GLU G 129 32.19 -12.95 -48.73
N GLY G 130 32.61 -12.99 -50.01
CA GLY G 130 33.03 -14.25 -50.60
C GLY G 130 34.31 -14.78 -49.97
N LYS G 131 35.29 -13.90 -49.74
CA LYS G 131 36.53 -14.33 -49.11
C LYS G 131 36.36 -14.71 -47.65
N LYS G 132 35.18 -14.47 -47.06
CA LYS G 132 34.91 -14.85 -45.69
C LYS G 132 33.98 -16.04 -45.55
N TRP G 133 33.02 -16.21 -46.46
CA TRP G 133 31.97 -17.21 -46.28
C TRP G 133 31.74 -18.13 -47.47
N PHE G 134 32.45 -17.95 -48.58
CA PHE G 134 32.15 -18.68 -49.81
C PHE G 134 33.13 -19.83 -49.99
N LYS G 135 32.62 -21.06 -49.94
CA LYS G 135 33.39 -22.26 -50.29
C LYS G 135 33.24 -22.56 -51.77
N GLN G 136 33.69 -23.74 -52.19
CA GLN G 136 33.59 -24.12 -53.58
C GLN G 136 32.16 -24.45 -53.97
N ILE G 137 31.92 -24.50 -55.27
CA ILE G 137 30.58 -24.67 -55.83
C ILE G 137 30.37 -26.13 -56.23
N VAL G 138 29.21 -26.66 -55.87
CA VAL G 138 28.85 -28.05 -56.14
C VAL G 138 27.91 -28.08 -57.34
N ILE G 139 28.25 -28.92 -58.31
CA ILE G 139 27.37 -29.14 -59.46
C ILE G 139 26.37 -30.23 -59.10
N GLU G 140 25.08 -29.94 -59.30
CA GLU G 140 24.00 -30.82 -58.90
C GLU G 140 23.59 -31.72 -60.05
N GLY G 141 23.48 -33.00 -59.78
CA GLY G 141 22.99 -33.97 -60.77
C GLY G 141 21.74 -34.65 -60.25
N PHE G 142 20.81 -34.95 -61.16
CA PHE G 142 19.53 -35.54 -60.81
C PHE G 142 19.26 -36.75 -61.69
N THR G 143 18.76 -37.82 -61.08
CA THR G 143 18.40 -39.03 -61.80
C THR G 143 17.08 -39.57 -61.26
N ASP G 144 16.37 -40.29 -62.12
CA ASP G 144 15.13 -40.93 -61.74
C ASP G 144 15.37 -42.36 -61.28
N THR G 145 14.36 -42.95 -60.64
CA THR G 145 14.45 -44.30 -60.11
C THR G 145 13.95 -45.37 -61.07
N ASP G 146 13.56 -44.98 -62.28
CA ASP G 146 13.04 -45.91 -63.27
C ASP G 146 14.14 -46.37 -64.21
N GLY G 147 13.90 -47.54 -64.83
CA GLY G 147 14.85 -48.10 -65.76
C GLY G 147 16.08 -48.64 -65.06
N SER G 148 17.11 -48.89 -65.87
CA SER G 148 18.39 -49.35 -65.34
C SER G 148 19.06 -48.23 -64.55
N TYR G 149 19.53 -48.56 -63.34
CA TYR G 149 20.12 -47.56 -62.46
C TYR G 149 21.41 -47.00 -63.04
N LEU G 150 22.29 -47.89 -63.51
CA LEU G 150 23.62 -47.45 -63.90
C LEU G 150 23.60 -46.63 -65.18
N TYR G 151 22.60 -46.84 -66.05
CA TYR G 151 22.46 -45.98 -67.21
C TYR G 151 22.14 -44.55 -66.81
N ASN G 152 21.23 -44.36 -65.86
CA ASN G 152 20.94 -43.03 -65.35
C ASN G 152 22.15 -42.43 -64.66
N LEU G 153 22.88 -43.24 -63.89
CA LEU G 153 24.09 -42.75 -63.23
C LEU G 153 25.11 -42.29 -64.26
N HIS G 154 25.32 -43.07 -65.32
CA HIS G 154 26.25 -42.71 -66.37
C HIS G 154 25.80 -41.44 -67.09
N LEU G 155 24.49 -41.30 -67.33
CA LEU G 155 23.99 -40.09 -67.97
C LEU G 155 24.25 -38.86 -67.12
N SER G 156 23.98 -38.95 -65.82
CA SER G 156 24.23 -37.81 -64.93
C SER G 156 25.72 -37.50 -64.85
N LEU G 157 26.56 -38.54 -64.78
CA LEU G 157 28.00 -38.33 -64.72
C LEU G 157 28.52 -37.68 -66.00
N GLN G 158 28.01 -38.12 -67.15
CA GLN G 158 28.40 -37.51 -68.42
C GLN G 158 27.92 -36.06 -68.50
N ARG G 159 26.74 -35.78 -67.95
CA ARG G 159 26.25 -34.40 -67.92
C ARG G 159 27.17 -33.53 -67.07
N SER G 160 27.58 -34.03 -65.90
CA SER G 160 28.50 -33.27 -65.05
C SER G 160 29.84 -33.06 -65.74
N GLU G 161 30.37 -34.10 -66.39
CA GLU G 161 31.64 -33.98 -67.10
C GLU G 161 31.53 -33.00 -68.26
N TRP G 162 30.39 -32.99 -68.95
CA TRP G 162 30.16 -32.03 -70.02
C TRP G 162 30.09 -30.61 -69.49
N VAL G 163 29.45 -30.42 -68.33
CA VAL G 163 29.40 -29.09 -67.72
C VAL G 163 30.80 -28.62 -67.37
N MET G 164 31.60 -29.50 -66.77
CA MET G 164 32.97 -29.12 -66.42
C MET G 164 33.82 -28.86 -67.66
N CYS G 165 33.66 -29.68 -68.71
CA CYS G 165 34.31 -29.41 -69.97
C CYS G 165 33.97 -28.02 -70.48
N SER G 166 32.66 -27.75 -70.58
CA SER G 166 32.19 -26.46 -71.09
C SER G 166 32.73 -25.31 -70.27
N LEU G 167 32.92 -25.52 -68.96
CA LEU G 167 33.55 -24.49 -68.14
C LEU G 167 35.03 -24.35 -68.47
N LEU G 168 35.71 -25.46 -68.77
CA LEU G 168 37.17 -25.44 -68.94
C LEU G 168 37.64 -26.24 -70.15
N ASP G 169 37.04 -26.01 -71.32
CA ASP G 169 37.51 -26.64 -72.56
C ASP G 169 38.10 -25.58 -73.47
N SER G 170 39.09 -26.00 -74.26
CA SER G 170 39.74 -25.09 -75.20
C SER G 170 38.75 -24.63 -76.28
N ARG G 171 39.00 -23.44 -76.82
CA ARG G 171 38.23 -22.78 -77.87
C ARG G 171 36.86 -22.31 -77.37
N SER G 172 36.49 -22.60 -76.12
CA SER G 172 35.23 -22.15 -75.58
C SER G 172 35.18 -20.63 -75.53
N PRO G 173 34.00 -20.04 -75.74
CA PRO G 173 33.90 -18.57 -75.70
C PRO G 173 34.33 -17.97 -74.36
N LEU G 174 34.17 -18.72 -73.27
CA LEU G 174 34.65 -18.25 -71.97
C LEU G 174 36.17 -18.12 -71.95
N GLN G 175 36.87 -19.02 -72.63
CA GLN G 175 38.33 -19.00 -72.61
C GLN G 175 38.89 -17.75 -73.28
N LYS G 176 38.15 -17.16 -74.22
CA LYS G 176 38.61 -15.95 -74.87
C LYS G 176 38.42 -14.72 -73.98
N ASN G 177 37.53 -14.79 -73.00
CA ASN G 177 37.24 -13.67 -72.10
C ASN G 177 37.80 -13.88 -70.70
N ILE G 178 38.85 -14.67 -70.54
CA ILE G 178 39.35 -15.05 -69.23
C ILE G 178 40.83 -14.74 -69.14
N SER G 179 41.29 -14.54 -67.91
CA SER G 179 42.72 -14.45 -67.60
C SER G 179 43.16 -15.72 -66.87
N ALA G 180 44.48 -15.86 -66.72
CA ALA G 180 45.02 -17.05 -66.08
C ALA G 180 44.57 -17.16 -64.63
N GLU G 181 44.57 -16.04 -63.90
CA GLU G 181 44.14 -16.05 -62.50
C GLU G 181 42.68 -16.46 -62.37
N GLN G 182 41.83 -15.96 -63.27
CA GLN G 182 40.42 -16.33 -63.23
C GLN G 182 40.23 -17.82 -63.55
N GLN G 183 41.01 -18.34 -64.50
CA GLN G 183 40.95 -19.77 -64.80
C GLN G 183 41.37 -20.60 -63.59
N LEU G 184 42.43 -20.18 -62.90
CA LEU G 184 42.84 -20.87 -61.68
C LEU G 184 41.75 -20.81 -60.62
N GLN G 185 41.10 -19.65 -60.48
CA GLN G 185 40.03 -19.51 -59.51
C GLN G 185 38.85 -20.43 -59.83
N ILE G 186 38.53 -20.57 -61.11
CA ILE G 186 37.48 -21.51 -61.51
C ILE G 186 37.89 -22.93 -61.16
N ARG G 187 39.14 -23.29 -61.44
CA ARG G 187 39.62 -24.63 -61.12
C ARG G 187 39.53 -24.90 -59.62
N LYS G 188 39.81 -23.89 -58.80
CA LYS G 188 39.79 -24.08 -57.37
C LYS G 188 38.37 -24.11 -56.79
N LEU G 189 37.47 -23.30 -57.33
CA LEU G 189 36.15 -23.10 -56.74
C LEU G 189 35.10 -24.07 -57.27
N PHE G 190 35.46 -24.97 -58.18
CA PHE G 190 34.52 -25.85 -58.83
C PHE G 190 34.98 -27.30 -58.72
N LEU G 191 34.08 -28.18 -58.30
CA LEU G 191 34.27 -29.62 -58.40
C LEU G 191 33.08 -30.21 -59.13
N ALA G 192 33.35 -31.16 -60.01
CA ALA G 192 32.31 -31.80 -60.81
C ALA G 192 32.04 -33.20 -60.26
N GLY G 193 30.79 -33.46 -59.89
CA GLY G 193 30.41 -34.75 -59.35
C GLY G 193 29.27 -34.67 -58.36
N GLY G 194 28.37 -35.64 -58.41
CA GLY G 194 27.24 -35.67 -57.49
C GLY G 194 25.96 -36.12 -58.14
N VAL G 195 25.27 -37.06 -57.50
CA VAL G 195 24.01 -37.59 -58.01
C VAL G 195 23.01 -37.62 -56.86
N SER G 196 21.73 -37.51 -57.20
CA SER G 196 20.68 -37.44 -56.19
C SER G 196 19.39 -37.99 -56.76
N PHE G 197 18.47 -38.34 -55.86
CA PHE G 197 17.13 -38.79 -56.22
C PHE G 197 16.11 -37.99 -55.41
N ASN G 198 15.07 -37.52 -56.09
CA ASN G 198 14.06 -36.70 -55.45
C ASN G 198 12.72 -36.92 -56.14
N ASN G 199 11.65 -36.64 -55.40
CA ASN G 199 10.29 -36.74 -55.91
C ASN G 199 9.47 -35.50 -55.55
N ALA G 200 10.13 -34.35 -55.45
CA ALA G 200 9.48 -33.11 -55.06
C ALA G 200 8.84 -32.39 -56.24
N LYS G 201 8.96 -32.92 -57.45
CA LYS G 201 8.42 -32.27 -58.64
C LYS G 201 7.52 -33.25 -59.39
N GLU G 202 6.52 -32.70 -60.07
CA GLU G 202 5.45 -33.49 -60.67
C GLU G 202 5.83 -34.12 -62.00
N SER G 203 6.90 -33.68 -62.65
CA SER G 203 7.24 -34.14 -63.99
C SER G 203 8.65 -34.72 -64.01
N LYS G 204 8.82 -35.76 -64.83
CA LYS G 204 10.12 -36.39 -65.00
C LYS G 204 11.06 -35.55 -65.86
N GLU G 205 10.52 -34.62 -66.66
CA GLU G 205 11.38 -33.73 -67.43
C GLU G 205 12.16 -32.79 -66.52
N ALA G 206 11.66 -32.55 -65.31
CA ALA G 206 12.38 -31.68 -64.38
C ALA G 206 13.68 -32.30 -63.90
N SER G 207 13.70 -33.62 -63.72
CA SER G 207 14.93 -34.29 -63.31
C SER G 207 16.04 -34.16 -64.35
N ARG G 208 15.69 -33.87 -65.61
CA ARG G 208 16.68 -33.68 -66.66
C ARG G 208 17.10 -32.21 -66.67
N ARG G 209 17.92 -31.86 -65.67
CA ARG G 209 18.39 -30.49 -65.54
C ARG G 209 19.69 -30.50 -64.74
N VAL G 210 20.43 -29.40 -64.85
CA VAL G 210 21.67 -29.19 -64.11
C VAL G 210 21.54 -27.87 -63.36
N GLU G 211 22.21 -27.78 -62.21
CA GLU G 211 22.08 -26.62 -61.34
C GLU G 211 23.40 -26.36 -60.62
N LEU G 212 23.57 -25.12 -60.18
CA LEU G 212 24.73 -24.71 -59.39
C LEU G 212 24.27 -24.40 -57.98
N ARG G 213 24.86 -25.08 -56.99
CA ARG G 213 24.45 -24.98 -55.59
C ARG G 213 25.69 -24.70 -54.76
N MET G 214 25.96 -23.42 -54.52
CA MET G 214 27.09 -23.02 -53.69
C MET G 214 26.77 -23.27 -52.23
N GLN G 215 27.79 -23.67 -51.47
CA GLN G 215 27.66 -23.93 -50.05
C GLN G 215 28.75 -23.18 -49.29
N PHE G 216 28.45 -22.82 -48.04
CA PHE G 216 29.23 -21.89 -47.27
C PHE G 216 29.84 -22.57 -46.06
N PHE G 217 30.82 -21.90 -45.45
CA PHE G 217 31.40 -22.35 -44.19
C PHE G 217 30.36 -22.28 -43.08
N GLY G 218 30.53 -23.14 -42.08
CA GLY G 218 29.77 -23.01 -40.86
C GLY G 218 30.33 -21.92 -39.97
N LEU G 219 29.63 -21.66 -38.87
CA LEU G 219 30.08 -20.63 -37.94
C LEU G 219 31.43 -21.01 -37.32
N LYS G 220 31.61 -22.28 -36.97
CA LYS G 220 32.82 -22.73 -36.30
C LYS G 220 33.89 -23.23 -37.26
N ASP G 221 33.62 -23.23 -38.57
CA ASP G 221 34.64 -23.64 -39.53
C ASP G 221 35.67 -22.53 -39.73
N LYS G 222 35.21 -21.37 -40.19
CA LYS G 222 36.03 -20.15 -40.27
C LYS G 222 37.26 -20.34 -41.15
N ARG G 223 37.08 -20.99 -42.30
CA ARG G 223 38.07 -21.02 -43.38
C ARG G 223 39.40 -21.61 -42.89
N ASP G 224 39.35 -22.90 -42.57
CA ASP G 224 40.57 -23.62 -42.21
C ASP G 224 41.58 -23.54 -43.34
N LYS G 225 42.72 -22.93 -43.07
CA LYS G 225 43.70 -22.64 -44.11
C LYS G 225 44.35 -23.91 -44.65
N ALA G 226 44.50 -24.94 -43.80
CA ALA G 226 45.18 -26.16 -44.23
C ALA G 226 44.38 -26.94 -45.27
N ASP G 227 43.06 -26.73 -45.34
CA ASP G 227 42.26 -27.45 -46.31
C ASP G 227 42.57 -27.04 -47.75
N GLU G 228 42.94 -25.77 -47.95
CA GLU G 228 43.23 -25.30 -49.29
C GLU G 228 44.48 -25.97 -49.86
N VAL G 229 44.41 -26.33 -51.14
CA VAL G 229 45.52 -26.88 -51.89
C VAL G 229 45.86 -25.93 -53.02
N ASP G 230 46.86 -26.29 -53.81
CA ASP G 230 47.31 -25.44 -54.91
C ASP G 230 47.47 -26.26 -56.19
N PHE G 231 47.39 -25.56 -57.32
CA PHE G 231 47.58 -26.08 -58.66
C PHE G 231 48.72 -25.36 -59.36
N PRO G 232 49.44 -26.04 -60.25
CA PRO G 232 50.49 -25.37 -61.03
C PRO G 232 49.90 -24.52 -62.14
N PRO G 233 50.67 -23.59 -62.69
CA PRO G 233 50.18 -22.80 -63.83
C PRO G 233 49.91 -23.69 -65.05
N VAL G 234 48.96 -23.26 -65.86
CA VAL G 234 48.57 -24.03 -67.04
C VAL G 234 49.70 -24.01 -68.05
N VAL G 235 50.09 -25.19 -68.53
CA VAL G 235 51.18 -25.32 -69.49
C VAL G 235 50.62 -25.58 -70.87
N ASN G 236 49.46 -26.24 -70.95
CA ASN G 236 48.81 -26.54 -72.22
C ASN G 236 47.31 -26.48 -72.04
N LYS G 237 46.60 -26.18 -73.12
CA LYS G 237 45.16 -26.01 -73.05
C LYS G 237 44.45 -27.33 -72.77
N GLU G 238 43.35 -27.26 -72.03
CA GLU G 238 42.57 -28.43 -71.69
C GLU G 238 41.82 -28.96 -72.91
N VAL G 239 41.61 -30.27 -72.93
CA VAL G 239 40.87 -30.94 -74.00
C VAL G 239 39.79 -31.80 -73.37
N CYS G 240 38.55 -31.62 -73.80
CA CYS G 240 37.45 -32.44 -73.30
C CYS G 240 37.54 -33.85 -73.86
N GLN G 241 37.27 -34.84 -73.03
CA GLN G 241 37.37 -36.23 -73.43
C GLN G 241 36.03 -36.90 -73.69
N LEU G 242 34.92 -36.20 -73.52
CA LEU G 242 33.64 -36.75 -73.91
C LEU G 242 33.49 -36.69 -75.43
N VAL G 243 32.65 -37.59 -75.94
CA VAL G 243 32.44 -37.69 -77.39
C VAL G 243 31.52 -36.58 -77.87
N MET G 244 32.11 -35.48 -78.35
CA MET G 244 31.30 -34.38 -78.86
C MET G 244 30.47 -34.76 -80.09
N PRO G 245 31.03 -35.39 -81.13
CA PRO G 245 30.15 -35.82 -82.24
C PRO G 245 29.18 -36.90 -81.85
N LEU G 246 29.54 -37.74 -80.87
CA LEU G 246 28.67 -38.81 -80.37
C LEU G 246 28.21 -39.73 -81.51
C1 CDL H . -34.04 -3.86 14.40
O1 CDL H . -35.36 -4.40 14.49
CA2 CDL H . -33.25 -4.26 15.63
OA2 CDL H . -31.88 -3.88 15.46
PA1 CDL H . -30.79 -4.24 16.55
OA3 CDL H . -29.96 -2.98 16.83
OA4 CDL H . -31.40 -4.86 17.74
OA5 CDL H . -29.88 -5.27 15.77
CA3 CDL H . -30.28 -6.64 15.60
CA4 CDL H . -29.26 -7.52 16.27
OA6 CDL H . -29.59 -8.91 15.95
CA5 CDL H . -28.65 -9.62 15.29
OA7 CDL H . -28.06 -9.22 14.33
C11 CDL H . -28.47 -10.97 15.92
C12 CDL H . -28.30 -12.09 14.89
C13 CDL H . -26.85 -12.36 14.54
C14 CDL H . -26.65 -13.01 13.18
C15 CDL H . -25.80 -14.27 13.22
C16 CDL H . -24.95 -14.50 11.99
C17 CDL H . -24.10 -15.75 12.05
C18 CDL H . -22.79 -15.57 12.80
C19 CDL H . -21.69 -16.54 12.40
C20 CDL H . -20.40 -15.88 11.97
C21 CDL H . -19.75 -16.50 10.75
C22 CDL H . -18.25 -16.36 10.68
C23 CDL H . -17.73 -15.69 9.42
C24 CDL H . -18.14 -16.38 8.14
C25 CDL H . -18.22 -15.45 6.94
C26 CDL H . -19.48 -15.62 6.09
C27 CDL H . -20.73 -15.85 6.92
CA6 CDL H . -29.29 -7.37 17.77
OA8 CDL H . -28.29 -8.25 18.34
CA7 CDL H . -27.28 -7.68 19.01
OA9 CDL H . -27.31 -7.46 20.19
C31 CDL H . -26.13 -7.38 18.10
C32 CDL H . -24.80 -7.26 18.82
C33 CDL H . -23.85 -8.40 18.52
C34 CDL H . -23.81 -8.83 17.06
C35 CDL H . -24.21 -10.27 16.83
C36 CDL H . -23.48 -10.95 15.69
C37 CDL H . -23.29 -12.45 15.88
C38 CDL H . -22.90 -12.87 17.28
C39 CDL H . -21.71 -13.81 17.36
C40 CDL H . -21.18 -14.31 16.03
C41 CDL H . -20.23 -15.48 16.13
C42 CDL H . -18.89 -15.27 15.46
C43 CDL H . -17.95 -16.46 15.54
C44 CDL H . -17.04 -16.62 14.34
C45 CDL H . -16.56 -18.05 14.11
C46 CDL H . -15.86 -18.27 12.77
C47 CDL H . -14.51 -18.94 12.91
CB2 CDL H . -34.13 -2.37 14.22
OB2 CDL H . -32.88 -1.85 13.72
PB2 CDL H . -32.69 -1.47 12.21
OB3 CDL H . -33.40 -2.52 11.35
OB4 CDL H . -33.14 -0.09 11.95
OB5 CDL H . -31.13 -1.61 11.99
CB3 CDL H . -30.41 -2.78 12.48
CB4 CDL H . -30.36 -3.79 11.36
OB6 CDL H . -30.27 -5.12 11.97
CB5 CDL H . -31.11 -6.05 11.51
OB7 CDL H . -32.31 -5.95 11.51
C51 CDL H . -30.37 -7.25 10.99
C52 CDL H . -29.84 -7.08 9.57
C53 CDL H . -29.02 -8.27 9.10
C54 CDL H . -28.47 -8.15 7.69
C55 CDL H . -26.97 -7.91 7.62
C56 CDL H . -26.14 -9.02 8.22
C57 CDL H . -25.02 -9.52 7.31
C58 CDL H . -24.91 -11.04 7.23
C59 CDL H . -24.24 -11.68 8.42
C60 CDL H . -23.05 -12.57 8.07
C61 CDL H . -21.89 -11.83 7.44
C62 CDL H . -20.52 -12.32 7.87
C63 CDL H . -19.47 -11.21 7.95
C64 CDL H . -18.03 -11.70 7.98
C65 CDL H . -17.00 -10.58 7.95
C66 CDL H . -15.59 -11.05 7.66
C67 CDL H . -15.50 -12.04 6.52
CB6 CDL H . -29.15 -3.60 10.49
OB8 CDL H . -28.14 -2.84 11.20
CB7 CDL H . -26.89 -3.28 11.13
OB9 CDL H . -26.21 -3.52 12.10
C71 CDL H . -26.44 -3.46 9.72
C72 CDL H . -25.75 -4.80 9.47
C73 CDL H . -24.34 -4.65 8.90
C74 CDL H . -23.92 -5.80 8.00
C75 CDL H . -23.05 -5.39 6.83
C76 CDL H . -22.45 -6.55 6.05
C77 CDL H . -20.95 -6.71 6.23
C78 CDL H . -20.46 -8.15 6.23
C79 CDL H . -21.08 -9.02 5.14
C80 CDL H . -20.19 -10.15 4.66
C81 CDL H . -20.96 -11.25 3.94
C82 CDL H . -20.52 -12.67 4.23
C83 CDL H . -21.09 -13.69 3.26
C84 CDL H . -22.60 -13.68 3.17
C85 CDL H . -23.16 -14.19 1.86
C86 CDL H . -23.23 -15.71 1.76
C87 CDL H . -22.45 -16.27 0.60
CA CA I . -21.04 12.33 44.35
C27 PEE J . 17.35 -13.49 17.93
C26 PEE J . 16.21 -12.63 17.31
C25 PEE J . 15.51 -13.23 16.04
C24 PEE J . 13.96 -12.95 15.91
C23 PEE J . 13.22 -13.47 14.61
C22 PEE J . 12.08 -14.55 14.85
C21 PEE J . 10.58 -14.08 14.70
C20 PEE J . 9.77 -13.90 16.05
C19 PEE J . 8.69 -14.94 16.35
C18 PEE J . 8.96 -16.18 16.90
C17 PEE J . 10.36 -16.65 17.29
C16 PEE J . 10.48 -18.12 17.82
C15 PEE J . 11.56 -19.04 17.14
C14 PEE J . 11.79 -20.47 17.77
C13 PEE J . 13.12 -20.67 18.60
C12 PEE J . 13.72 -22.12 18.67
C11 PEE J . 13.44 -22.94 20.01
C10 PEE J . 14.22 -24.27 20.21
O4 PEE J . 14.69 -24.51 21.33
O2 PEE J . 14.43 -25.22 19.21
C2 PEE J . 13.32 -25.61 18.32
C1 PEE J . 13.73 -26.65 17.24
O3P PEE J . 15.05 -27.08 17.48
P PEE J . 15.40 -28.72 17.85
O2P PEE J . 16.87 -28.94 17.66
O1P PEE J . 14.87 -28.98 19.25
O4P PEE J . 14.55 -29.69 16.72
C4 PEE J . 14.83 -29.61 15.35
C5 PEE J . 14.31 -30.88 14.56
N PEE J . 14.54 -30.76 13.09
C3 PEE J . 12.17 -26.28 19.25
O3 PEE J . 10.82 -26.19 18.65
C30 PEE J . 9.74 -25.67 19.36
O5 PEE J . 9.76 -25.80 20.59
C31 PEE J . 8.53 -24.92 18.68
C32 PEE J . 8.83 -24.13 17.34
C33 PEE J . 7.72 -23.15 16.76
C34 PEE J . 8.20 -21.68 16.42
C35 PEE J . 7.71 -21.04 15.08
C36 PEE J . 7.42 -19.49 15.13
C37 PEE J . 6.66 -18.94 13.89
C38 PEE J . 6.19 -17.46 14.01
C39 PEE J . 5.47 -16.33 14.22
C40 PEE J . 4.33 -15.33 14.50
C41 PEE J . 3.46 -15.63 15.75
C42 PEE J . 3.40 -14.48 16.81
C43 PEE J . 3.90 -14.87 18.24
C44 PEE J . 2.98 -14.50 19.44
C45 PEE J . 3.23 -15.29 20.78
C46 PEE J . 4.46 -16.28 20.77
C47 PEE J . 4.16 -17.79 20.75
C1 CDL K . -10.13 -9.49 36.18
O1 CDL K . -10.30 -10.28 37.36
CA2 CDL K . -8.68 -9.16 35.99
OA2 CDL K . -8.16 -8.53 37.18
PA1 CDL K . -7.32 -9.34 38.25
OA3 CDL K . -7.87 -9.04 39.63
OA4 CDL K . -7.27 -10.78 37.89
OA5 CDL K . -5.90 -8.67 38.11
CA3 CDL K . -4.80 -9.34 37.46
CA4 CDL K . -4.13 -8.36 36.55
OA6 CDL K . -3.35 -9.12 35.57
CA5 CDL K . -3.92 -9.32 34.36
OA7 CDL K . -5.00 -9.81 34.20
C11 CDL K . -3.01 -8.85 33.26
C12 CDL K . -3.58 -9.12 31.88
C13 CDL K . -3.23 -10.50 31.34
C14 CDL K . -2.32 -10.48 30.13
C15 CDL K . -0.85 -10.55 30.46
C16 CDL K . -0.23 -11.93 30.29
C17 CDL K . 0.85 -12.26 31.30
C18 CDL K . 1.44 -13.64 31.14
C19 CDL K . 2.61 -13.70 30.16
C20 CDL K . 2.37 -14.59 28.96
C21 CDL K . 3.64 -15.09 28.29
C22 CDL K . 3.51 -15.31 26.79
C23 CDL K . 4.10 -14.18 25.96
C24 CDL K . 4.11 -14.47 24.46
C25 CDL K . 4.93 -13.48 23.67
C26 CDL K . 6.44 -13.71 23.73
C27 CDL K . 6.83 -15.15 23.56
CA6 CDL K . -3.18 -7.46 37.30
OA8 CDL K . -3.00 -6.23 36.54
CA7 CDL K . -2.31 -5.25 37.15
OA9 CDL K . -2.26 -5.11 38.34
C31 CDL K . -1.60 -4.38 36.15
C32 CDL K . -1.48 -5.01 34.77
C33 CDL K . -0.56 -4.24 33.84
C34 CDL K . -0.56 -4.72 32.41
C35 CDL K . 0.81 -4.99 31.82
C36 CDL K . 0.93 -6.31 31.07
C37 CDL K . 1.65 -7.40 31.83
C38 CDL K . 3.13 -7.12 32.07
C39 CDL K . 4.02 -8.35 32.02
C40 CDL K . 5.19 -8.22 31.06
C41 CDL K . 5.65 -9.54 30.47
C42 CDL K . 6.42 -9.43 29.17
C43 CDL K . 5.94 -10.36 28.07
C44 CDL K . 7.05 -10.91 27.18
C45 CDL K . 8.29 -10.04 27.09
C46 CDL K . 9.51 -10.73 26.52
C47 CDL K . 9.19 -11.84 25.54
CB2 CDL K . -11.02 -8.27 36.26
OB2 CDL K . -10.71 -7.34 35.20
PB2 CDL K . -11.34 -7.51 33.75
OB3 CDL K . -12.38 -8.63 33.81
OB4 CDL K . -11.82 -6.22 33.23
OB5 CDL K . -10.09 -8.03 32.93
CB3 CDL K . -9.96 -9.41 32.56
CB4 CDL K . -8.66 -9.57 31.81
OB6 CDL K . -8.94 -9.31 30.41
CB5 CDL K . -8.74 -8.06 29.95
OB7 CDL K . -8.36 -7.15 30.64
C51 CDL K . -9.06 -7.95 28.49
C52 CDL K . -7.84 -8.15 27.60
C53 CDL K . -7.44 -9.61 27.48
C54 CDL K . -6.16 -9.82 26.72
C55 CDL K . -6.27 -10.79 25.56
C56 CDL K . -5.00 -10.91 24.75
C57 CDL K . -5.22 -11.01 23.26
C58 CDL K . -4.38 -12.06 22.58
C59 CDL K . -3.02 -11.56 22.13
C60 CDL K . -2.10 -12.67 21.65
C61 CDL K . -0.64 -12.29 21.54
C62 CDL K . -0.37 -10.81 21.41
C63 CDL K . 0.79 -10.46 20.50
C64 CDL K . 2.07 -10.12 21.24
C65 CDL K . 3.09 -11.23 21.24
C66 CDL K . 4.36 -10.94 20.47
C67 CDL K . 4.19 -11.09 18.98
CB6 CDL K . -8.11 -10.96 31.93
OB8 CDL K . -8.23 -11.39 33.31
CB7 CDL K . -8.02 -12.68 33.57
OB9 CDL K . -8.82 -13.40 34.10
C71 CDL K . -6.66 -13.12 33.10
C72 CDL K . -6.48 -14.63 33.10
C73 CDL K . -5.82 -15.15 31.84
C74 CDL K . -5.93 -14.25 30.63
C75 CDL K . -4.61 -14.02 29.91
C76 CDL K . -4.72 -13.95 28.40
C77 CDL K . -3.86 -12.86 27.78
C78 CDL K . -2.41 -13.24 27.59
C79 CDL K . -2.07 -13.76 26.21
C80 CDL K . -1.38 -15.12 26.20
C81 CDL K . 0.01 -15.12 25.61
C82 CDL K . 0.04 -15.03 24.09
C83 CDL K . -0.89 -16.00 23.39
C84 CDL K . -0.43 -17.45 23.40
C85 CDL K . 1.00 -17.65 22.92
C86 CDL K . 1.46 -19.09 22.96
C87 CDL K . 2.57 -19.33 23.97
C27 PEE L . 23.56 10.81 1.30
C26 PEE L . 23.88 9.52 2.08
C25 PEE L . 22.70 8.49 2.22
C24 PEE L . 22.90 7.32 3.26
C23 PEE L . 21.63 6.42 3.59
C22 PEE L . 21.79 5.37 4.76
C21 PEE L . 20.48 4.96 5.55
C20 PEE L . 20.53 5.09 7.13
C19 PEE L . 20.83 3.82 7.90
C18 PEE L . 22.09 3.46 8.35
C17 PEE L . 23.33 4.31 8.12
C16 PEE L . 24.71 3.69 8.61
C15 PEE L . 26.03 4.45 8.22
C14 PEE L . 27.40 3.72 8.49
C13 PEE L . 28.23 3.27 7.22
C12 PEE L . 29.30 2.13 7.40
C11 PEE L . 30.83 2.57 7.35
C10 PEE L . 31.89 1.44 7.14
O4 PEE L . 31.87 0.80 6.10
O2 PEE L . 32.88 1.14 8.08
C2 PEE L . 33.62 -0.12 7.99
C1 PEE L . 35.11 0.06 7.59
O3P PEE L . 35.60 -1.09 6.99
P PEE L . 37.14 -1.13 6.26
O2P PEE L . 37.16 -0.08 5.18
O1P PEE L . 38.17 -0.97 7.35
O4P PEE L . 37.34 -2.65 5.51
C4 PEE L . 36.55 -3.76 5.88
C5 PEE L . 36.35 -4.76 4.69
N PEE L . 35.67 -6.01 5.11
C3 PEE L . 33.62 -0.75 9.49
O3 PEE L . 32.31 -0.65 10.15
C30 PEE L . 32.17 -0.08 11.41
O5 PEE L . 33.21 0.22 12.00
C31 PEE L . 30.80 0.20 12.08
C32 PEE L . 29.83 1.23 11.36
C33 PEE L . 28.30 0.82 11.26
C34 PEE L . 27.99 -0.67 10.87
C35 PEE L . 26.94 -0.88 9.72
C36 PEE L . 25.51 -0.33 9.97
C37 PEE L . 24.44 -1.43 10.15
C38 PEE L . 22.98 -1.03 9.85
C39 PEE L . 21.67 -0.74 9.96
C40 PEE L . 20.26 -0.48 10.51
C41 PEE L . 19.84 1.00 10.58
C42 PEE L . 18.65 1.31 11.55
C43 PEE L . 19.03 2.10 12.84
C44 PEE L . 17.96 3.09 13.40
C45 PEE L . 18.47 4.16 14.43
C46 PEE L . 20.01 4.12 14.77
C47 PEE L . 20.43 4.49 16.20
CA CA M . -6.81 26.93 41.53
C1 CDL N . 12.01 14.15 34.12
O1 CDL N . 10.62 13.98 34.43
CA2 CDL N . 12.19 15.38 33.25
OA2 CDL N . 13.47 15.32 32.60
PA1 CDL N . 14.77 15.88 33.29
OA3 CDL N . 14.46 17.27 33.86
OA4 CDL N . 15.31 14.91 34.27
OA5 CDL N . 15.75 16.05 32.06
CA3 CDL N . 15.92 17.33 31.42
CA4 CDL N . 15.06 17.36 30.20
OA6 CDL N . 15.92 17.18 29.03
CA5 CDL N . 15.96 15.96 28.47
OA7 CDL N . 15.06 15.17 28.52
C11 CDL N . 17.26 15.73 27.76
C12 CDL N . 17.34 16.45 26.41
C13 CDL N . 18.50 15.97 25.56
C14 CDL N . 18.05 15.33 24.25
C15 CDL N . 19.13 14.46 23.60
C16 CDL N . 20.47 15.15 23.44
C17 CDL N . 21.34 14.56 22.34
C18 CDL N . 22.27 15.56 21.67
C19 CDL N . 22.69 15.17 20.27
C20 CDL N . 22.96 16.35 19.34
C21 CDL N . 22.42 16.17 17.93
C22 CDL N . 23.40 15.53 16.96
C23 CDL N . 22.77 14.48 16.05
C24 CDL N . 21.98 13.41 16.79
C25 CDL N . 21.44 12.32 15.88
C26 CDL N . 20.14 11.70 16.36
C27 CDL N . 19.14 12.70 16.91
CA6 CDL N . 14.33 18.67 30.05
OA8 CDL N . 13.84 18.76 28.68
CA7 CDL N . 14.01 19.95 28.07
OA9 CDL N . 13.82 21.00 28.59
C31 CDL N . 14.46 19.75 26.66
C32 CDL N . 13.31 19.68 25.66
C33 CDL N . 13.77 19.34 24.26
C34 CDL N . 12.67 18.84 23.34
C35 CDL N . 12.91 17.47 22.77
C36 CDL N . 13.00 17.44 21.25
C37 CDL N . 13.90 16.37 20.70
C38 CDL N . 15.20 16.20 21.48
C39 CDL N . 16.42 15.93 20.60
C40 CDL N . 17.40 17.08 20.56
C41 CDL N . 18.10 17.26 19.23
C42 CDL N . 18.12 18.69 18.73
C43 CDL N . 18.79 18.87 17.38
C44 CDL N . 18.38 17.84 16.35
C45 CDL N . 18.94 18.09 14.95
C46 CDL N . 19.14 16.86 14.10
C47 CDL N . 18.51 15.61 14.67
CB2 CDL N . 12.54 12.90 33.47
OB2 CDL N . 12.01 12.77 32.14
PB2 CDL N . 10.69 11.95 31.86
OB3 CDL N . 10.16 11.44 33.20
OB4 CDL N . 9.72 12.72 31.05
OB5 CDL N . 11.25 10.72 31.04
CB3 CDL N . 12.60 10.72 30.52
CB4 CDL N . 12.53 10.37 29.05
OB6 CDL N . 13.03 11.52 28.30
CB5 CDL N . 14.26 11.43 27.79
OB7 CDL N . 15.20 10.93 28.37
C51 CDL N . 14.34 12.02 26.41
C52 CDL N . 15.58 11.60 25.63
C53 CDL N . 15.59 10.12 25.30
C54 CDL N . 16.71 9.68 24.37
C55 CDL N . 16.82 8.18 24.21
C56 CDL N . 18.17 7.70 23.72
C57 CDL N . 18.66 8.40 22.46
C58 CDL N . 18.45 7.59 21.19
C59 CDL N . 19.35 8.01 20.04
C60 CDL N . 18.62 8.65 18.88
C61 CDL N . 17.16 8.27 18.78
C62 CDL N . 16.66 8.03 17.37
C63 CDL N . 15.72 6.84 17.23
C64 CDL N . 15.39 6.47 15.80
C65 CDL N . 15.59 7.58 14.79
C66 CDL N . 16.63 7.28 13.73
C67 CDL N . 18.02 7.75 14.08
CB6 CDL N . 11.13 10.10 28.59
OB8 CDL N . 11.17 9.01 27.66
CB7 CDL N . 10.89 9.29 26.38
OB9 CDL N . 10.39 10.33 26.03
C71 CDL N . 11.27 8.17 25.48
C72 CDL N . 12.36 7.28 26.05
C73 CDL N . 13.48 7.01 25.08
C74 CDL N . 13.03 6.60 23.69
C75 CDL N . 14.10 5.89 22.88
C76 CDL N . 13.56 4.95 21.83
C77 CDL N . 13.99 5.30 20.41
C78 CDL N . 15.00 4.35 19.82
C79 CDL N . 16.42 4.58 20.30
C80 CDL N . 17.39 3.48 19.93
C81 CDL N . 18.75 3.99 19.46
C82 CDL N . 19.85 2.95 19.52
C83 CDL N . 21.15 3.44 20.13
C84 CDL N . 22.14 2.35 20.45
C85 CDL N . 21.64 1.30 21.43
C86 CDL N . 22.71 0.37 21.95
C87 CDL N . 23.07 0.60 23.40
C27 PEE O . 5.34 8.56 -13.94
C26 PEE O . 5.39 9.85 -13.09
C25 PEE O . 6.57 9.92 -12.07
C24 PEE O . 6.47 11.05 -10.98
C23 PEE O . 7.83 11.70 -10.51
C22 PEE O . 7.76 13.22 -10.07
C21 PEE O . 9.11 14.04 -10.15
C20 PEE O . 9.00 15.57 -10.51
C19 PEE O . 10.30 16.24 -10.95
C18 PEE O . 10.89 16.01 -12.18
C17 PEE O . 10.33 15.07 -13.26
C16 PEE O . 11.32 14.72 -14.44
C15 PEE O . 10.82 14.95 -15.92
C14 PEE O . 11.95 15.03 -17.03
C13 PEE O . 12.31 16.47 -17.54
C12 PEE O . 13.80 16.74 -17.96
C11 PEE O . 14.46 18.12 -17.49
C10 PEE O . 15.86 18.50 -18.06
O4 PEE O . 16.16 19.68 -18.14
O2 PEE O . 16.81 17.56 -18.49
C2 PEE O . 17.35 16.55 -17.56
C1 PEE O . 18.53 15.74 -18.14
O3P PEE O . 19.70 16.51 -18.10
P PEE O . 20.97 16.26 -19.23
O2P PEE O . 20.69 17.13 -20.44
O1P PEE O . 22.27 16.53 -18.52
O4P PEE O . 20.92 14.62 -19.73
C4 PEE O . 21.70 14.18 -20.82
C5 PEE O . 21.97 12.62 -20.74
N PEE O . 22.78 12.14 -21.89
C3 PEE O . 17.91 17.37 -16.27
O3 PEE O . 16.86 17.73 -15.32
C30 PEE O . 17.00 17.46 -13.95
O5 PEE O . 18.06 17.80 -13.42
C31 PEE O . 15.89 16.76 -13.10
C32 PEE O . 16.32 15.46 -12.30
C33 PEE O . 15.16 14.74 -11.49
C34 PEE O . 15.15 13.17 -11.53
C35 PEE O . 13.74 12.51 -11.40
C36 PEE O . 13.04 12.58 -10.01
C37 PEE O . 12.60 11.20 -9.45
C38 PEE O . 12.33 11.15 -7.94
C39 PEE O . 11.92 11.47 -6.68
C40 PEE O . 11.36 12.18 -5.45
C41 PEE O . 9.82 12.16 -5.29
C42 PEE O . 9.19 13.55 -4.93
C43 PEE O . 9.90 14.78 -5.58
C44 PEE O . 9.39 16.21 -5.17
C45 PEE O . 9.82 17.39 -6.11
C46 PEE O . 10.54 16.98 -7.46
C47 PEE O . 11.88 17.66 -7.78
CA CA P . -12.42 38.94 25.38
C1 CDL Q . 4.63 33.29 7.22
O1 CDL Q . 5.77 32.73 6.57
CA2 CDL Q . 4.67 34.79 7.08
OA2 CDL Q . 3.45 35.36 7.61
PA1 CDL Q . 2.12 35.39 6.77
OA3 CDL Q . 1.50 33.99 6.80
OA4 CDL Q . 1.24 36.48 7.22
OA5 CDL Q . 2.68 35.66 5.32
CA3 CDL Q . 1.81 36.10 4.25
CA4 CDL Q . 1.30 34.87 3.54
OA6 CDL Q . 2.40 34.31 2.76
CA5 CDL Q . 3.18 33.39 3.36
OA7 CDL Q . 4.18 33.67 3.98
C11 CDL Q . 2.64 32.01 3.17
C12 CDL Q . 2.32 31.70 1.71
C13 CDL Q . 2.02 30.22 1.47
C14 CDL Q . 2.61 29.29 2.52
C15 CDL Q . 2.91 27.90 1.98
C16 CDL Q . 4.39 27.53 2.02
C17 CDL Q . 4.78 26.47 1.01
C18 CDL Q . 4.11 26.60 -0.34
C19 CDL Q . 5.07 26.81 -1.50
C20 CDL Q . 4.83 25.88 -2.68
C21 CDL Q . 5.21 26.48 -4.02
C22 CDL Q . 6.52 25.97 -4.60
C23 CDL Q . 6.44 25.53 -6.05
C24 CDL Q . 7.77 25.15 -6.68
C25 CDL Q . 8.12 23.68 -6.56
C26 CDL Q . 9.60 23.38 -6.57
C27 CDL Q . 9.95 22.00 -6.08
CA6 CDL Q . 0.21 35.22 2.56
OA8 CDL Q . -0.44 34.00 2.15
CA7 CDL Q . -1.51 33.60 2.85
OA9 CDL Q . -1.88 34.15 3.87
C31 CDL Q . -2.18 32.42 2.22
C32 CDL Q . -2.08 31.17 3.07
C33 CDL Q . -1.99 29.90 2.24
C34 CDL Q . -3.15 29.70 1.28
C35 CDL Q . -3.56 28.25 1.11
C36 CDL Q . -2.42 27.26 1.18
C37 CDL Q . -1.61 27.18 -0.10
C38 CDL Q . -0.70 25.97 -0.17
C39 CDL Q . -0.75 25.21 -1.48
C40 CDL Q . -1.65 25.83 -2.54
C41 CDL Q . -0.90 26.49 -3.69
C42 CDL Q . 0.49 25.94 -3.94
C43 CDL Q . 0.68 25.28 -5.30
C44 CDL Q . 2.11 24.90 -5.60
C45 CDL Q . 2.51 23.51 -5.11
C46 CDL Q . 3.57 22.83 -5.94
C47 CDL Q . 3.02 21.80 -6.88
CB2 CDL Q . 4.60 32.82 8.66
OB2 CDL Q . 3.78 31.65 8.77
PB2 CDL Q . 4.32 30.32 9.42
OB3 CDL Q . 5.80 30.52 9.77
OB4 CDL Q . 3.48 29.89 10.54
OB5 CDL Q . 4.24 29.29 8.22
CB3 CDL Q . 4.51 29.69 6.86
CB4 CDL Q . 5.85 29.11 6.47
OB6 CDL Q . 5.94 29.13 5.01
CB5 CDL Q . 6.79 30.00 4.45
OB7 CDL Q . 7.13 31.04 4.97
C51 CDL Q . 7.25 29.53 3.11
C52 CDL Q . 8.50 28.64 3.17
C53 CDL Q . 8.16 27.16 3.21
C54 CDL Q . 9.11 26.29 2.42
C55 CDL Q . 8.51 24.97 1.96
C56 CDL Q . 8.11 24.95 0.50
C57 CDL Q . 8.56 23.73 -0.27
C58 CDL Q . 7.87 23.54 -1.61
C59 CDL Q . 7.90 22.12 -2.14
C60 CDL Q . 6.54 21.59 -2.58
C61 CDL Q . 6.50 20.10 -2.89
C62 CDL Q . 5.78 19.74 -4.17
C63 CDL Q . 6.61 18.97 -5.17
C64 CDL Q . 6.80 19.67 -6.50
C65 CDL Q . 6.84 18.74 -7.70
C66 CDL Q . 6.06 19.23 -8.90
C67 CDL Q . 6.42 18.52 -10.18
CB6 CDL Q . 5.99 27.69 6.95
OB8 CDL Q . 4.95 26.87 6.36
CB7 CDL Q . 4.62 25.76 7.01
OB9 CDL Q . 3.56 25.60 7.56
C71 CDL Q . 5.72 24.75 6.98
C72 CDL Q . 6.21 24.41 5.58
C73 CDL Q . 6.75 23.00 5.46
C74 CDL Q . 6.52 22.36 4.11
C75 CDL Q . 7.75 21.69 3.51
C76 CDL Q . 7.59 20.21 3.24
C77 CDL Q . 8.26 19.74 1.96
C78 CDL Q . 7.57 18.56 1.30
C79 CDL Q . 8.44 17.78 0.33
C80 CDL Q . 9.72 18.47 -0.10
C81 CDL Q . 9.66 19.06 -1.49
C82 CDL Q . 10.92 19.80 -1.93
C83 CDL Q . 11.23 19.71 -3.42
C84 CDL Q . 12.69 19.89 -3.78
C85 CDL Q . 13.49 20.70 -2.78
C86 CDL Q . 14.95 20.90 -3.17
C87 CDL Q . 15.46 22.28 -2.86
C27 PEE R . -7.99 -10.42 -13.84
C26 PEE R . -7.70 -9.16 -13.00
C25 PEE R . -7.71 -7.81 -13.77
C24 PEE R . -8.12 -6.52 -12.95
C23 PEE R . -8.21 -5.17 -13.77
C22 PEE R . -8.99 -3.97 -13.10
C21 PEE R . -10.45 -3.72 -13.65
C20 PEE R . -10.60 -3.39 -15.19
C19 PEE R . -11.96 -3.72 -15.82
C18 PEE R . -12.13 -3.94 -17.17
C17 PEE R . -11.01 -3.90 -18.20
C16 PEE R . -11.34 -4.54 -19.59
C15 PEE R . -10.53 -4.03 -20.85
C14 PEE R . -11.14 -4.36 -22.27
C13 PEE R . -12.69 -4.11 -22.42
C12 PEE R . -13.34 -4.38 -23.84
C11 PEE R . -14.39 -3.30 -24.36
C10 PEE R . -14.91 -3.44 -25.82
O4 PEE R . -16.11 -3.22 -26.03
O2 PEE R . -14.12 -3.79 -26.92
C2 PEE R . -12.80 -3.19 -27.12
C1 PEE R . -12.11 -3.59 -28.46
O3P PEE R . -10.75 -3.79 -28.24
P PEE R . -10.08 -5.37 -28.11
O2P PEE R . -10.35 -5.87 -26.71
O1P PEE R . -10.67 -6.20 -29.23
O4P PEE R . -8.38 -5.24 -28.33
C4 PEE R . -7.52 -6.29 -27.96
C5 PEE R . -6.02 -5.95 -28.28
N PEE R . -5.08 -6.92 -27.64
C3 PEE R . -13.01 -1.57 -27.17
O3 PEE R . -11.74 -0.83 -27.28
C30 PEE R . -11.43 0.20 -26.39
O5 PEE R . -11.18 1.31 -26.88
C31 PEE R . -11.38 0.02 -24.84
C32 PEE R . -9.98 0.25 -24.14
C33 PEE R . -9.97 0.34 -22.55
C34 PEE R . -8.78 -0.37 -21.81
C35 PEE R . -8.66 -0.10 -20.27
C36 PEE R . -7.48 -0.81 -19.52
C37 PEE R . -7.92 -1.91 -18.53
C38 PEE R . -8.10 -1.42 -17.07
C39 PEE R . -7.91 -1.13 -15.76
C40 PEE R . -7.32 -0.99 -14.35
C41 PEE R . -6.22 0.10 -14.18
C42 PEE R . -6.34 0.92 -12.85
C43 PEE R . -7.79 1.30 -12.40
C44 PEE R . -7.96 2.65 -11.63
C45 PEE R . -9.42 3.20 -11.51
C46 PEE R . -10.44 2.68 -12.59
C47 PEE R . -11.64 3.59 -12.94
CA CA S . -31.45 32.05 18.80
C1 CDL T . -23.41 19.92 -4.03
O1 CDL T . -23.53 19.27 -5.29
CA2 CDL T . -24.68 20.68 -3.72
OA2 CDL T . -24.69 21.07 -2.34
PA1 CDL T . -25.54 20.28 -1.28
OA3 CDL T . -24.59 19.64 -0.27
OA4 CDL T . -26.58 21.14 -0.68
OA5 CDL T . -26.19 19.15 -2.15
CA3 CDL T . -27.07 18.16 -1.58
CA4 CDL T . -26.28 16.88 -1.46
OA6 CDL T . -26.20 16.29 -2.79
CA5 CDL T . -24.99 15.88 -3.21
OA7 CDL T . -23.96 16.19 -2.70
C11 CDL T . -25.11 14.96 -4.40
C12 CDL T . -23.93 15.07 -5.36
C13 CDL T . -23.11 13.80 -5.41
C14 CDL T . -23.25 13.04 -6.72
C15 CDL T . -22.22 13.41 -7.76
C16 CDL T . -22.67 13.23 -9.19
C17 CDL T . -22.55 11.79 -9.69
C18 CDL T . -21.34 11.54 -10.57
C19 CDL T . -20.70 12.79 -11.14
C20 CDL T . -21.02 13.05 -12.61
C21 CDL T . -19.86 13.57 -13.41
C22 CDL T . -19.06 12.49 -14.12
C23 CDL T . -17.62 12.38 -13.71
C24 CDL T . -16.98 11.05 -13.99
C25 CDL T . -17.85 9.86 -13.61
C26 CDL T . -17.08 8.64 -13.16
C27 CDL T . -16.91 7.58 -14.23
CA6 CDL T . -26.98 15.88 -0.58
OA8 CDL T . -27.75 14.99 -1.42
CA7 CDL T . -27.62 13.68 -1.20
OA9 CDL T . -28.54 12.97 -0.87
C31 CDL T . -26.21 13.23 -1.38
C32 CDL T . -25.74 12.21 -0.34
C33 CDL T . -25.48 10.84 -0.93
C34 CDL T . -24.97 10.85 -2.36
C35 CDL T . -25.57 9.77 -3.25
C36 CDL T . -25.02 9.74 -4.65
C37 CDL T . -24.94 8.35 -5.25
C38 CDL T . -24.45 8.31 -6.70
C39 CDL T . -24.26 6.91 -7.24
C40 CDL T . -23.09 6.76 -8.19
C41 CDL T . -22.90 7.92 -9.15
C42 CDL T . -21.59 7.91 -9.92
C43 CDL T . -20.52 7.01 -9.35
C44 CDL T . -19.26 6.93 -10.19
C45 CDL T . -18.44 5.67 -9.98
C46 CDL T . -18.88 4.49 -10.83
C47 CDL T . -17.84 4.07 -11.84
CB2 CDL T . -22.20 20.81 -4.05
OB2 CDL T . -21.02 20.01 -4.05
PB2 CDL T . -20.10 19.88 -2.79
OB3 CDL T . -18.69 20.30 -3.19
OB4 CDL T . -20.67 20.61 -1.64
OB5 CDL T . -20.10 18.32 -2.54
CB3 CDL T . -20.50 17.41 -3.58
CB4 CDL T . -19.29 17.15 -4.44
OB6 CDL T . -19.47 15.85 -5.09
CB5 CDL T . -19.35 15.81 -6.43
OB7 CDL T . -19.98 16.53 -7.17
C51 CDL T . -18.37 14.77 -6.86
C52 CDL T . -18.48 14.42 -8.34
C53 CDL T . -17.13 14.28 -9.01
C54 CDL T . -16.88 12.91 -9.61
C55 CDL T . -17.09 11.74 -8.65
C56 CDL T . -16.71 10.40 -9.23
C57 CDL T . -17.16 9.21 -8.40
C58 CDL T . -16.05 8.58 -7.58
C59 CDL T . -16.36 7.16 -7.13
C60 CDL T . -15.16 6.22 -7.14
C61 CDL T . -15.05 5.37 -8.39
C62 CDL T . -14.77 3.89 -8.11
C63 CDL T . -15.16 2.97 -9.23
C64 CDL T . -16.41 2.15 -8.97
C65 CDL T . -16.36 0.73 -9.50
C66 CDL T . -16.84 -0.32 -8.51
C67 CDL T . -16.80 -1.72 -9.06
CB6 CDL T . -18.03 17.08 -3.60
OB8 CDL T . -17.20 16.03 -4.11
CB7 CDL T . -16.69 15.18 -3.22
OB9 CDL T . -17.26 14.86 -2.21
C71 CDL T . -15.35 14.68 -3.64
C72 CDL T . -15.38 13.98 -4.99
C73 CDL T . -14.23 14.41 -5.90
C74 CDL T . -13.10 13.41 -5.95
C75 CDL T . -13.48 12.10 -6.59
C76 CDL T . -12.32 11.15 -6.77
C77 CDL T . -12.68 9.69 -6.56
C78 CDL T . -11.92 8.75 -7.47
C79 CDL T . -11.83 9.20 -8.92
C80 CDL T . -12.19 8.12 -9.92
C81 CDL T . -13.01 8.61 -11.10
C82 CDL T . -13.31 7.54 -12.13
C83 CDL T . -13.36 8.05 -13.56
C84 CDL T . -12.09 8.71 -14.05
C85 CDL T . -12.13 9.14 -15.51
C86 CDL T . -12.96 10.38 -15.77
C87 CDL T . -12.26 11.39 -16.65
C27 PEE U . -6.86 -23.33 9.45
C26 PEE U . -6.99 -23.04 7.94
C25 PEE U . -6.66 -21.56 7.51
C24 PEE U . -7.27 -21.07 6.12
C23 PEE U . -7.22 -19.52 5.82
C22 PEE U . -8.01 -19.02 4.55
C21 PEE U . -8.92 -17.75 4.75
C20 PEE U . -10.39 -18.00 5.29
C19 PEE U . -11.55 -17.70 4.34
C18 PEE U . -12.12 -18.66 3.52
C17 PEE U . -11.64 -20.11 3.44
C16 PEE U . -12.77 -21.21 3.36
C15 PEE U . -12.60 -22.36 2.31
C14 PEE U . -13.55 -23.62 2.46
C13 PEE U . -12.93 -25.03 2.06
C12 PEE U . -13.48 -25.71 0.75
C11 PEE U . -14.03 -27.21 0.88
C10 PEE U . -14.36 -27.94 -0.47
O4 PEE U . -13.52 -28.68 -0.96
O2 PEE U . -15.58 -27.78 -1.15
C2 PEE U . -15.81 -26.59 -1.97
C1 PEE U . -16.66 -26.84 -3.25
O3P PEE U . -16.15 -27.94 -3.95
P PEE U . -17.14 -29.26 -4.38
O2P PEE U . -17.38 -30.08 -3.13
O1P PEE U . -18.36 -28.72 -5.07
O4P PEE U . -16.23 -30.23 -5.48
C4 PEE U . -14.88 -30.50 -5.23
C5 PEE U . -14.03 -30.51 -6.56
N PEE U . -12.59 -30.26 -6.30
C3 PEE U . -16.66 -25.57 -1.04
O3 PEE U . -16.24 -24.17 -1.19
C30 PEE U . -17.16 -23.15 -1.37
O5 PEE U . -18.27 -23.30 -0.87
C31 PEE U . -16.85 -21.85 -2.16
C32 PEE U . -15.87 -20.83 -1.46
C33 PEE U . -14.34 -21.24 -1.39
C34 PEE U . -13.33 -20.29 -2.13
C35 PEE U . -12.08 -19.85 -1.30
C36 PEE U . -12.24 -18.57 -0.44
C37 PEE U . -11.74 -17.28 -1.13
C38 PEE U . -11.90 -15.98 -0.31
C39 PEE U . -12.42 -14.94 0.38
C40 PEE U . -13.38 -13.95 1.10
C41 PEE U . -13.11 -13.74 2.61
C42 PEE U . -14.41 -13.83 3.50
C43 PEE U . -15.09 -15.24 3.56
C44 PEE U . -16.66 -15.27 3.54
C45 PEE U . -17.32 -16.70 3.39
C46 PEE U . -16.33 -17.90 3.18
C47 PEE U . -16.70 -18.95 2.11
CA CA V . -36.47 15.18 30.07
#